data_7V3J
#
_entry.id   7V3J
#
_cell.length_a   1.00
_cell.length_b   1.00
_cell.length_c   1.00
_cell.angle_alpha   90.00
_cell.angle_beta   90.00
_cell.angle_gamma   90.00
#
_symmetry.space_group_name_H-M   'P 1'
#
loop_
_entity.id
_entity.type
_entity.pdbx_description
1 polymer Fab_C10_heavy_chain
2 polymer Fab_C10_light_chain
3 polymer 'Envelope protein E'
4 polymer 'Small envelope protein M'
#
loop_
_entity_poly.entity_id
_entity_poly.type
_entity_poly.pdbx_seq_one_letter_code
_entity_poly.pdbx_strand_id
1 'polypeptide(L)'
;EVQLVESGAEVKKPGASVKVSCKASGYTFTSYAMHWVRQAPGQRLEWMGWINAGNGNTKYSQKFQDRVTITRDTSASTAY
MELSSLRSEDTAIYYCARDKVDDYGDYWFPTLWYFDYWGQGTLVTVSSASTKGPSVFPLAPSSKSTSGGTAALGCLVKDY
FPEPVTVSWNSGALTSGVHTFPAVLQSSGLYSLSSVVTVPSSSLGTQTYICNVNHKPSNTKVDKRVEPKSCDKTHTC
;
H,I
2 'polypeptide(L)'
;SALTQPASVSGSPGQSITISCTGTSSDVGGFNYVSWFQQHPGKAPKLMLYDVTSRPSGVSSRFSGSKSGNTASLTISGLQ
AEDEADYYCSSHTSRGTWVFGGGTKLTVLGQPKAAPSVTLFPPSSEELQANKATLVCLISDFYPGAVTVAWKADSSPVKA
GVETTTPSKQSNNKYAASSYLSLTPEQWKSHRSYSCQVTHEGSTVEKTVAPTEC
;
L,M
3 'polypeptide(L)'
;MRCIGISNRDFVEGVSGGSWVDIVLEHGSCVTTMAKNKPTLDFELIETEAKQPATLRKYCIEAKLTNTTTDSRCPTQGEP
SLNEEQDKRFVCKHSMVDRGWGNGCGLFGKGGIVTCAMFTCKKNMKGKVVQPENLEYTIVITPHSGEEHAVGNDTGKHGK
EIKITPQSSITEAELTGYGTVTMECSPRTGLDFNEMVLLQMENKAWLVHRQWFLDLPLPWLPGADTQGSNWIQKETLVTF
KNPHAKKQDVVVLGSQEGAMHTALTGATEIQMSSGNLLFTGHLKCRLRMDKLQLKGMSYSMCTGKFKVVKEIAETQHGTI
VIRVQYEGDGSPCKIPFEIMDLEKRHVLGRLITVNPIVTEKDSPVNIEAEPPFGDSYIIIGVEPGQLKLNWFKKGSSIGQ
MIETTMRGAKRMAILGDTAWDFGSLGGVFTSIGKALHQVFGAIYGAAFSGVSWIMKILIGVIITWIGMNSRSTSLSVSLV
LVGVVTLYLGVMVQA
;
B,A,C,P,O,Q
4 'polypeptide(L)' SVALVPHVGMGLETRTETWMSSEGAWKHAQRIETWILRHPGFTIMAAILAYTIGTTHFQRALIFILLTAVAP E,D,F,S,R,T
#
# COMPACT_ATOMS: atom_id res chain seq x y z
CA GLU A 1 42.24 1.82 -53.18
CA VAL A 2 38.80 3.19 -52.30
CA GLN A 3 38.57 6.63 -53.95
CA LEU A 4 35.72 8.71 -52.50
CA VAL A 5 36.19 11.11 -55.40
CA GLU A 6 33.63 13.89 -54.96
CA SER A 7 33.00 17.34 -56.39
CA GLY A 8 34.41 20.60 -55.07
CA ALA A 9 33.30 23.89 -53.53
CA GLU A 10 30.12 25.60 -54.67
CA VAL A 11 28.88 29.19 -54.62
CA LYS A 12 25.30 30.27 -55.29
CA LYS A 13 22.44 32.43 -53.97
CA PRO A 14 19.90 30.96 -51.53
CA GLY A 15 16.71 29.20 -52.60
CA ALA A 16 17.68 26.68 -55.27
CA SER A 17 19.23 23.20 -55.10
CA VAL A 18 22.65 21.77 -55.90
CA LYS A 19 23.48 18.09 -56.39
CA VAL A 20 26.94 17.12 -55.13
CA SER A 21 28.52 13.94 -56.46
CA CYS A 22 30.95 11.57 -54.74
CA LYS A 23 32.13 8.89 -57.14
CA ALA A 24 33.35 5.57 -55.78
CA SER A 25 36.56 4.46 -57.47
CA GLY A 26 39.10 1.67 -57.09
CA TYR A 27 36.69 -0.84 -55.53
CA THR A 28 33.14 -2.17 -55.77
CA PHE A 29 30.64 0.51 -54.84
CA THR A 30 27.77 -1.98 -54.88
CA SER A 31 29.67 -4.06 -52.29
CA TYR A 32 29.74 -1.01 -50.09
CA ALA A 33 27.57 1.66 -48.48
CA MET A 34 28.32 5.36 -48.82
CA HIS A 35 27.23 8.46 -46.89
CA TRP A 36 27.73 12.23 -46.68
CA VAL A 37 28.62 14.70 -43.93
CA ARG A 38 27.79 18.39 -43.73
CA GLN A 39 29.78 20.55 -41.37
CA ALA A 40 29.85 24.27 -40.69
CA PRO A 41 33.31 25.41 -41.82
CA GLY A 42 35.64 24.50 -38.97
CA GLN A 43 32.77 23.38 -36.72
CA ARG A 44 30.87 20.25 -35.75
CA LEU A 45 30.32 17.70 -38.49
CA GLU A 46 26.93 16.08 -39.05
CA TRP A 47 25.91 12.70 -40.47
CA MET A 48 23.39 11.95 -43.21
CA GLY A 49 21.96 8.60 -44.10
CA TRP A 50 21.33 7.04 -47.42
CA ILE A 51 22.05 3.38 -47.03
CA ASN A 52 22.04 1.25 -50.15
CA ALA A 53 24.50 1.07 -53.02
CA GLY A 54 22.26 -1.50 -54.68
CA ASN A 55 18.99 0.25 -53.89
CA GLY A 56 19.82 3.85 -52.97
CA ASN A 57 17.85 3.50 -49.75
CA THR A 58 18.04 6.41 -47.31
CA LYS A 59 17.77 7.13 -43.58
CA TYR A 60 18.46 10.85 -43.25
CA SER A 61 19.18 12.73 -40.06
CA GLN A 62 16.32 13.89 -37.87
CA LYS A 63 16.30 17.51 -39.03
CA PHE A 64 17.56 16.26 -42.39
CA GLN A 65 14.83 13.73 -43.20
CA ASP A 66 12.57 16.13 -45.12
CA ARG A 67 15.24 18.73 -45.81
CA VAL A 68 16.87 17.23 -48.93
CA THR A 69 17.56 13.83 -50.46
CA ILE A 70 20.63 11.86 -51.53
CA THR A 71 20.83 9.66 -54.61
CA ARG A 72 23.42 7.30 -56.04
CA ASP A 73 24.52 5.88 -59.38
CA THR A 74 26.13 2.44 -59.47
CA SER A 75 26.89 2.88 -63.18
CA ALA A 76 29.59 5.46 -62.50
CA SER A 77 29.75 4.21 -58.89
CA THR A 78 28.76 7.66 -57.72
CA ALA A 79 26.65 9.03 -54.88
CA TYR A 80 24.70 12.26 -55.25
CA MET A 81 23.27 14.64 -52.66
CA GLU A 82 20.80 17.09 -54.13
CA LEU A 83 20.49 20.04 -51.75
CA SER A 84 16.84 20.88 -52.32
CA SER A 85 15.98 24.46 -51.30
CA LEU A 86 19.44 25.56 -50.21
CA ARG A 87 19.62 28.69 -48.05
CA SER A 88 22.36 30.92 -46.70
CA GLU A 89 22.84 29.09 -43.39
CA ASP A 90 23.60 25.93 -45.37
CA THR A 91 27.00 27.42 -46.27
CA ALA A 92 29.24 24.72 -44.81
CA ILE A 93 31.99 22.27 -45.62
CA TYR A 94 30.44 19.10 -46.96
CA TYR A 95 31.95 15.61 -47.08
CA CYS A 96 30.87 12.25 -48.43
CA ALA A 97 31.15 9.55 -45.78
CA ARG A 98 31.88 5.84 -45.61
CA ASP A 99 30.65 2.62 -44.05
CA LYS A 100 30.99 -0.55 -46.09
CA VAL A 101 27.61 -2.14 -46.65
CA ASP A 102 26.07 -5.26 -45.18
CA ASP A 103 27.10 -8.28 -47.24
CA TYR A 104 23.61 -8.44 -48.76
CA GLY A 105 23.38 -4.71 -49.31
CA ASP A 106 20.91 -4.90 -46.42
CA TYR A 107 22.65 -2.16 -44.47
CA TRP A 108 20.91 -2.23 -41.11
CA PHE A 109 24.03 -2.22 -38.93
CA PRO A 110 27.13 -0.14 -39.68
CA THR A 111 30.67 -1.41 -39.62
CA LEU A 112 32.20 -1.04 -36.17
CA TRP A 113 34.27 1.83 -37.48
CA TYR A 114 32.35 3.46 -40.28
CA PHE A 115 34.54 5.75 -42.34
CA ASP A 116 37.47 3.77 -43.69
CA TYR A 117 38.32 6.72 -45.93
CA TRP A 118 36.71 10.02 -46.80
CA GLY A 119 35.71 12.40 -49.53
CA GLN A 120 37.98 15.21 -50.66
CA GLY A 121 35.66 18.01 -49.61
CA THR A 122 32.92 20.22 -51.03
CA LEU A 123 32.53 23.74 -49.64
CA VAL A 124 29.05 24.89 -50.60
CA THR A 125 28.98 28.63 -49.91
CA VAL A 126 25.43 29.88 -50.26
CA SER A 127 26.05 33.46 -51.35
CA SER A 128 23.32 35.45 -49.63
CA ALA A 129 24.91 38.66 -50.94
CA SER A 130 27.28 39.25 -53.84
CA THR A 131 30.07 41.84 -53.83
CA LYS A 132 29.13 44.90 -51.78
CA GLY A 133 30.76 48.27 -51.27
CA PRO A 134 32.39 49.62 -48.15
CA SER A 135 30.55 50.58 -44.96
CA VAL A 136 33.26 52.33 -42.94
CA PHE A 137 32.72 53.49 -39.38
CA PRO A 138 34.88 54.79 -36.49
CA LEU A 139 35.07 52.69 -33.33
CA ALA A 140 35.33 56.00 -31.54
CA PRO A 141 37.17 54.96 -28.33
CA SER A 142 40.41 53.00 -28.17
CA SER A 143 42.49 51.27 -25.50
CA LYS A 144 45.74 52.30 -23.83
CA SER A 145 49.20 52.07 -25.37
CA THR A 146 50.27 48.41 -25.05
CA SER A 147 51.57 48.45 -28.65
CA GLY A 148 52.65 52.03 -29.34
CA GLY A 149 50.96 51.53 -32.72
CA THR A 150 48.23 54.15 -33.43
CA ALA A 151 45.50 53.16 -30.94
CA ALA A 152 43.00 50.63 -32.18
CA LEU A 153 40.10 52.39 -33.72
CA GLY A 154 39.04 51.02 -37.06
CA CYS A 155 37.95 52.12 -40.49
CA LEU A 156 35.24 49.62 -39.75
CA VAL A 157 34.48 48.90 -43.38
CA LYS A 158 31.59 46.48 -43.11
CA ASP A 159 29.33 44.15 -45.08
CA TYR A 160 31.57 44.54 -48.12
CA PHE A 161 32.91 41.95 -50.51
CA PRO A 162 35.34 40.73 -51.68
CA GLU A 163 38.95 41.07 -50.63
CA PRO A 164 41.43 42.81 -50.77
CA VAL A 165 41.01 45.34 -47.96
CA THR A 166 43.45 46.98 -45.56
CA VAL A 167 43.13 49.83 -43.06
CA SER A 168 46.30 51.85 -43.41
CA TRP A 169 46.68 54.55 -40.77
CA ASN A 170 48.46 57.86 -41.25
CA SER A 171 48.20 56.88 -44.94
CA GLY A 172 50.34 53.88 -44.04
CA ALA A 173 53.00 56.01 -42.34
CA LEU A 174 51.95 54.96 -38.81
CA THR A 175 49.84 51.81 -38.75
CA SER A 176 52.39 49.21 -37.56
CA GLY A 177 50.75 45.92 -38.47
CA VAL A 178 47.31 46.43 -40.08
CA HIS A 179 45.04 43.87 -38.41
CA THR A 180 42.17 42.91 -40.73
CA PHE A 181 39.36 40.54 -39.84
CA PRO A 182 37.82 38.06 -42.30
CA ALA A 183 34.23 38.19 -43.58
CA VAL A 184 32.94 38.17 -40.01
CA LEU A 185 29.22 37.80 -39.37
CA GLN A 186 27.43 41.10 -39.48
CA SER A 187 23.84 41.24 -40.74
CA SER A 188 25.15 40.75 -44.26
CA GLY A 189 27.92 38.65 -42.74
CA LEU A 190 30.41 40.10 -45.21
CA TYR A 191 33.84 41.51 -44.41
CA SER A 192 34.42 43.81 -41.44
CA LEU A 193 37.72 44.82 -39.87
CA SER A 194 39.18 47.10 -37.20
CA SER A 195 42.90 47.81 -36.95
CA VAL A 196 44.11 45.96 -33.84
CA VAL A 197 47.14 48.17 -33.13
CA THR A 198 47.39 50.52 -30.16
CA VAL A 199 49.16 53.65 -28.87
CA PRO A 200 47.54 55.51 -25.87
CA SER A 201 43.76 56.00 -26.05
CA SER A 202 44.54 59.37 -27.67
CA SER A 203 43.86 58.16 -31.20
CA LEU A 204 40.13 58.81 -31.43
CA GLY A 205 39.00 61.82 -33.44
CA THR A 206 40.86 65.12 -33.80
CA GLN A 207 44.62 65.44 -34.41
CA THR A 208 44.64 63.61 -37.73
CA TYR A 209 46.37 60.23 -37.86
CA ILE A 210 44.41 59.63 -41.00
CA CYS A 211 42.44 56.41 -41.20
CA ASN A 212 42.75 54.88 -44.67
CA VAL A 213 40.90 51.67 -45.50
CA ASN A 214 41.38 50.33 -49.03
CA HIS A 215 38.38 48.29 -50.20
CA LYS A 216 39.97 47.59 -53.57
CA PRO A 217 36.95 45.77 -55.12
CA SER A 218 35.16 49.08 -54.61
CA ASN A 219 38.58 50.81 -54.77
CA THR A 220 37.47 53.08 -51.93
CA LYS A 221 40.22 54.72 -49.89
CA VAL A 222 37.61 55.69 -47.33
CA ASP A 223 39.04 57.90 -44.59
CA LYS A 224 37.78 58.48 -41.06
CA ARG A 225 38.87 59.75 -37.66
CA VAL A 226 41.50 57.72 -35.76
CA GLU A 227 43.48 60.41 -33.93
CA PRO A 228 43.81 61.90 -30.44
CA LYS A 229 40.61 63.08 -28.77
CA SER A 230 38.36 61.98 -25.96
CA CYS A 231 34.70 61.02 -25.92
CA ASP A 232 32.11 63.67 -25.20
CA LYS A 233 32.00 64.61 -21.54
CA THR A 234 29.21 63.45 -19.25
CA HIS A 235 26.10 65.53 -18.58
CA THR A 236 24.12 66.21 -15.39
CA CYS A 237 21.32 68.45 -14.11
CA SER B 1 23.84 15.17 -29.93
CA ALA B 2 26.62 17.54 -28.87
CA LEU B 3 28.63 14.74 -27.28
CA THR B 4 30.80 16.18 -24.53
CA GLN B 5 34.26 17.18 -25.65
CA PRO B 6 36.90 19.72 -24.58
CA ALA B 7 37.20 22.53 -27.11
CA SER B 8 40.97 21.99 -27.34
CA VAL B 9 43.83 20.73 -25.23
CA SER B 10 47.57 21.10 -24.69
CA GLY B 11 50.41 18.88 -23.54
CA SER B 12 54.18 18.57 -23.58
CA PRO B 13 55.73 16.58 -26.43
CA GLY B 14 56.16 13.01 -25.25
CA GLN B 15 53.59 12.90 -22.45
CA SER B 16 50.11 11.35 -22.51
CA ILE B 17 46.56 12.70 -22.33
CA THR B 18 43.05 11.43 -23.03
CA ILE B 19 39.93 13.06 -24.51
CA SER B 20 36.52 12.28 -23.04
CA CYS B 21 33.20 11.92 -24.85
CA THR B 22 30.05 11.54 -22.75
CA GLY B 23 26.72 10.62 -24.32
CA THR B 24 23.85 8.28 -23.45
CA SER B 25 23.18 4.58 -23.28
CA SER B 26 21.10 5.11 -26.42
CA ASP B 27 24.23 6.13 -28.32
CA VAL B 28 27.42 6.01 -26.26
CA GLY B 29 26.94 3.87 -23.18
CA GLY B 30 24.99 1.00 -24.67
CA PHE B 31 26.83 0.80 -27.99
CA ASN B 32 30.43 0.54 -29.17
CA TYR B 33 29.51 2.15 -32.50
CA VAL B 34 31.72 5.18 -31.92
CA SER B 35 34.49 6.70 -34.00
CA TRP B 36 36.87 9.54 -33.07
CA PHE B 37 38.56 11.39 -35.88
CA GLN B 38 41.77 13.12 -37.01
CA GLN B 39 40.88 16.13 -39.16
CA HIS B 40 44.06 18.08 -39.65
CA PRO B 41 43.34 21.33 -41.53
CA GLY B 42 42.61 21.03 -45.21
CA LYS B 43 41.82 17.33 -45.20
CA ALA B 44 38.87 15.12 -44.33
CA PRO B 45 39.12 13.51 -40.88
CA LYS B 46 41.26 10.45 -40.31
CA LEU B 47 39.74 7.61 -38.30
CA MET B 48 41.92 6.52 -35.39
CA LEU B 49 39.17 5.15 -33.16
CA TYR B 50 38.85 1.79 -34.93
CA ASP B 51 36.30 0.19 -32.59
CA VAL B 52 37.08 2.43 -29.64
CA THR B 53 38.93 -0.26 -27.71
CA SER B 54 41.19 -0.88 -30.71
CA ARG B 55 43.22 1.27 -33.14
CA PRO B 56 43.91 1.29 -36.89
CA SER B 57 46.62 -0.44 -38.87
CA GLY B 58 48.10 2.80 -40.18
CA VAL B 59 47.78 4.60 -36.85
CA SER B 60 50.29 4.60 -34.01
CA SER B 61 49.79 2.82 -30.69
CA ARG B 62 49.65 6.09 -28.74
CA PHE B 63 45.84 6.13 -28.86
CA SER B 64 43.31 4.27 -26.72
CA GLY B 65 39.64 4.47 -25.85
CA SER B 66 37.36 3.47 -23.00
CA LYS B 67 33.79 3.90 -21.75
CA SER B 68 32.47 4.32 -18.21
CA GLY B 69 28.70 4.66 -18.00
CA ASN B 70 28.21 7.04 -20.92
CA THR B 71 31.78 8.08 -21.70
CA ALA B 72 34.25 7.66 -24.54
CA SER B 73 37.89 8.20 -23.66
CA LEU B 74 40.39 9.07 -26.39
CA THR B 75 43.92 8.52 -25.11
CA ILE B 76 46.84 10.33 -26.74
CA SER B 77 50.11 9.02 -25.33
CA GLY B 78 53.70 9.94 -26.11
CA LEU B 79 52.97 13.33 -27.67
CA GLN B 80 55.11 13.63 -30.79
CA ALA B 81 54.31 17.38 -30.82
CA GLU B 82 52.58 17.14 -34.22
CA ASP B 83 48.87 16.53 -33.67
CA GLU B 84 46.61 19.42 -34.72
CA ALA B 85 43.32 17.87 -35.78
CA ASP B 86 39.76 18.44 -34.67
CA TYR B 87 38.60 15.30 -32.90
CA TYR B 88 35.03 14.07 -33.18
CA CYS B 89 33.61 11.02 -31.40
CA SER B 90 30.98 9.74 -33.84
CA SER B 91 28.72 7.66 -31.67
CA HIS B 92 25.73 5.83 -33.09
CA THR B 93 22.30 6.10 -31.54
CA SER B 94 20.12 3.13 -30.70
CA ARG B 95 17.53 4.74 -32.97
CA GLY B 96 19.90 4.15 -35.88
CA THR B 97 21.59 7.54 -36.23
CA TRP B 98 25.02 9.12 -35.82
CA VAL B 99 25.88 11.91 -33.39
CA PHE B 100 29.28 13.56 -33.11
CA GLY B 101 31.38 15.09 -30.37
CA GLY B 102 32.79 18.57 -30.14
CA GLY B 103 36.00 19.82 -31.63
CA THR B 104 39.39 19.43 -29.96
CA LYS B 105 42.92 20.48 -30.94
CA LEU B 106 46.07 19.12 -29.29
CA THR B 107 48.00 22.37 -29.10
CA VAL B 108 51.14 20.75 -27.72
CA LEU B 109 52.82 22.95 -25.14
CA GLY B 110 56.23 22.64 -26.79
CA GLN B 111 55.41 26.19 -27.73
CA PRO B 112 54.56 28.00 -24.47
CA LYS B 113 51.32 29.51 -23.18
CA ALA B 114 50.59 33.22 -22.79
CA ALA B 115 47.98 35.51 -21.29
CA PRO B 116 45.15 37.19 -23.23
CA SER B 117 45.64 40.82 -24.25
CA VAL B 118 42.11 41.84 -23.32
CA THR B 119 41.04 45.36 -24.18
CA LEU B 120 37.65 46.98 -24.70
CA PHE B 121 36.23 49.95 -26.58
CA PRO B 122 33.18 51.59 -24.97
CA PRO B 123 30.22 52.06 -27.29
CA SER B 124 30.36 55.82 -27.86
CA SER B 125 27.57 58.20 -28.87
CA GLU B 126 28.70 58.35 -32.52
CA GLU B 127 26.94 55.03 -33.24
CA LEU B 128 23.41 56.03 -32.32
CA GLN B 129 23.20 55.85 -36.11
CA ALA B 130 24.91 52.45 -36.10
CA ASN B 131 22.82 51.40 -33.07
CA LYS B 132 25.50 48.88 -32.12
CA ALA B 133 28.38 48.45 -29.69
CA THR B 134 31.97 49.00 -30.81
CA LEU B 135 33.49 46.03 -28.98
CA VAL B 136 36.51 43.88 -29.80
CA CYS B 137 38.72 41.86 -27.46
CA LEU B 138 42.08 42.39 -29.24
CA ILE B 139 43.41 39.07 -27.94
CA SER B 140 46.53 39.24 -30.09
CA ASP B 141 49.97 40.78 -30.46
CA PHE B 142 51.54 38.75 -27.67
CA TYR B 143 53.34 35.44 -27.55
CA PRO B 144 52.25 32.87 -28.10
CA GLY B 145 48.65 32.65 -26.97
CA ALA B 146 46.23 29.98 -25.82
CA VAL B 147 43.18 32.14 -25.29
CA THR B 148 39.40 32.43 -25.25
CA VAL B 149 37.29 35.44 -24.32
CA ALA B 150 33.70 36.42 -23.52
CA TRP B 151 31.51 39.50 -22.97
CA LYS B 152 29.46 40.07 -19.79
CA ALA B 153 27.69 43.36 -19.25
CA ASP B 154 26.61 43.56 -15.63
CA SER B 155 24.14 40.74 -14.92
CA SER B 156 23.54 39.74 -18.53
CA PRO B 157 26.34 38.84 -20.95
CA VAL B 158 27.09 41.07 -23.93
CA LYS B 159 25.81 38.88 -26.75
CA ALA B 160 24.17 40.79 -29.62
CA GLY B 161 26.18 40.21 -32.78
CA VAL B 162 29.15 38.38 -31.29
CA GLU B 163 31.99 36.95 -33.38
CA THR B 164 35.62 35.99 -32.78
CA THR B 165 38.48 36.16 -35.24
CA THR B 166 39.92 32.69 -34.84
CA PRO B 167 43.35 32.59 -33.11
CA SER B 168 45.57 33.02 -36.17
CA LYS B 169 49.35 32.63 -36.40
CA GLN B 170 50.88 36.10 -36.24
CA SER B 171 54.45 37.12 -37.07
CA ASN B 172 55.19 37.24 -33.32
CA ASN B 173 53.97 33.63 -33.06
CA LYS B 174 50.66 35.00 -31.83
CA TYR B 175 47.31 33.29 -32.38
CA ALA B 176 45.58 36.57 -33.20
CA ALA B 177 42.02 36.77 -31.86
CA SER B 178 39.60 39.70 -32.13
CA SER B 179 35.85 39.98 -31.64
CA TYR B 180 32.76 42.03 -32.47
CA LEU B 181 29.69 43.00 -30.49
CA SER B 182 26.53 45.00 -31.04
CA LEU B 183 24.14 46.67 -28.61
CA THR B 184 20.64 47.82 -29.48
CA PRO B 185 20.12 51.34 -28.10
CA GLU B 186 17.21 50.28 -25.87
CA GLN B 187 19.28 47.69 -24.01
CA TRP B 188 22.39 49.81 -24.69
CA LYS B 189 20.61 52.54 -22.69
CA SER B 190 18.20 50.63 -20.42
CA HIS B 191 20.90 49.30 -18.09
CA ARG B 192 24.10 50.89 -16.79
CA SER B 193 27.80 49.99 -16.74
CA TYR B 194 28.12 47.06 -19.09
CA SER B 195 31.38 45.11 -19.04
CA CYS B 196 33.25 42.04 -20.32
CA GLN B 197 35.39 39.13 -19.15
CA VAL B 198 37.98 36.78 -20.64
CA THR B 199 37.23 33.15 -19.79
CA HIS B 200 40.89 32.32 -20.50
CA GLU B 201 41.49 29.12 -18.54
CA GLY B 202 39.38 30.57 -15.74
CA SER B 203 40.77 34.10 -16.06
CA THR B 204 38.77 37.34 -16.44
CA VAL B 205 39.39 40.92 -17.53
CA GLU B 206 36.69 43.54 -16.93
CA LYS B 207 36.37 47.08 -18.15
CA THR B 208 33.15 49.02 -18.55
CA VAL B 209 31.30 48.51 -21.77
CA ALA B 210 29.62 51.89 -21.81
CA PRO B 211 25.84 51.98 -22.36
CA THR B 212 25.32 55.71 -21.82
CA GLU B 213 28.92 56.95 -21.71
CA CYS B 214 32.46 56.04 -22.72
CA SER C 1 -11.15 32.12 24.67
CA ALA C 2 -12.67 35.20 23.03
CA LEU C 3 -15.18 33.13 21.08
CA THR C 4 -16.79 34.76 18.10
CA GLN C 5 -19.18 36.91 20.05
CA PRO C 6 -19.45 40.10 17.96
CA ALA C 7 -18.12 43.42 19.18
CA SER C 8 -21.54 45.07 19.17
CA VAL C 9 -24.86 44.88 17.36
CA SER C 10 -27.75 47.20 16.59
CA GLY C 11 -31.22 46.12 15.53
CA SER C 12 -34.35 48.19 15.16
CA PRO C 13 -36.84 48.33 18.03
CA GLY C 14 -39.50 45.66 17.61
CA GLN C 15 -37.45 43.43 15.31
CA SER C 16 -35.61 40.26 16.32
CA ILE C 17 -31.83 40.10 16.67
CA THR C 18 -29.49 37.15 17.16
CA ILE C 19 -26.07 37.01 18.83
CA SER C 20 -23.67 34.33 17.59
CA CYS C 21 -20.71 32.80 19.43
CA THR C 22 -18.39 30.24 17.82
CA GLY C 23 -15.94 28.14 19.81
CA THR C 24 -14.70 24.55 19.53
CA SER C 25 -15.96 21.07 20.23
CA SER C 26 -13.61 21.00 23.23
CA ASP C 27 -15.58 23.84 24.83
CA VAL C 28 -18.64 24.86 22.80
CA GLY C 29 -19.54 22.13 20.33
CA GLY C 30 -19.09 19.24 22.72
CA PHE C 31 -20.86 20.76 25.70
CA ASN C 32 -24.18 22.45 26.38
CA TYR C 33 -22.53 24.48 29.15
CA VAL C 34 -22.72 27.99 27.66
CA SER C 35 -24.30 31.25 28.85
CA TRP C 36 -25.41 34.80 28.02
CA PHE C 37 -25.18 37.38 30.78
CA GLN C 38 -26.76 40.86 30.99
CA GLN C 39 -23.76 43.12 31.53
CA HIS C 40 -25.87 46.17 32.10
CA PRO C 41 -23.49 48.96 33.13
CA GLY C 42 -22.45 48.97 36.76
CA LYS C 43 -24.06 45.68 37.74
CA ALA C 44 -23.35 41.97 37.82
CA PRO C 45 -24.29 40.44 34.44
CA LYS C 46 -27.26 38.09 34.70
CA LEU C 47 -27.99 35.02 32.62
CA MET C 48 -30.25 34.74 29.56
CA LEU C 49 -28.87 31.78 27.60
CA TYR C 50 -29.91 29.44 30.39
CA ASP C 51 -28.73 26.17 28.87
CA VAL C 52 -29.16 27.45 25.37
CA THR C 53 -32.14 25.21 24.68
CA SER C 54 -33.90 27.03 27.56
CA ARG C 55 -34.78 30.47 28.96
CA PRO C 56 -34.60 31.90 32.51
CA SER C 57 -37.44 31.91 35.00
CA GLY C 58 -37.79 35.62 35.73
CA VAL C 59 -36.65 36.64 32.25
CA SER C 60 -38.50 37.59 29.08
CA SER C 61 -39.20 34.66 26.77
CA ARG C 62 -38.11 36.84 23.82
CA PHE C 63 -34.66 35.37 24.49
CA SER C 64 -33.96 32.11 22.66
CA GLY C 65 -30.66 30.49 21.78
CA SER C 66 -29.24 28.22 19.12
CA LYS C 67 -26.17 26.09 18.44
CA SER C 68 -24.58 24.29 15.51
CA GLY C 69 -21.15 23.00 14.60
CA ASN C 70 -19.24 24.85 17.28
CA THR C 71 -21.50 27.89 17.60
CA ALA C 72 -23.84 29.61 20.04
CA SER C 73 -26.49 31.92 18.54
CA LEU C 74 -28.82 33.83 20.87
CA THR C 75 -31.93 35.21 19.20
CA ILE C 76 -33.74 38.11 20.87
CA SER C 77 -37.22 38.29 19.38
CA GLY C 78 -39.10 41.57 19.28
CA LEU C 79 -36.47 44.12 20.25
CA GLN C 80 -38.27 46.01 23.00
CA ALA C 81 -36.25 49.20 22.52
CA GLU C 82 -34.59 49.20 25.96
CA ASP C 83 -31.78 46.65 26.06
CA GLU C 84 -28.33 48.09 26.73
CA ALA C 85 -26.34 45.27 28.29
CA ASP C 86 -23.23 43.63 26.95
CA TYR C 87 -23.50 39.85 26.85
CA TYR C 88 -21.00 37.04 27.19
CA CYS C 89 -21.04 33.42 26.02
CA SER C 90 -19.35 31.61 28.91
CA SER C 91 -18.59 28.07 27.75
CA HIS C 92 -17.30 25.28 29.96
CA THR C 93 -14.44 23.29 28.47
CA SER C 94 -13.59 19.63 28.15
CA ARG C 95 -10.52 20.61 30.17
CA GLY C 96 -12.96 21.70 32.87
CA THR C 97 -12.36 25.41 32.37
CA TRP C 98 -14.35 28.47 31.32
CA VAL C 99 -13.95 30.24 27.97
CA PHE C 100 -15.80 33.42 27.09
CA GLY C 101 -16.75 35.32 23.96
CA GLY C 102 -15.92 38.89 23.01
CA GLY C 103 -18.67 40.98 24.59
CA THR C 104 -21.42 42.33 22.34
CA LYS C 105 -23.30 45.58 22.84
CA LEU C 106 -26.88 45.59 21.56
CA THR C 107 -28.29 49.04 20.74
CA VAL C 108 -31.77 49.47 19.30
CA LEU C 109 -32.23 51.80 16.34
CA GLY C 110 -34.38 54.26 18.26
CA GLN C 111 -31.58 56.64 17.44
CA PRO C 112 -31.04 57.20 13.71
CA LYS C 113 -27.63 56.27 12.34
CA ALA C 114 -25.40 58.87 10.69
CA ALA C 115 -21.87 59.28 9.43
CA PRO C 116 -18.81 59.37 11.72
CA SER C 117 -16.47 62.28 12.39
CA VAL C 118 -12.71 62.13 12.94
CA THR C 119 -9.96 64.75 13.24
CA LEU C 120 -6.20 64.29 13.14
CA PHE C 121 -3.18 66.49 13.82
CA PRO C 122 0.58 66.15 13.21
CA PRO C 123 2.89 66.67 16.21
CA SER C 124 3.76 70.28 17.08
CA SER C 125 6.97 72.05 18.10
CA GLU C 126 6.78 70.67 21.63
CA GLU C 127 6.92 67.26 19.91
CA LEU C 128 8.47 68.00 16.51
CA GLN C 129 11.54 68.71 18.66
CA ALA C 130 10.71 66.23 21.40
CA ASN C 131 10.69 63.79 18.45
CA LYS C 132 7.51 61.93 19.33
CA ALA C 133 4.56 61.09 17.08
CA THR C 134 1.18 61.78 18.67
CA LEU C 135 -1.42 60.33 16.31
CA VAL C 136 -4.86 61.58 17.34
CA CYS C 137 -8.13 60.41 15.83
CA LEU C 138 -11.66 60.80 17.08
CA ILE C 139 -15.08 59.24 17.25
CA SER C 140 -16.32 62.74 17.70
CA ASP C 141 -19.72 64.06 18.75
CA PHE C 142 -21.57 62.96 15.60
CA TYR C 143 -24.80 61.30 15.50
CA PRO C 144 -25.42 58.91 17.13
CA GLY C 145 -21.68 58.56 17.56
CA ALA C 146 -21.11 54.78 17.86
CA VAL C 147 -18.42 54.07 15.23
CA THR C 148 -15.49 51.66 14.99
CA VAL C 149 -12.06 53.01 14.04
CA ALA C 150 -8.97 51.61 12.32
CA TRP C 151 -5.64 52.88 10.96
CA LYS C 152 -3.37 52.64 7.93
CA ALA C 153 0.24 53.67 8.45
CA ASP C 154 1.74 53.27 5.00
CA SER C 155 0.74 49.70 4.11
CA SER C 156 0.28 48.60 7.73
CA PRO C 157 -1.89 50.32 10.35
CA VAL C 158 -0.73 52.51 13.23
CA LYS C 159 -0.73 50.34 16.34
CA ALA C 160 1.64 51.45 19.11
CA GLY C 161 0.70 53.71 21.99
CA VAL C 162 -3.00 53.69 21.12
CA GLU C 163 -5.41 54.92 23.79
CA THR C 164 -8.98 55.38 22.55
CA THR C 165 -12.10 56.28 24.52
CA THR C 166 -15.69 55.13 24.33
CA PRO C 167 -18.08 57.24 22.24
CA SER C 168 -19.49 59.23 25.14
CA LYS C 169 -23.23 59.83 25.18
CA GLN C 170 -23.61 63.60 25.12
CA SER C 171 -26.76 65.57 25.85
CA ASN C 172 -26.98 66.04 22.07
CA ASN C 173 -27.11 62.19 21.95
CA LYS C 174 -24.12 62.39 19.62
CA TYR C 175 -21.45 60.09 21.02
CA ALA C 176 -17.97 61.56 21.49
CA ALA C 177 -14.67 59.70 21.65
CA SER C 178 -11.00 60.41 21.00
CA SER C 179 -7.84 58.37 20.51
CA TYR C 180 -4.16 59.15 20.95
CA LEU C 181 -1.50 56.94 19.38
CA SER C 182 2.05 57.18 20.72
CA LEU C 183 4.81 56.09 18.38
CA THR C 184 8.56 56.08 17.67
CA PRO C 185 10.94 58.46 15.85
CA GLU C 186 11.93 56.05 13.06
CA GLN C 187 8.52 55.67 11.43
CA TRP C 188 8.02 59.42 11.99
CA LYS C 189 11.32 60.23 10.28
CA SER C 190 11.68 57.48 7.65
CA HIS C 191 8.23 57.04 6.09
CA ARG C 192 5.39 58.86 4.39
CA SER C 193 1.79 59.93 5.02
CA TYR C 194 0.47 57.99 7.96
CA SER C 195 -3.32 57.99 8.17
CA CYS C 196 -6.33 56.89 10.20
CA GLN C 197 -9.77 55.77 9.09
CA VAL C 198 -12.97 55.39 11.11
CA THR C 199 -14.84 52.23 10.09
CA HIS C 200 -18.49 53.13 10.61
CA GLU C 201 -19.85 49.64 9.98
CA GLY C 202 -16.84 49.20 7.72
CA SER C 203 -16.66 52.82 6.56
CA THR C 204 -13.52 54.92 6.07
CA VAL C 205 -12.55 58.56 6.67
CA GLU C 206 -8.88 59.14 5.81
CA LYS C 207 -6.70 62.03 6.91
CA THR C 208 -2.94 62.10 6.99
CA VAL C 209 -0.32 62.03 9.72
CA ALA C 210 2.78 63.99 8.77
CA PRO C 211 6.03 62.24 9.79
CA THR C 212 8.48 64.94 8.71
CA GLU C 213 6.08 67.69 7.60
CA CYS C 214 2.63 69.10 8.39
CA GLU D 1 -31.76 36.54 50.45
CA VAL D 2 -29.10 34.62 48.54
CA GLN D 3 -26.43 37.18 47.73
CA LEU D 4 -22.73 36.84 46.88
CA VAL D 5 -21.56 39.83 48.93
CA GLU D 6 -18.14 40.69 47.58
CA SER D 7 -16.44 44.01 48.18
CA GLY D 8 -15.82 46.60 45.47
CA ALA D 9 -13.25 49.14 44.34
CA GLU D 10 -9.81 49.27 45.95
CA VAL D 11 -6.56 51.18 45.52
CA LYS D 12 -3.14 49.65 46.05
CA LYS D 13 0.46 49.59 44.81
CA PRO D 14 1.91 47.17 42.24
CA GLY D 15 3.90 44.08 43.08
CA ALA D 16 2.22 42.89 46.29
CA SER D 17 -0.98 40.90 46.83
CA VAL D 18 -4.34 41.77 48.40
CA LYS D 19 -7.33 39.76 49.62
CA VAL D 20 -10.87 40.49 48.40
CA SER D 21 -13.86 38.69 49.89
CA CYS D 22 -17.22 37.44 48.65
CA LYS D 23 -19.82 36.84 51.38
CA ALA D 24 -22.29 34.20 50.14
CA SER D 25 -25.05 35.78 52.20
CA GLY D 26 -28.54 34.34 52.44
CA TYR D 27 -28.08 30.57 52.03
CA THR D 28 -25.77 27.61 52.68
CA PHE D 29 -22.38 28.58 51.31
CA THR D 30 -20.94 25.42 52.86
CA SER D 31 -23.08 23.41 50.42
CA TYR D 32 -22.07 25.74 47.63
CA ALA D 33 -18.96 26.10 45.47
CA MET D 34 -18.06 29.35 43.77
CA HIS D 35 -15.91 30.75 40.96
CA TRP D 36 -14.35 34.18 40.61
CA VAL D 37 -14.23 36.28 37.46
CA ARG D 38 -11.32 38.27 36.10
CA GLN D 39 -12.63 40.98 33.78
CA ALA D 40 -10.66 43.92 32.48
CA PRO D 41 -12.66 47.06 33.31
CA GLY D 42 -15.22 47.30 30.54
CA GLN D 43 -13.68 44.44 28.53
CA ARG D 44 -13.92 40.67 28.25
CA LEU D 45 -14.15 38.48 31.33
CA GLU D 46 -12.43 35.32 32.44
CA TRP D 47 -12.80 32.81 35.25
CA MET D 48 -11.12 31.69 38.49
CA GLY D 49 -12.91 28.66 39.84
CA TRP D 50 -12.18 27.19 43.21
CA ILE D 51 -14.07 23.94 43.42
CA ASN D 52 -14.76 22.49 46.85
CA ALA D 53 -17.48 24.00 49.04
CA GLY D 54 -16.36 21.96 52.04
CA ASN D 55 -12.75 23.12 51.88
CA GLY D 56 -12.17 25.42 48.91
CA ASN D 57 -10.19 23.31 46.45
CA THR D 58 -9.23 25.45 43.49
CA LYS D 59 -9.18 25.12 39.72
CA TYR D 60 -7.18 28.21 38.84
CA SER D 61 -7.14 29.61 35.36
CA GLN D 62 -4.10 28.15 33.62
CA LYS D 63 -2.56 31.63 33.60
CA PHE D 64 -2.50 31.92 37.37
CA GLN D 65 -1.74 28.58 38.98
CA ASP D 66 1.12 30.41 40.68
CA ARG D 67 -0.51 33.82 40.94
CA VAL D 68 -3.99 33.57 42.49
CA THR D 69 -5.39 31.59 45.40
CA ILE D 70 -8.87 31.12 46.81
CA THR D 71 -9.34 31.18 50.57
CA ARG D 72 -12.95 30.54 51.49
CA ASP D 73 -14.23 30.40 55.04
CA THR D 74 -17.41 28.36 55.44
CA SER D 75 -17.60 29.69 59.00
CA ALA D 76 -18.10 33.20 57.61
CA SER D 77 -19.58 31.80 54.37
CA THR D 78 -17.13 33.95 52.43
CA ALA D 79 -14.25 33.48 50.00
CA TYR D 80 -11.21 35.69 49.53
CA MET D 81 -9.29 36.36 46.33
CA GLU D 82 -5.59 37.17 46.14
CA LEU D 83 -3.30 38.06 43.25
CA SER D 84 0.30 37.43 44.28
CA SER D 85 2.54 40.24 43.05
CA LEU D 86 -0.48 42.06 41.66
CA ARG D 87 0.63 45.04 39.60
CA SER D 88 -0.68 48.25 38.12
CA GLU D 89 -2.56 47.01 35.05
CA ASP D 90 -4.41 44.45 37.19
CA THR D 91 -6.86 47.31 37.86
CA ALA D 92 -10.06 45.66 36.66
CA ILE D 93 -13.50 44.37 37.69
CA TYR D 94 -14.03 41.00 39.35
CA TYR D 95 -17.03 38.94 40.42
CA CYS D 96 -17.73 35.83 42.45
CA ALA D 97 -20.13 33.41 40.76
CA ARG D 98 -22.71 31.05 42.25
CA ASP D 99 -22.28 27.45 41.09
CA LYS D 100 -23.17 25.47 44.20
CA VAL D 101 -21.25 22.26 44.76
CA ASP D 102 -22.50 18.74 44.09
CA ASP D 103 -24.44 16.92 46.80
CA TYR D 104 -21.44 14.66 47.38
CA GLY D 105 -19.54 17.75 48.53
CA ASP D 106 -17.16 17.75 45.55
CA TYR D 107 -17.40 20.02 42.52
CA TRP D 108 -16.60 17.51 39.81
CA PHE D 109 -18.82 19.13 37.16
CA PRO D 110 -20.45 22.55 36.79
CA THR D 111 -24.14 23.29 37.10
CA LEU D 112 -26.20 23.28 33.90
CA TRP D 113 -26.40 26.87 33.87
CA TYR D 114 -23.41 27.69 36.01
CA PHE D 115 -24.15 30.61 38.22
CA ASP D 116 -27.24 31.75 40.10
CA TYR D 117 -25.98 34.97 41.67
CA TRP D 118 -22.88 37.08 41.18
CA GLY D 119 -20.86 39.44 43.32
CA GLN D 120 -20.89 43.21 43.60
CA GLY D 121 -17.93 43.90 41.32
CA THR D 122 -14.47 44.57 42.75
CA LEU D 123 -12.82 47.48 40.94
CA VAL D 124 -9.42 47.38 42.60
CA THR D 125 -7.32 50.22 41.19
CA VAL D 126 -3.66 49.24 41.49
CA SER D 127 -2.14 52.70 41.79
CA SER D 128 0.77 53.48 39.48
CA ALA D 129 1.61 57.09 40.39
CA SER D 130 0.14 59.93 42.42
CA THR D 131 -1.00 63.32 41.10
CA LYS D 132 1.31 64.47 38.32
CA GLY D 133 1.47 67.55 36.12
CA PRO D 134 0.93 67.32 32.37
CA SER D 135 3.18 67.72 29.36
CA VAL D 136 0.62 69.57 27.28
CA PHE D 137 0.84 69.06 23.53
CA PRO D 138 -1.19 71.81 21.84
CA LEU D 139 -2.05 70.24 18.49
CA ALA D 140 -0.62 73.12 16.45
CA PRO D 141 -0.22 71.40 13.04
CA SER D 142 -3.71 71.28 11.62
CA SER D 143 -5.40 71.02 8.26
CA LYS D 144 -6.86 74.19 6.83
CA SER D 145 -10.55 75.12 7.01
CA THR D 146 -11.21 72.73 4.08
CA SER D 147 -14.87 72.70 5.17
CA GLY D 148 -15.83 76.39 5.29
CA GLY D 149 -14.18 77.56 8.49
CA THR D 150 -12.85 74.48 10.29
CA ALA D 151 -9.29 75.14 11.44
CA ALA D 152 -9.61 72.50 14.11
CA LEU D 153 -7.20 72.82 17.02
CA GLY D 154 -6.03 70.63 19.87
CA CYS D 155 -4.28 70.72 23.24
CA LEU D 156 -3.18 67.22 24.17
CA VAL D 157 -2.85 67.68 27.92
CA LYS D 158 -0.59 64.67 28.01
CA ASP D 159 0.10 62.43 31.02
CA TYR D 160 -1.65 64.47 33.69
CA PHE D 161 -3.15 62.93 36.79
CA PRO D 162 -5.81 62.95 38.14
CA GLU D 163 -8.92 64.79 36.97
CA PRO D 164 -9.82 67.50 36.33
CA VAL D 165 -8.41 69.74 33.63
CA THR D 166 -10.12 72.10 31.20
CA VAL D 167 -9.24 72.98 27.62
CA SER D 168 -10.13 76.25 25.92
CA TRP D 169 -8.56 78.76 23.58
CA ASN D 170 -8.29 82.51 23.19
CA SER D 171 -8.33 82.20 26.99
CA GLY D 172 -11.72 80.55 26.58
CA ALA D 173 -12.91 82.95 23.87
CA LEU D 174 -12.28 80.34 21.16
CA THR D 175 -15.33 78.41 22.35
CA SER D 176 -16.79 78.18 18.82
CA GLY D 177 -17.22 74.51 18.00
CA VAL D 178 -15.12 73.25 20.92
CA HIS D 179 -14.85 69.45 21.03
CA THR D 180 -13.44 68.60 24.45
CA PHE D 181 -11.79 65.22 24.33
CA PRO D 182 -12.93 62.60 26.84
CA ALA D 183 -10.20 61.85 29.35
CA VAL D 184 -7.67 59.46 27.84
CA LEU D 185 -5.00 57.55 29.75
CA GLN D 186 -1.29 57.05 29.18
CA SER D 187 0.88 53.99 29.73
CA SER D 188 1.87 55.53 33.08
CA GLY D 189 -1.74 55.71 34.24
CA LEU D 190 -2.03 59.46 33.64
CA TYR D 191 -4.94 61.29 32.01
CA SER D 192 -5.09 63.31 28.80
CA LEU D 193 -7.56 65.24 26.63
CA SER D 194 -7.93 68.23 24.29
CA SER D 195 -10.43 70.41 22.47
CA VAL D 196 -11.26 70.75 18.77
CA VAL D 197 -12.81 73.98 17.47
CA THR D 198 -14.51 75.06 14.24
CA VAL D 199 -12.63 78.24 13.32
CA PRO D 200 -11.57 79.70 9.95
CA SER D 201 -8.19 78.76 8.46
CA SER D 202 -7.06 82.34 9.08
CA SER D 203 -5.36 81.15 12.30
CA LEU D 204 -2.01 80.02 10.85
CA GLY D 205 -0.45 82.12 13.60
CA THR D 206 -3.17 84.73 14.08
CA GLN D 207 -5.99 83.54 16.37
CA THR D 208 -4.14 83.59 19.68
CA TYR D 209 -5.67 80.36 20.94
CA ILE D 210 -3.88 80.53 24.27
CA CYS D 211 -4.71 77.17 25.75
CA ASN D 212 -6.43 77.51 29.12
CA VAL D 213 -5.97 74.13 30.81
CA ASN D 214 -6.58 73.92 34.57
CA HIS D 215 -5.28 70.70 36.11
CA LYS D 216 -6.39 70.96 39.72
CA PRO D 217 -4.66 68.15 41.70
CA SER D 218 -1.32 68.83 40.01
CA ASN D 219 -2.02 72.59 40.12
CA THR D 220 -0.89 73.36 36.56
CA LYS D 221 -2.11 75.90 34.02
CA VAL D 222 -0.13 75.24 30.82
CA ASP D 223 -1.18 78.02 28.46
CA LYS D 224 0.38 77.73 24.99
CA ARG D 225 -0.62 79.86 22.00
CA VAL D 226 -1.78 77.03 19.73
CA GLU D 227 -2.57 77.80 16.10
CA PRO D 228 -3.47 75.61 13.13
CA LYS D 229 -0.02 75.73 11.56
CA SER D 230 1.40 74.45 8.28
CA CYS D 231 4.94 73.25 7.63
CA ASP D 232 7.23 74.17 4.73
CA LYS D 233 8.08 72.81 1.26
CA THR D 234 11.29 71.83 -0.54
CA HIS D 235 13.09 72.50 -3.82
CA THR D 236 15.74 70.86 -6.02
CA CYS D 237 17.90 71.73 -9.04
CA MET E 1 43.23 -6.15 15.18
CA ARG E 2 39.95 -4.92 13.66
CA CYS E 3 38.43 -8.31 14.51
CA ILE E 4 37.78 -8.09 18.25
CA GLY E 5 34.22 -7.65 19.48
CA ILE E 6 32.90 -8.52 16.03
CA SER E 7 30.28 -11.13 16.79
CA ASN E 8 30.78 -12.87 13.43
CA ARG E 9 34.45 -13.63 13.96
CA ASP E 10 34.79 -17.16 12.54
CA PHE E 11 38.20 -18.27 13.72
CA VAL E 12 39.78 -20.55 11.11
CA GLU E 13 42.68 -23.02 11.02
CA GLY E 14 44.36 -25.25 8.48
CA VAL E 15 46.64 -24.53 5.53
CA SER E 16 46.53 -28.05 4.17
CA GLY E 17 47.31 -29.17 0.64
CA GLY E 18 50.00 -26.73 -0.35
CA SER E 19 50.23 -23.57 1.72
CA TRP E 20 46.74 -22.39 0.85
CA VAL E 21 43.20 -22.44 2.20
CA ASP E 22 39.73 -21.56 0.91
CA ILE E 23 37.60 -18.97 2.68
CA VAL E 24 34.35 -17.10 2.12
CA LEU E 25 34.00 -13.64 3.64
CA GLU E 26 31.01 -11.33 3.84
CA HIS E 27 30.45 -7.71 4.85
CA GLY E 28 29.11 -7.89 8.40
CA SER E 29 31.53 -10.66 9.33
CA CYS E 30 35.24 -10.64 10.07
CA VAL E 31 37.59 -13.59 9.89
CA THR E 32 40.59 -14.47 12.05
CA THR E 33 43.17 -16.72 10.40
CA MET E 34 45.66 -18.95 12.16
CA ALA E 35 48.38 -21.46 11.33
CA LYS E 36 51.42 -23.12 12.86
CA ASN E 37 53.35 -20.23 11.30
CA LYS E 38 52.56 -17.43 8.86
CA PRO E 39 51.52 -15.01 11.64
CA THR E 40 47.81 -14.50 12.19
CA LEU E 41 45.71 -12.12 10.10
CA ASP E 42 42.21 -10.68 10.08
CA PHE E 43 39.90 -10.20 7.10
CA GLU E 44 36.66 -8.30 6.59
CA LEU E 45 34.73 -7.45 3.47
CA ILE E 46 34.04 -3.75 3.94
CA GLU E 47 32.74 -2.31 0.66
CA THR E 48 30.95 -3.63 -2.42
CA GLU E 49 30.54 -1.33 -5.41
CA ALA E 50 29.45 -1.66 -9.01
CA LYS E 51 31.25 0.93 -11.09
CA GLN E 52 28.68 2.08 -13.65
CA PRO E 53 24.98 1.18 -13.44
CA ALA E 54 22.60 0.74 -16.34
CA THR E 55 19.05 1.98 -15.89
CA LEU E 56 16.63 -0.74 -16.94
CA ARG E 57 13.12 0.55 -16.25
CA LYS E 58 11.60 3.70 -14.77
CA TYR E 59 8.43 3.35 -12.70
CA CYS E 60 6.43 6.49 -12.05
CA ILE E 61 5.36 6.68 -8.42
CA GLU E 62 2.83 9.49 -8.38
CA ALA E 63 1.46 11.44 -11.32
CA LYS E 64 -1.07 14.09 -12.30
CA LEU E 65 -4.23 14.21 -14.41
CA THR E 66 -4.86 17.34 -16.46
CA ASN E 67 -6.80 18.35 -19.56
CA THR E 68 -9.55 15.96 -18.52
CA THR E 69 -11.66 15.56 -21.64
CA THR E 70 -14.72 13.45 -22.27
CA ASP E 71 -17.21 12.88 -25.05
CA SER E 72 -20.59 11.17 -25.23
CA ARG E 73 -22.48 9.62 -28.11
CA CYS E 74 -26.17 8.80 -28.58
CA PRO E 75 -26.96 5.11 -28.09
CA THR E 76 -26.56 2.45 -30.78
CA GLN E 77 -24.68 4.98 -32.91
CA GLY E 78 -21.27 3.78 -31.88
CA GLU E 79 -18.81 5.23 -29.48
CA PRO E 80 -17.66 8.84 -29.15
CA SER E 81 -14.42 9.84 -30.80
CA LEU E 82 -11.75 12.11 -29.40
CA ASN E 83 -8.58 13.55 -30.87
CA GLU E 84 -6.66 13.61 -27.57
CA GLU E 85 -7.21 9.85 -27.59
CA GLN E 86 -4.52 9.63 -30.27
CA ASP E 87 -1.90 10.62 -27.69
CA LYS E 88 -0.83 8.03 -25.14
CA ARG E 89 -0.14 10.72 -22.57
CA PHE E 90 -3.94 10.76 -22.44
CA VAL E 91 -5.27 7.88 -20.40
CA CYS E 92 -8.53 6.90 -22.04
CA LYS E 93 -11.51 4.58 -21.98
CA HIS E 94 -15.11 4.05 -23.04
CA SER E 95 -18.28 3.62 -20.99
CA MET E 96 -22.05 3.22 -21.29
CA VAL E 97 -24.36 5.95 -20.02
CA ASP E 98 -28.07 6.61 -19.97
CA ARG E 99 -28.93 8.63 -23.05
CA GLY E 100 -32.27 9.94 -24.23
CA TRP E 101 -34.32 13.10 -24.64
CA GLY E 102 -33.20 14.41 -21.25
CA ASN E 103 -29.68 13.69 -22.45
CA GLY E 104 -30.65 15.67 -25.53
CA CYS E 105 -29.94 12.83 -27.95
CA GLY E 106 -33.07 10.71 -27.72
CA LEU E 107 -33.51 7.04 -28.56
CA PHE E 108 -33.59 6.31 -24.79
CA GLY E 109 -30.76 3.82 -24.75
CA LYS E 110 -27.31 3.29 -23.29
CA GLY E 111 -25.16 5.92 -24.96
CA GLY E 112 -21.45 5.64 -25.55
CA ILE E 113 -19.14 7.89 -23.56
CA VAL E 114 -15.36 8.35 -23.52
CA THR E 115 -13.01 10.19 -21.19
CA CYS E 116 -9.39 11.27 -21.56
CA ALA E 117 -6.89 13.22 -19.49
CA MET E 118 -3.24 14.24 -19.71
CA PHE E 119 -1.23 11.78 -17.61
CA THR E 120 1.90 13.39 -16.18
CA CYS E 121 4.31 11.73 -13.78
CA LYS E 122 5.82 13.72 -10.95
CA LYS E 123 7.65 11.03 -8.96
CA ASN E 124 9.66 8.44 -10.85
CA MET E 125 11.62 5.53 -9.42
CA LYS E 126 14.08 3.88 -11.79
CA GLY E 127 15.68 0.46 -11.69
CA LYS E 128 19.35 0.25 -12.58
CA VAL E 129 21.30 -2.93 -13.23
CA VAL E 130 24.94 -3.98 -13.57
CA GLN E 131 26.96 -6.80 -15.10
CA PRO E 132 29.34 -9.00 -13.08
CA GLU E 133 32.35 -7.06 -14.37
CA ASN E 134 33.09 -3.42 -13.41
CA LEU E 135 32.04 -4.50 -9.92
CA GLU E 136 34.73 -4.61 -7.24
CA TYR E 137 34.73 -5.49 -3.55
CA THR E 138 36.80 -3.71 -0.92
CA ILE E 139 38.41 -5.88 1.74
CA VAL E 140 40.59 -4.98 4.72
CA ILE E 141 43.49 -7.23 5.65
CA THR E 142 44.96 -6.34 9.03
CA PRO E 143 47.68 -8.30 10.82
CA HIS E 144 47.93 -9.30 14.43
CA SER E 145 50.47 -7.98 16.94
CA GLY E 146 48.13 -5.12 17.65
CA GLU E 147 49.78 -1.77 18.17
CA GLU E 148 48.39 0.98 20.40
CA HIS E 149 44.64 1.44 19.93
CA ALA E 150 44.46 -1.25 17.24
CA VAL E 151 41.55 -3.43 18.41
CA GLY E 152 38.34 -2.87 16.48
CA ASN E 153 38.87 0.46 14.79
CA ASP E 154 37.91 0.66 11.20
CA THR E 155 39.62 4.01 11.79
CA GLY E 156 43.35 4.14 11.33
CA LYS E 157 45.27 2.28 8.65
CA HIS E 158 46.87 -0.80 10.13
CA GLY E 159 46.71 -3.40 7.35
CA LYS E 160 45.98 -3.76 3.68
CA GLU E 161 42.79 -2.66 1.96
CA ILE E 162 43.04 -4.28 -1.45
CA LYS E 163 40.35 -4.35 -4.12
CA ILE E 164 39.37 -7.29 -6.32
CA THR E 165 37.55 -7.47 -9.66
CA PRO E 166 36.70 -10.33 -12.02
CA GLN E 167 39.31 -8.75 -14.29
CA SER E 168 41.72 -9.23 -11.39
CA SER E 169 43.62 -12.38 -10.41
CA ILE E 170 45.63 -14.02 -7.61
CA THR E 171 45.82 -10.43 -6.34
CA GLU E 172 49.21 -10.16 -4.68
CA ALA E 173 49.37 -8.26 -1.37
CA GLU E 174 52.42 -7.59 0.80
CA LEU E 175 52.52 -6.97 4.55
CA THR E 176 55.13 -4.77 6.20
CA GLY E 177 57.44 -6.84 8.36
CA TYR E 178 55.47 -9.89 7.30
CA GLY E 179 55.73 -11.43 3.85
CA THR E 180 53.38 -11.12 0.90
CA VAL E 181 49.99 -12.79 0.60
CA THR E 182 48.23 -13.83 -2.61
CA MET E 183 44.47 -13.91 -2.50
CA GLU E 184 42.30 -15.69 -5.07
CA CYS E 185 38.66 -14.69 -4.98
CA SER E 186 35.60 -15.74 -6.99
CA PRO E 187 33.85 -12.39 -7.53
CA ARG E 188 31.65 -13.72 -10.34
CA THR E 189 30.25 -16.41 -8.05
CA GLY E 190 30.05 -13.99 -5.12
CA LEU E 191 26.71 -12.20 -5.46
CA ASP E 192 25.55 -13.65 -8.78
CA PHE E 193 24.05 -10.70 -10.59
CA ASN E 194 22.09 -10.55 -13.87
CA GLU E 195 19.04 -11.51 -11.82
CA MET E 196 19.59 -8.57 -9.47
CA VAL E 197 17.89 -5.19 -9.74
CA LEU E 198 19.34 -2.06 -8.15
CA LEU E 199 16.21 -0.19 -7.08
CA GLN E 200 16.72 3.52 -6.45
CA MET E 201 13.86 5.56 -5.04
CA GLU E 202 14.10 9.30 -4.32
CA ASN E 203 16.91 9.10 -1.76
CA LYS E 204 17.21 5.41 -0.84
CA ALA E 205 18.28 2.30 -2.67
CA TRP E 206 17.63 -1.42 -2.68
CA LEU E 207 18.91 -4.47 -4.46
CA VAL E 208 15.98 -6.60 -5.61
CA HIS E 209 15.33 -9.47 -7.97
CA ARG E 210 14.97 -8.73 -11.67
CA GLN E 211 11.87 -10.68 -12.68
CA TRP E 212 10.46 -9.37 -9.43
CA PHE E 213 11.31 -5.84 -10.45
CA LEU E 214 9.76 -6.54 -13.84
CA ASP E 215 6.61 -7.78 -12.10
CA LEU E 216 5.73 -4.50 -10.41
CA PRO E 217 2.30 -3.14 -11.38
CA LEU E 218 2.83 0.54 -12.15
CA PRO E 219 3.02 2.89 -15.14
CA TRP E 220 6.67 2.43 -15.99
CA LEU E 221 9.08 3.66 -18.61
CA PRO E 222 11.96 2.09 -20.54
CA GLY E 223 15.39 2.55 -19.04
CA ALA E 224 16.57 3.73 -22.46
CA ASP E 225 13.61 6.14 -22.70
CA THR E 226 14.30 9.78 -23.39
CA GLN E 227 11.51 12.38 -23.01
CA GLY E 228 9.51 10.17 -20.71
CA SER E 229 6.08 11.42 -21.67
CA ASN E 230 5.01 8.06 -23.12
CA TRP E 231 4.24 6.25 -19.91
CA ILE E 232 2.62 2.85 -20.40
CA GLN E 233 0.59 1.37 -17.54
CA LYS E 234 -1.11 4.64 -16.64
CA GLU E 235 -4.15 2.63 -15.57
CA THR E 236 -2.26 1.29 -12.55
CA LEU E 237 -2.04 4.86 -11.23
CA VAL E 238 -5.47 6.30 -12.10
CA THR E 239 -9.08 5.19 -12.00
CA PHE E 240 -12.48 6.16 -13.35
CA LYS E 241 -15.47 7.36 -11.33
CA ASN E 242 -18.95 6.73 -12.73
CA PRO E 243 -21.44 6.24 -9.87
CA HIS E 244 -24.38 5.82 -12.22
CA ALA E 245 -25.03 5.54 -15.95
CA LYS E 246 -24.00 9.17 -16.08
CA LYS E 247 -20.82 11.04 -16.94
CA GLN E 248 -17.73 9.14 -15.83
CA ASP E 249 -14.71 10.72 -14.17
CA VAL E 250 -10.97 10.26 -13.61
CA VAL E 251 -8.72 10.73 -10.58
CA VAL E 252 -5.09 10.12 -9.66
CA LEU E 253 -4.44 7.19 -7.36
CA GLY E 254 -2.22 9.30 -5.10
CA SER E 255 1.24 8.74 -3.70
CA GLN E 256 2.45 5.16 -3.36
CA GLU E 257 5.75 5.77 -1.59
CA GLY E 258 4.73 3.76 1.46
CA ALA E 259 3.24 1.09 -0.79
CA MET E 260 6.58 0.75 -2.58
CA HIS E 261 8.14 0.41 0.84
CA THR E 262 5.50 -2.12 1.90
CA ALA E 263 6.70 -4.23 -1.04
CA LEU E 264 10.33 -4.00 0.10
CA THR E 265 9.67 -6.30 3.06
CA GLY E 266 12.36 -8.75 2.09
CA ALA E 267 14.72 -6.57 0.09
CA THR E 268 18.10 -5.28 1.19
CA GLU E 269 18.64 -1.54 1.33
CA ILE E 270 21.76 -0.19 -0.34
CA GLN E 271 22.94 3.27 -1.38
CA MET E 272 23.40 4.37 -4.98
CA SER E 273 24.37 7.73 -3.52
CA SER E 274 27.74 9.06 -4.65
CA GLY E 275 28.09 5.69 -6.31
CA ASN E 276 26.43 2.28 -5.99
CA LEU E 277 27.61 1.27 -2.54
CA LEU E 278 26.57 -2.10 -1.14
CA PHE E 279 27.47 -3.59 2.23
CA THR E 280 26.03 -7.09 2.36
CA GLY E 281 26.74 -10.44 0.78
CA HIS E 282 29.86 -12.52 0.72
CA LEU E 283 32.80 -13.62 -1.41
CA LYS E 284 34.57 -16.95 -1.70
CA CYS E 285 38.33 -16.50 -1.61
CA ARG E 286 41.36 -18.78 -1.95
CA LEU E 287 43.97 -17.75 0.58
CA ARG E 288 47.67 -18.34 -0.10
CA MET E 289 50.10 -16.93 2.44
CA ASP E 290 53.16 -18.64 1.02
CA LYS E 291 55.32 -15.57 1.70
CA LEU E 292 54.86 -14.50 5.31
CA GLN E 293 57.36 -13.70 8.04
CA LEU E 294 56.58 -13.88 11.73
CA LYS E 295 58.25 -10.45 11.94
CA GLY E 296 59.63 -11.38 15.36
CA MET E 297 61.92 -14.24 14.44
CA SER E 298 65.65 -13.79 15.10
CA TYR E 299 64.93 -11.54 18.08
CA SER E 300 65.42 -11.98 21.81
CA MET E 301 62.97 -12.59 24.59
CA CYS E 302 62.22 -9.48 26.61
CA THR E 303 64.20 -8.49 29.69
CA GLY E 304 61.24 -8.41 32.09
CA LYS E 305 59.41 -5.70 34.00
CA PHE E 306 56.17 -5.45 32.12
CA LYS E 307 53.17 -3.46 33.37
CA VAL E 308 49.49 -4.05 32.74
CA VAL E 309 47.97 -0.97 31.15
CA LYS E 310 44.55 -2.34 30.18
CA GLU E 311 42.59 -5.16 31.69
CA ILE E 312 41.95 -8.78 30.70
CA ALA E 313 38.63 -7.88 29.01
CA GLU E 314 37.43 -11.33 28.05
CA THR E 315 35.92 -11.02 24.61
CA GLN E 316 33.23 -13.49 23.62
CA HIS E 317 34.39 -16.64 21.81
CA GLY E 318 36.68 -17.12 24.83
CA THR E 319 38.91 -14.41 23.45
CA ILE E 320 40.42 -12.56 26.42
CA VAL E 321 42.53 -9.58 25.33
CA ILE E 322 45.13 -7.97 27.56
CA ARG E 323 47.06 -4.81 26.90
CA VAL E 324 50.21 -4.23 28.94
CA GLN E 325 53.39 -2.23 28.60
CA TYR E 326 57.04 -3.24 28.82
CA GLU E 327 59.74 -1.39 30.71
CA GLY E 328 63.37 -2.32 30.29
CA ASP E 329 66.22 -1.72 27.86
CA GLY E 330 65.88 -3.78 24.67
CA SER E 331 62.96 -2.39 22.73
CA PRO E 332 62.75 -5.04 19.95
CA CYS E 333 62.25 -8.20 21.96
CA LYS E 334 59.90 -11.16 22.10
CA ILE E 335 57.43 -11.14 24.98
CA PRO E 336 57.71 -13.90 27.61
CA PHE E 337 53.98 -14.60 27.35
CA GLU E 338 52.70 -17.93 28.63
CA ILE E 339 49.30 -19.29 29.65
CA MET E 340 49.93 -21.90 32.26
CA ASP E 341 48.43 -24.14 34.95
CA LEU E 342 48.30 -23.62 38.72
CA GLU E 343 51.52 -25.57 39.23
CA LYS E 344 53.82 -24.52 36.45
CA ARG E 345 54.26 -27.97 34.93
CA HIS E 346 51.50 -28.20 32.30
CA VAL E 347 51.16 -25.45 29.70
CA LEU E 348 47.58 -24.65 28.73
CA GLY E 349 45.66 -22.12 26.68
CA ARG E 350 46.41 -20.91 23.17
CA LEU E 351 48.14 -17.71 22.09
CA ILE E 352 46.12 -15.78 19.53
CA THR E 353 48.28 -12.68 19.03
CA VAL E 354 51.04 -14.96 17.82
CA ASN E 355 54.70 -14.06 18.23
CA PRO E 356 54.28 -11.31 20.84
CA ILE E 357 56.79 -8.52 20.45
CA VAL E 358 57.91 -5.34 22.18
CA THR E 359 58.75 -2.45 19.86
CA GLU E 360 59.28 1.18 20.83
CA LYS E 361 59.26 0.19 24.52
CA ASP E 362 57.24 3.28 25.45
CA SER E 363 54.26 1.87 23.59
CA PRO E 364 51.95 -0.63 25.30
CA VAL E 365 50.70 -3.58 23.29
CA ASN E 366 47.35 -5.36 23.23
CA ILE E 367 47.54 -9.15 23.08
CA GLU E 368 44.83 -11.75 22.53
CA ALA E 369 44.97 -15.41 23.49
CA GLU E 370 42.71 -18.43 23.85
CA PRO E 371 42.20 -19.82 27.37
CA PRO E 372 40.84 -23.25 28.29
CA PHE E 373 37.54 -23.83 30.10
CA GLY E 374 37.66 -22.93 33.78
CA ASP E 375 40.47 -21.15 35.59
CA SER E 376 43.70 -20.51 33.73
CA TYR E 377 46.95 -18.78 34.60
CA ILE E 378 49.10 -16.37 32.62
CA ILE E 379 52.82 -15.64 32.95
CA ILE E 380 54.19 -12.37 31.57
CA GLY E 381 57.85 -11.41 31.63
CA VAL E 382 60.72 -12.95 33.53
CA GLU E 383 60.79 -14.18 37.10
CA PRO E 384 62.16 -11.03 38.86
CA GLY E 385 59.13 -9.16 37.55
CA GLN E 386 57.08 -11.84 35.87
CA LEU E 387 53.32 -11.49 35.97
CA LYS E 388 51.20 -14.39 37.21
CA LEU E 389 47.55 -13.55 36.57
CA ASN E 390 44.56 -15.59 37.62
CA TRP E 391 41.86 -15.94 35.02
CA PHE E 392 38.76 -18.08 35.22
CA LYS E 393 37.28 -18.75 31.83
CA LYS E 394 33.64 -19.67 32.23
CA GLY E 395 33.93 -23.44 32.39
CA SER E 396 32.20 -24.63 29.24
CA SER E 397 31.82 -27.94 27.45
CA ILE E 398 30.33 -29.60 24.35
CA GLY E 399 27.97 -26.66 24.56
CA GLN E 400 30.80 -24.71 22.95
CA MET E 401 30.76 -27.00 19.94
CA ILE E 402 26.99 -27.35 20.00
CA GLU E 403 27.27 -23.62 19.40
CA THR E 404 29.90 -24.37 16.77
CA THR E 405 27.66 -26.89 15.03
CA MET E 406 24.60 -24.65 14.98
CA ARG E 407 26.84 -21.82 13.83
CA GLY E 408 28.03 -24.15 11.09
CA ALA E 409 24.39 -25.12 10.65
CA LYS E 410 23.58 -21.42 10.57
CA ARG E 411 26.39 -21.15 8.05
CA MET E 412 24.74 -24.04 6.21
CA ALA E 413 21.53 -22.02 6.29
CA ILE E 414 22.42 -18.62 4.85
CA LEU E 415 25.07 -20.17 2.67
CA GLY E 416 23.39 -23.26 1.32
CA ASP E 417 26.35 -25.10 -0.16
CA THR E 418 28.91 -22.29 -0.33
CA ALA E 419 29.15 -22.70 3.45
CA TRP E 420 31.13 -25.87 2.67
CA ASP E 421 34.01 -23.64 1.64
CA PHE E 422 36.12 -23.05 4.73
CA GLY E 423 38.26 -26.18 4.73
CA SER E 424 41.00 -27.10 2.29
CA LEU E 425 39.75 -30.07 0.26
CA GLY E 426 37.76 -32.14 2.66
CA GLY E 427 37.35 -34.10 -0.56
CA VAL E 428 35.93 -37.42 0.58
CA PHE E 429 34.26 -35.18 3.15
CA THR E 430 33.68 -31.85 1.39
CA SER E 431 33.90 -32.39 -2.38
CA ILE E 432 30.72 -34.42 -2.07
CA GLY E 433 29.40 -32.10 0.64
CA LYS E 434 28.73 -29.26 -1.77
CA ALA E 435 27.58 -31.52 -4.60
CA LEU E 436 25.14 -33.41 -2.42
CA HIS E 437 23.91 -30.11 -1.03
CA GLN E 438 23.91 -28.58 -4.50
CA VAL E 439 21.32 -31.01 -5.81
CA PHE E 440 19.58 -30.93 -2.45
CA GLY E 441 19.70 -27.15 -2.50
CA ALA E 442 18.55 -27.32 -6.10
CA ILE E 443 15.42 -29.25 -5.19
CA TYR E 444 15.26 -27.16 -2.04
CA GLY E 445 15.48 -24.23 -4.41
CA ALA E 446 12.59 -23.56 -6.79
CA ALA E 447 10.52 -25.36 -4.16
CA PHE E 448 10.12 -22.62 -1.56
CA SER E 449 10.01 -19.63 -3.88
CA GLY E 450 7.66 -17.11 -2.29
CA VAL E 451 7.02 -18.97 0.97
CA SER E 452 6.96 -16.99 4.19
CA TRP E 453 8.31 -17.09 7.72
CA ILE E 454 5.17 -19.02 8.51
CA MET E 455 3.99 -20.98 5.48
CA LYS E 456 6.84 -23.43 4.96
CA ILE E 457 6.65 -24.15 8.69
CA LEU E 458 3.07 -25.28 8.14
CA ILE E 459 4.30 -27.26 5.16
CA GLY E 460 7.02 -28.40 7.52
CA VAL E 461 4.28 -29.48 9.90
CA ILE E 462 2.40 -31.62 7.39
CA ILE E 463 5.50 -33.34 6.03
CA THR E 464 6.78 -34.19 9.49
CA TRP E 465 3.40 -35.55 10.58
CA ILE E 466 2.76 -37.85 7.62
CA GLY E 467 6.33 -39.13 7.64
CA MET E 468 5.83 -39.75 11.33
CA ASN E 469 2.67 -41.71 10.45
CA SER E 470 4.42 -43.34 7.50
CA ARG E 471 5.70 -46.89 7.00
CA SER E 472 8.30 -48.91 5.06
CA THR E 473 11.16 -47.08 6.83
CA SER E 474 10.07 -44.14 4.70
CA LEU E 475 9.48 -42.35 7.99
CA SER E 476 13.08 -41.22 8.40
CA VAL E 477 13.48 -40.13 4.79
CA SER E 478 10.35 -38.00 5.35
CA LEU E 479 11.44 -36.42 8.64
CA VAL E 480 15.20 -36.20 9.20
CA LEU E 481 16.01 -34.30 6.01
CA VAL E 482 12.43 -33.36 5.15
CA GLY E 483 10.43 -32.70 8.30
CA VAL E 484 12.76 -31.08 10.79
CA VAL E 485 15.11 -29.27 8.43
CA THR E 486 12.61 -26.79 7.00
CA LEU E 487 11.49 -26.02 10.54
CA TYR E 488 15.04 -25.10 11.45
CA LEU E 489 15.05 -23.21 8.18
CA GLY E 490 11.68 -21.68 9.01
CA VAL E 491 12.99 -20.13 12.23
CA MET E 492 16.19 -18.79 10.64
CA VAL E 493 14.86 -17.10 7.48
CA GLN E 494 13.88 -13.42 7.26
CA ALA E 495 17.32 -12.54 8.53
CA SER F 1 -1.16 -4.03 -5.19
CA VAL F 2 2.45 -2.96 -5.14
CA ALA F 3 2.05 -2.85 -1.38
CA LEU F 4 1.18 -6.52 -1.84
CA VAL F 5 3.73 -9.01 -3.26
CA PRO F 6 6.06 -8.54 -0.30
CA HIS F 7 9.22 -9.98 -1.92
CA VAL F 8 9.78 -12.52 0.84
CA GLY F 9 10.37 -16.12 -0.20
CA MET F 10 12.71 -15.22 -3.01
CA GLY F 11 16.11 -16.14 -1.67
CA LEU F 12 18.59 -13.31 -2.13
CA GLU F 13 19.11 -13.24 1.65
CA THR F 14 22.30 -12.59 3.61
CA ARG F 15 23.24 -12.29 7.27
CA THR F 16 22.22 -8.64 7.03
CA GLU F 17 18.55 -8.03 7.68
CA THR F 18 16.03 -7.30 4.94
CA TRP F 19 14.58 -3.83 4.52
CA MET F 20 11.82 -4.48 7.05
CA SER F 21 12.64 -7.77 8.75
CA SER F 22 11.26 -8.59 12.23
CA GLU F 23 8.81 -5.79 11.57
CA GLY F 24 6.97 -7.66 8.84
CA ALA F 25 7.27 -11.09 10.40
CA TRP F 26 4.21 -11.20 12.67
CA LYS F 27 2.08 -8.63 10.85
CA HIS F 28 0.78 -11.14 8.34
CA ALA F 29 -0.18 -13.22 11.38
CA GLN F 30 -1.42 -10.74 13.99
CA ARG F 31 -3.55 -9.17 11.27
CA ILE F 32 -5.67 -12.25 10.65
CA GLU F 33 -6.42 -12.95 14.31
CA THR F 34 -7.55 -9.36 14.66
CA TRP F 35 -9.75 -10.07 11.65
CA ILE F 36 -10.96 -13.11 13.59
CA LEU F 37 -11.84 -10.89 16.53
CA ARG F 38 -13.74 -8.84 13.98
CA HIS F 39 -15.36 -11.89 12.36
CA PRO F 40 -16.24 -14.65 14.80
CA GLY F 41 -19.26 -15.86 12.84
CA PHE F 42 -17.11 -16.96 9.94
CA THR F 43 -14.98 -18.93 12.40
CA ILE F 44 -17.78 -21.04 13.86
CA MET F 45 -19.11 -22.07 10.45
CA ALA F 46 -15.51 -22.78 9.49
CA ALA F 47 -15.34 -25.24 12.39
CA ILE F 48 -18.50 -27.15 11.50
CA LEU F 49 -17.69 -27.12 7.79
CA ALA F 50 -14.13 -28.16 8.57
CA TYR F 51 -15.36 -30.75 11.06
CA THR F 52 -17.95 -32.21 8.68
CA ILE F 53 -15.55 -32.82 5.81
CA GLY F 54 -12.12 -34.07 6.80
CA THR F 55 -12.55 -37.56 8.24
CA THR F 56 -9.55 -37.30 10.53
CA HIS F 57 -9.10 -34.94 13.41
CA PHE F 58 -5.96 -34.02 11.49
CA GLN F 59 -7.82 -33.31 8.25
CA ARG F 60 -10.24 -31.08 10.15
CA ALA F 61 -7.46 -29.29 12.00
CA LEU F 62 -5.57 -28.24 8.86
CA ILE F 63 -8.45 -27.19 6.67
CA PHE F 64 -10.08 -25.12 9.40
CA ILE F 65 -7.06 -23.09 10.49
CA LEU F 66 -5.98 -22.80 6.88
CA LEU F 67 -9.24 -21.63 5.33
CA THR F 68 -9.18 -18.91 7.95
CA ALA F 69 -5.93 -17.68 6.41
CA VAL F 70 -7.52 -17.23 2.98
CA ALA F 71 -9.79 -14.50 4.39
CA PRO F 72 -7.94 -11.16 4.01
CA MET G 1 -52.32 -5.43 -64.64
CA ARG G 2 -48.62 -4.88 -63.93
CA CYS G 3 -48.65 -8.41 -62.54
CA ILE G 4 -49.24 -10.58 -65.63
CA GLY G 5 -46.18 -12.46 -66.90
CA ILE G 6 -44.48 -11.92 -63.55
CA SER G 7 -43.56 -15.24 -61.99
CA ASN G 8 -44.46 -16.20 -58.42
CA ARG G 9 -47.66 -14.20 -58.69
CA ASP G 10 -49.98 -15.25 -55.89
CA PHE G 11 -53.76 -15.03 -56.05
CA VAL G 12 -56.00 -14.37 -53.05
CA GLU G 13 -59.78 -14.65 -52.68
CA GLY G 14 -61.24 -13.10 -49.55
CA VAL G 15 -62.82 -10.00 -48.02
CA SER G 16 -63.76 -11.58 -44.74
CA GLY G 17 -64.21 -9.96 -41.38
CA GLY G 18 -65.43 -6.64 -42.65
CA SER G 19 -64.13 -5.67 -46.07
CA TRP G 20 -60.51 -6.48 -45.30
CA VAL G 21 -57.84 -9.09 -45.89
CA ASP G 22 -54.27 -9.54 -44.65
CA ILE G 23 -51.37 -9.88 -47.08
CA VAL G 24 -47.60 -9.66 -47.29
CA LEU G 25 -45.92 -8.25 -50.39
CA GLU G 26 -42.24 -8.47 -51.32
CA HIS G 27 -40.23 -6.46 -53.84
CA GLY G 28 -39.83 -9.36 -56.28
CA SER G 29 -43.34 -10.75 -55.92
CA CYS G 30 -46.65 -9.37 -57.20
CA VAL G 31 -50.15 -9.82 -55.82
CA THR G 32 -53.60 -10.15 -57.36
CA THR G 33 -56.67 -9.85 -55.14
CA MET G 34 -60.16 -11.16 -55.82
CA ALA G 35 -63.58 -11.07 -54.17
CA LYS G 36 -67.25 -11.70 -54.90
CA ASN G 37 -67.31 -7.97 -55.69
CA LYS G 38 -64.70 -5.27 -55.24
CA PRO G 39 -63.21 -5.53 -58.73
CA THR G 40 -59.92 -7.34 -58.77
CA LEU G 41 -56.73 -5.41 -58.04
CA ASP G 42 -52.99 -5.78 -58.47
CA PHE G 43 -50.24 -4.83 -56.04
CA GLU G 44 -46.47 -4.45 -56.24
CA LEU G 45 -43.88 -3.41 -53.69
CA ILE G 46 -41.70 -1.36 -56.03
CA GLU G 47 -39.39 0.65 -53.77
CA THR G 48 -38.15 0.66 -50.20
CA GLU G 49 -36.01 3.59 -49.19
CA ALA G 50 -34.36 4.74 -45.99
CA LYS G 51 -33.99 8.47 -45.57
CA GLN G 52 -31.10 9.49 -43.30
CA PRO G 53 -28.52 6.78 -42.53
CA ALA G 54 -26.15 7.27 -39.64
CA THR G 55 -22.57 6.12 -40.10
CA LEU G 56 -21.52 3.63 -37.44
CA ARG G 57 -17.98 2.45 -38.13
CA LYS G 58 -15.44 3.31 -40.80
CA TYR G 59 -13.13 0.57 -42.09
CA CYS G 60 -9.79 0.90 -43.84
CA ILE G 61 -9.79 -1.35 -46.90
CA GLU G 62 -6.39 -0.22 -48.12
CA ALA G 63 -3.75 1.88 -46.42
CA LYS G 64 -0.19 3.16 -46.70
CA LEU G 65 2.83 2.85 -44.43
CA THR G 66 5.10 5.86 -44.07
CA ASN G 67 8.14 7.05 -42.14
CA THR G 68 9.49 3.59 -41.36
CA THR G 69 11.76 3.93 -38.35
CA THR G 70 13.33 1.31 -36.10
CA ASP G 71 15.18 1.35 -32.80
CA SER G 72 17.65 -1.24 -31.53
CA ARG G 73 18.67 -2.02 -27.96
CA CYS G 74 21.79 -3.73 -26.66
CA PRO G 75 20.80 -7.10 -25.18
CA THR G 76 19.81 -7.34 -21.51
CA GLN G 77 19.52 -3.59 -20.85
CA GLY G 78 15.95 -2.56 -21.49
CA GLU G 79 14.01 -2.20 -24.71
CA PRO G 80 14.28 0.36 -27.52
CA SER G 81 12.49 3.64 -26.94
CA LEU G 82 11.05 5.53 -29.90
CA ASN G 83 9.24 8.86 -29.83
CA GLU G 84 6.96 7.89 -32.73
CA GLU G 85 5.58 5.25 -30.37
CA GLN G 86 3.64 8.13 -28.84
CA ASP G 87 1.76 8.71 -32.12
CA LYS G 88 -1.07 6.30 -32.85
CA ARG G 89 -0.69 6.86 -36.59
CA PHE G 90 2.40 4.69 -36.15
CA VAL G 91 1.96 0.94 -35.99
CA CYS G 92 4.69 -0.58 -33.87
CA LYS G 93 6.07 -3.82 -32.51
CA HIS G 94 8.89 -4.80 -30.20
CA SER G 95 11.09 -7.51 -31.69
CA MET G 96 14.20 -9.31 -30.51
CA VAL G 97 17.38 -9.76 -32.53
CA ASP G 98 20.82 -11.31 -32.09
CA ARG G 99 23.45 -8.80 -31.04
CA GLY G 100 27.15 -8.83 -30.21
CA TRP G 101 30.44 -7.11 -30.95
CA GLY G 102 29.78 -7.29 -34.68
CA ASN G 103 26.66 -5.15 -34.27
CA GLY G 104 27.74 -2.56 -31.74
CA CYS G 105 27.23 -4.40 -28.47
CA GLY G 106 29.61 -5.54 -25.77
CA LEU G 107 27.49 -8.62 -25.16
CA PHE G 108 26.86 -11.59 -27.44
CA GLY G 109 23.21 -12.25 -26.76
CA LYS G 110 19.72 -11.43 -28.04
CA GLY G 111 18.95 -7.72 -28.33
CA GLY G 112 15.65 -5.93 -28.33
CA ILE G 113 14.45 -4.02 -31.37
CA VAL G 114 11.30 -2.12 -32.31
CA THR G 115 9.88 -0.81 -35.56
CA CYS G 116 7.32 1.87 -36.39
CA ALA G 117 5.62 3.19 -39.50
CA MET G 118 3.07 5.98 -39.76
CA PHE G 119 -0.09 4.13 -40.83
CA THR G 120 -2.12 5.94 -43.49
CA CYS G 121 -5.49 4.68 -44.68
CA LYS G 122 -6.20 5.43 -48.31
CA LYS G 123 -9.58 3.85 -49.10
CA ASN G 124 -12.45 3.13 -46.80
CA MET G 125 -15.62 1.27 -45.92
CA LYS G 126 -18.18 3.02 -43.79
CA GLY G 127 -21.25 1.25 -42.44
CA LYS G 128 -24.44 3.20 -41.87
CA VAL G 129 -27.66 2.21 -40.13
CA VAL G 130 -31.18 3.62 -40.08
CA GLN G 131 -34.11 3.58 -37.72
CA PRO G 132 -37.34 1.68 -38.34
CA GLU G 133 -38.54 5.20 -39.01
CA ASN G 134 -36.83 7.55 -41.50
CA LEU G 135 -37.53 4.98 -44.21
CA GLU G 136 -40.34 4.64 -46.74
CA TYR G 137 -41.84 1.91 -48.88
CA THR G 138 -43.33 2.49 -52.31
CA ILE G 139 -46.12 0.33 -53.72
CA VAL G 140 -48.11 0.47 -56.96
CA ILE G 141 -51.75 -0.60 -56.99
CA THR G 142 -53.70 -1.16 -60.19
CA PRO G 143 -57.16 -2.57 -60.91
CA HIS G 144 -58.00 -4.88 -63.77
CA SER G 145 -59.47 -2.30 -66.11
CA GLY G 146 -58.38 -4.29 -69.15
CA GLU G 147 -56.80 -1.12 -70.53
CA GLU G 148 -55.33 -1.82 -73.94
CA HIS G 149 -51.55 -1.50 -74.12
CA ALA G 150 -51.69 -1.63 -70.33
CA VAL G 151 -50.74 -5.18 -69.34
CA GLY G 152 -47.71 -5.84 -67.18
CA ASN G 153 -46.03 -2.62 -68.28
CA ASP G 154 -44.16 -1.08 -65.40
CA THR G 155 -44.26 1.95 -67.65
CA GLY G 156 -47.54 3.74 -68.17
CA LYS G 157 -49.42 5.52 -65.41
CA HIS G 158 -52.25 3.04 -64.96
CA GLY G 159 -51.91 2.01 -61.33
CA LYS G 160 -52.04 4.06 -58.16
CA GLU G 161 -48.68 4.68 -56.52
CA ILE G 162 -48.64 5.27 -52.77
CA LYS G 163 -45.70 5.67 -50.42
CA ILE G 164 -46.00 4.59 -46.79
CA THR G 165 -44.10 5.29 -43.57
CA PRO G 166 -44.12 4.10 -39.98
CA GLN G 167 -45.24 7.67 -39.37
CA SER G 168 -48.08 6.85 -41.77
CA SER G 169 -51.43 5.31 -41.01
CA ILE G 170 -54.55 3.86 -42.64
CA THR G 171 -53.19 5.78 -45.67
CA GLU G 172 -56.29 6.23 -47.79
CA ALA G 173 -55.73 5.78 -51.51
CA GLU G 174 -58.44 6.75 -53.99
CA LEU G 175 -57.97 5.50 -57.54
CA THR G 176 -60.24 6.74 -60.28
CA GLY G 177 -63.44 4.94 -61.21
CA TYR G 178 -63.17 2.40 -58.40
CA GLY G 179 -63.26 4.50 -55.24
CA THR G 180 -60.74 4.47 -52.40
CA VAL G 181 -58.66 1.85 -50.65
CA THR G 182 -57.54 2.02 -47.03
CA MET G 183 -54.19 0.37 -46.64
CA GLU G 184 -53.02 -1.17 -43.38
CA CYS G 185 -49.31 -1.92 -43.37
CA SER G 186 -46.71 -3.16 -40.89
CA PRO G 187 -43.73 -0.94 -41.75
CA ARG G 188 -42.01 -1.41 -38.39
CA THR G 189 -42.18 -5.20 -38.54
CA GLY G 190 -41.05 -5.18 -42.17
CA LEU G 191 -37.36 -6.08 -42.10
CA ASP G 192 -36.28 -5.88 -38.42
CA PHE G 193 -34.00 -2.88 -38.46
CA ASN G 194 -31.79 -1.76 -35.61
CA GLU G 195 -30.18 -5.04 -36.60
CA MET G 196 -28.66 -4.48 -40.06
CA VAL G 197 -25.87 -2.29 -41.41
CA LEU G 198 -26.02 -0.59 -44.80
CA LEU G 199 -22.44 -1.22 -45.82
CA GLN G 200 -21.31 0.77 -48.83
CA MET G 201 -18.15 -0.01 -50.76
CA GLU G 202 -16.53 2.34 -53.26
CA ASN G 203 -19.67 2.40 -55.40
CA LYS G 204 -21.69 -0.71 -54.46
CA ALA G 205 -23.47 -1.57 -51.26
CA TRP G 206 -25.01 -4.49 -49.40
CA LEU G 207 -27.33 -4.94 -46.45
CA VAL G 208 -25.62 -7.03 -43.81
CA HIS G 209 -26.70 -7.25 -40.21
CA ARG G 210 -25.18 -5.15 -37.45
CA GLN G 211 -23.62 -7.97 -35.57
CA TRP G 212 -21.75 -9.34 -38.61
CA PHE G 213 -20.63 -5.83 -39.44
CA LEU G 214 -19.01 -5.36 -36.05
CA ASP G 215 -16.76 -8.42 -36.03
CA LEU G 216 -14.74 -7.40 -38.92
CA PRO G 217 -10.96 -7.69 -38.91
CA LEU G 218 -10.22 -4.59 -40.90
CA PRO G 219 -8.61 -1.59 -39.23
CA TRP G 220 -11.73 0.32 -38.36
CA LEU G 221 -12.75 3.65 -36.94
CA PRO G 222 -15.86 5.19 -35.36
CA GLY G 223 -18.55 6.39 -37.70
CA ALA G 224 -18.77 9.60 -35.68
CA ASP G 225 -15.05 10.35 -36.03
CA THR G 226 -13.46 13.21 -37.90
CA GLN G 227 -9.77 13.38 -38.85
CA GLY G 228 -9.74 9.64 -39.33
CA SER G 229 -6.05 9.13 -38.65
CA ASN G 230 -6.29 7.41 -35.25
CA TRP G 231 -7.09 4.02 -36.73
CA ILE G 232 -7.82 1.14 -34.42
CA GLN G 233 -6.79 -2.37 -35.47
CA LYS G 234 -4.22 -1.34 -38.08
CA GLU G 235 -2.07 -4.38 -37.30
CA THR G 236 -4.60 -6.55 -39.15
CA LEU G 237 -3.57 -4.63 -42.27
CA VAL G 238 0.22 -4.73 -41.78
CA THR G 239 2.86 -7.25 -40.78
CA PHE G 240 6.46 -7.67 -39.65
CA LYS G 241 9.39 -9.59 -41.13
CA ASN G 242 12.52 -10.84 -39.36
CA PRO G 243 13.81 -13.68 -41.56
CA HIS G 244 16.47 -15.11 -39.28
CA ALA G 245 17.79 -12.59 -36.78
CA LYS G 246 18.03 -9.24 -38.61
CA LYS G 247 15.94 -6.08 -38.55
CA GLN G 248 12.17 -6.42 -38.66
CA ASP G 249 10.36 -4.84 -41.59
CA VAL G 250 6.74 -3.97 -42.25
CA VAL G 251 4.56 -3.88 -45.36
CA VAL G 252 0.96 -3.01 -46.12
CA LEU G 253 -1.05 -6.16 -46.67
CA GLY G 254 -2.55 -4.98 -49.97
CA SER G 255 -6.08 -4.51 -51.25
CA GLN G 256 -8.93 -6.64 -49.92
CA GLU G 257 -11.74 -5.45 -52.18
CA GLY G 258 -12.28 -8.92 -53.58
CA ALA G 259 -11.42 -10.38 -50.19
CA MET G 260 -14.17 -8.26 -48.70
CA HIS G 261 -16.25 -9.15 -51.72
CA THR G 262 -15.46 -12.78 -50.95
CA ALA G 263 -16.77 -12.02 -47.46
CA LEU G 264 -20.04 -10.90 -49.05
CA THR G 265 -21.39 -14.33 -50.03
CA GLY G 266 -24.95 -14.26 -48.74
CA ALA G 267 -25.25 -10.51 -48.45
CA THR G 268 -27.84 -8.81 -50.62
CA GLU G 269 -26.62 -5.92 -52.74
CA ILE G 270 -28.35 -2.60 -52.13
CA GLN G 271 -28.30 0.85 -53.79
CA MET G 272 -26.39 3.28 -51.57
CA SER G 273 -25.50 5.66 -54.36
CA SER G 274 -28.35 8.15 -54.83
CA GLY G 275 -30.24 7.72 -51.59
CA ASN G 276 -30.83 4.56 -49.58
CA LEU G 277 -32.67 2.55 -52.25
CA LEU G 278 -33.84 -0.92 -51.30
CA PHE G 279 -35.46 -3.34 -53.72
CA THR G 280 -35.61 -6.40 -51.51
CA GLY G 281 -37.68 -7.54 -48.58
CA HIS G 282 -41.37 -7.73 -47.83
CA LEU G 283 -44.05 -6.04 -45.77
CA LYS G 284 -47.19 -7.38 -44.10
CA CYS G 285 -50.24 -5.47 -45.28
CA ARG G 286 -53.97 -5.37 -44.66
CA LEU G 287 -56.22 -4.36 -47.52
CA ARG G 288 -59.64 -2.89 -46.74
CA MET G 289 -62.17 -2.87 -49.57
CA ASP G 290 -65.21 -1.19 -48.02
CA LYS G 291 -64.97 1.84 -50.35
CA LEU G 292 -64.34 0.11 -53.66
CA GLN G 293 -66.78 1.05 -56.39
CA LEU G 294 -67.39 -1.70 -58.93
CA LYS G 295 -66.50 0.42 -62.00
CA GLY G 296 -68.95 -1.13 -64.40
CA MET G 297 -72.03 -1.61 -62.27
CA SER G 298 -75.38 -0.27 -63.56
CA TYR G 299 -74.04 -0.28 -67.14
CA SER G 300 -76.35 -1.90 -69.65
CA MET G 301 -75.29 -5.17 -71.20
CA CYS G 302 -73.41 -5.16 -74.48
CA THR G 303 -75.21 -6.05 -77.69
CA GLY G 304 -72.83 -8.41 -79.53
CA LYS G 305 -70.33 -8.41 -82.37
CA PHE G 306 -67.05 -8.12 -80.57
CA LYS G 307 -63.81 -8.99 -82.34
CA VAL G 308 -60.44 -10.33 -81.25
CA VAL G 309 -57.56 -7.91 -81.75
CA LYS G 310 -54.91 -9.86 -79.84
CA GLU G 311 -54.82 -13.64 -79.73
CA ILE G 312 -55.38 -15.51 -76.48
CA ALA G 313 -52.11 -16.35 -74.76
CA GLU G 314 -51.62 -18.52 -71.69
CA THR G 315 -49.53 -17.10 -68.87
CA GLN G 316 -47.64 -18.77 -66.10
CA HIS G 317 -49.97 -20.06 -63.37
CA GLY G 318 -52.33 -21.23 -66.11
CA THR G 319 -54.25 -17.97 -66.46
CA ILE G 320 -55.45 -17.30 -70.00
CA VAL G 321 -55.70 -13.74 -71.34
CA ILE G 322 -56.89 -12.12 -74.57
CA ARG G 323 -57.25 -8.61 -75.96
CA VAL G 324 -60.30 -8.03 -78.13
CA GLN G 325 -62.42 -5.16 -79.39
CA TYR G 326 -66.16 -4.57 -79.55
CA GLU G 327 -67.69 -3.36 -82.80
CA GLY G 328 -71.09 -1.74 -82.50
CA ASP G 329 -73.06 0.78 -80.48
CA GLY G 330 -73.73 1.64 -76.86
CA SER G 331 -70.03 1.57 -76.04
CA PRO G 332 -70.77 2.02 -72.34
CA CYS G 333 -71.89 -1.57 -71.82
CA LYS G 334 -70.99 -4.93 -70.38
CA ILE G 335 -69.25 -7.88 -72.07
CA PRO G 336 -70.88 -11.31 -72.61
CA PHE G 337 -67.82 -13.17 -71.33
CA GLU G 338 -67.85 -16.77 -70.11
CA ILE G 339 -65.76 -19.94 -70.06
CA MET G 340 -68.43 -22.41 -71.04
CA ASP G 341 -68.03 -26.14 -70.63
CA LEU G 342 -68.14 -28.67 -73.43
CA GLU G 343 -71.61 -29.04 -74.97
CA LYS G 344 -72.61 -25.79 -73.21
CA ARG G 345 -73.80 -27.39 -70.00
CA HIS G 346 -72.29 -25.43 -67.09
CA VAL G 347 -70.14 -22.30 -67.10
CA LEU G 348 -66.64 -23.22 -65.94
CA GLY G 349 -63.42 -21.48 -65.05
CA ARG G 350 -63.32 -18.17 -63.24
CA LEU G 351 -62.90 -14.58 -64.40
CA ILE G 352 -59.78 -12.67 -63.53
CA THR G 353 -61.35 -9.82 -65.55
CA VAL G 354 -64.28 -9.44 -63.15
CA ASN G 355 -67.00 -7.07 -64.40
CA PRO G 356 -65.97 -6.87 -68.07
CA ILE G 357 -67.11 -3.61 -69.62
CA VAL G 358 -66.83 -2.07 -73.06
CA THR G 359 -64.88 1.04 -72.13
CA GLU G 360 -67.14 3.55 -73.83
CA LYS G 361 -65.13 3.49 -77.06
CA ASP G 362 -64.33 1.18 -79.95
CA SER G 363 -60.94 0.31 -78.50
CA PRO G 364 -59.11 -2.93 -77.62
CA VAL G 365 -59.66 -4.33 -74.16
CA ASN G 366 -57.67 -6.88 -72.18
CA ILE G 367 -59.49 -9.83 -70.62
CA GLU G 368 -57.91 -12.54 -68.48
CA ALA G 369 -59.37 -15.53 -66.66
CA GLU G 370 -58.64 -19.07 -65.61
CA PRO G 371 -60.14 -22.08 -67.37
CA PRO G 372 -60.78 -25.58 -66.07
CA PHE G 373 -57.90 -27.95 -66.71
CA GLY G 374 -59.30 -29.52 -69.88
CA ASP G 375 -60.69 -27.98 -73.04
CA SER G 376 -63.52 -25.48 -72.88
CA TYR G 377 -65.81 -23.22 -74.87
CA ILE G 378 -65.35 -19.48 -74.52
CA ILE G 379 -68.08 -17.23 -75.93
CA ILE G 380 -67.98 -13.46 -76.05
CA GLY G 381 -71.18 -12.03 -77.46
CA VAL G 382 -74.92 -12.38 -77.67
CA GLU G 383 -76.23 -15.13 -79.90
CA PRO G 384 -76.36 -13.14 -83.17
CA GLY G 385 -72.66 -13.06 -83.86
CA GLN G 386 -71.27 -14.81 -80.82
CA LEU G 387 -67.58 -15.57 -80.49
CA LYS G 388 -67.23 -19.21 -79.43
CA LEU G 389 -63.64 -20.15 -78.58
CA ASN G 390 -62.13 -23.51 -77.87
CA TRP G 391 -59.22 -23.60 -75.49
CA PHE G 392 -57.51 -26.56 -73.89
CA LYS G 393 -55.76 -26.43 -70.52
CA LYS G 394 -52.92 -28.83 -69.86
CA GLY G 395 -52.73 -31.06 -66.81
CA SER G 396 -53.69 -28.91 -63.82
CA SER G 397 -55.70 -31.77 -62.30
CA ILE G 398 -53.60 -32.77 -59.29
CA GLY G 399 -50.20 -31.24 -60.05
CA GLN G 400 -52.02 -27.96 -59.53
CA MET G 401 -52.31 -28.70 -55.81
CA ILE G 402 -48.99 -30.38 -55.08
CA GLU G 403 -47.35 -27.25 -56.47
CA THR G 404 -49.92 -25.24 -54.50
CA THR G 405 -48.74 -27.10 -51.43
CA MET G 406 -45.04 -26.67 -52.02
CA ARG G 407 -44.76 -23.00 -52.91
CA GLY G 408 -46.53 -22.28 -49.65
CA ALA G 409 -43.81 -24.35 -48.03
CA LYS G 410 -41.09 -22.20 -49.57
CA ARG G 411 -43.39 -19.30 -48.81
CA MET G 412 -43.46 -20.78 -45.32
CA ALA G 413 -39.70 -21.20 -45.66
CA ILE G 414 -38.68 -17.79 -47.00
CA LEU G 415 -41.04 -16.11 -44.60
CA GLY G 416 -41.10 -17.33 -41.05
CA ASP G 417 -44.43 -17.54 -39.28
CA THR G 418 -45.11 -14.36 -41.25
CA ALA G 419 -46.17 -16.65 -44.08
CA TRP G 420 -49.26 -17.29 -41.94
CA ASP G 421 -50.29 -13.73 -42.75
CA PHE G 422 -52.16 -14.45 -45.96
CA GLY G 423 -55.39 -15.88 -44.57
CA SER G 424 -57.86 -13.29 -43.33
CA LEU G 425 -57.62 -14.33 -39.68
CA GLY G 426 -58.38 -18.01 -39.63
CA GLY G 427 -57.80 -17.35 -35.94
CA VAL G 428 -58.72 -20.62 -34.28
CA PHE G 429 -56.87 -22.18 -37.23
CA THR G 430 -54.43 -19.43 -38.20
CA SER G 431 -53.68 -17.43 -35.06
CA ILE G 432 -52.56 -20.76 -33.61
CA GLY G 433 -50.60 -21.52 -36.77
CA LYS G 434 -48.49 -18.39 -36.66
CA ALA G 435 -48.16 -18.67 -32.88
CA LEU G 436 -47.08 -22.30 -32.95
CA HIS G 437 -44.50 -21.84 -35.71
CA GLN G 438 -42.87 -18.74 -34.24
CA VAL G 439 -41.57 -20.71 -31.26
CA PHE G 440 -40.24 -23.47 -33.50
CA GLY G 441 -38.75 -20.77 -35.67
CA ALA G 442 -37.41 -19.33 -32.44
CA ILE G 443 -35.76 -22.59 -31.38
CA TYR G 444 -34.86 -23.31 -34.99
CA GLY G 445 -33.60 -19.73 -35.24
CA ALA G 446 -31.57 -20.09 -32.07
CA ALA G 447 -30.38 -23.28 -33.72
CA PHE G 448 -28.45 -23.45 -36.98
CA SER G 449 -27.04 -19.95 -36.52
CA GLY G 450 -24.20 -19.85 -39.04
CA VAL G 451 -24.85 -23.12 -40.90
CA SER G 452 -24.51 -23.28 -44.68
CA TRP G 453 -26.14 -24.88 -47.72
CA ILE G 454 -24.35 -28.14 -47.09
CA MET G 455 -23.81 -28.51 -43.36
CA LYS G 456 -27.42 -28.50 -42.23
CA ILE G 457 -28.19 -30.90 -45.06
CA LEU G 458 -25.69 -33.25 -43.41
CA ILE G 459 -27.40 -32.44 -40.14
CA GLY G 460 -30.78 -33.38 -41.57
CA VAL G 461 -29.79 -36.89 -42.57
CA ILE G 462 -28.14 -37.92 -39.31
CA ILE G 463 -31.07 -36.81 -37.16
CA THR G 464 -33.26 -38.64 -39.65
CA TRP G 465 -31.04 -41.66 -39.19
CA ILE G 466 -31.53 -41.33 -35.45
CA GLY G 467 -35.29 -41.36 -35.89
CA MET G 468 -35.23 -44.50 -38.00
CA ASN G 469 -33.02 -46.04 -35.28
CA SER G 470 -35.25 -44.70 -32.51
CA ARG G 471 -37.95 -46.28 -30.34
CA SER G 472 -40.82 -45.40 -28.01
CA THR G 473 -42.71 -43.88 -30.98
CA SER G 474 -40.08 -41.15 -30.78
CA LEU G 475 -38.90 -42.36 -34.18
CA SER G 476 -41.01 -40.00 -36.26
CA VAL G 477 -40.63 -36.93 -34.07
CA SER G 478 -36.87 -37.47 -34.22
CA LEU G 479 -37.13 -37.23 -38.01
CA VAL G 480 -40.51 -35.95 -39.14
CA LEU G 481 -40.43 -32.41 -37.73
CA VAL G 482 -36.64 -32.08 -38.00
CA GLY G 483 -35.04 -34.51 -40.43
CA VAL G 484 -37.14 -33.93 -43.51
CA VAL G 485 -37.77 -30.29 -42.69
CA THR G 486 -34.06 -29.54 -42.39
CA LEU G 487 -33.52 -31.32 -45.69
CA TYR G 488 -36.29 -29.53 -47.58
CA LEU G 489 -35.05 -26.10 -46.55
CA GLY G 490 -31.47 -27.31 -47.04
CA VAL G 491 -32.28 -27.38 -50.72
CA MET G 492 -34.45 -24.26 -50.80
CA VAL G 493 -31.85 -22.29 -48.83
CA GLN G 494 -29.46 -19.71 -50.36
CA ALA G 495 -31.97 -17.68 -52.34
CA SER H 1 -8.77 -13.79 -43.42
CA VAL H 2 -11.72 -11.48 -43.83
CA ALA H 3 -12.72 -13.48 -46.91
CA LEU H 4 -13.80 -16.10 -44.37
CA VAL H 5 -16.86 -15.65 -42.11
CA PRO H 6 -18.46 -14.96 -45.47
CA HIS H 7 -21.88 -13.87 -44.16
CA VAL H 8 -23.79 -17.03 -44.99
CA GLY H 9 -26.08 -18.32 -42.26
CA MET H 10 -27.94 -15.59 -40.40
CA GLY H 11 -31.39 -15.80 -41.88
CA LEU H 12 -32.17 -12.35 -43.27
CA GLU H 13 -32.59 -13.64 -46.83
CA THR H 14 -35.50 -12.86 -49.12
CA ARG H 15 -36.75 -14.12 -52.46
CA THR H 16 -34.09 -11.82 -53.87
CA GLU H 17 -30.83 -13.54 -54.76
CA THR H 18 -27.97 -12.79 -52.38
CA TRP H 19 -24.81 -11.20 -53.71
CA MET H 20 -23.02 -14.31 -54.95
CA SER H 21 -25.74 -16.91 -54.54
CA SER H 22 -25.19 -19.98 -56.76
CA GLU H 23 -21.71 -18.70 -57.60
CA GLY H 24 -20.66 -19.70 -54.12
CA ALA H 25 -23.19 -22.43 -53.37
CA TRP H 26 -20.95 -25.27 -54.50
CA LYS H 27 -17.31 -24.15 -54.58
CA HIS H 28 -16.96 -24.87 -50.89
CA ALA H 29 -17.37 -28.45 -52.10
CA GLN H 30 -15.54 -28.30 -55.44
CA ARG H 31 -12.55 -27.06 -53.45
CA ILE H 32 -12.88 -30.13 -51.24
CA GLU H 33 -13.11 -32.68 -54.03
CA THR H 34 -10.17 -31.24 -55.93
CA TRP H 35 -8.25 -31.08 -52.66
CA ILE H 36 -8.35 -34.84 -52.09
CA LEU H 37 -7.47 -35.16 -55.75
CA ARG H 38 -4.33 -33.21 -54.89
CA HIS H 39 -4.23 -34.90 -51.46
CA PRO H 40 -5.01 -38.62 -51.80
CA GLY H 41 -2.48 -39.89 -49.26
CA PHE H 42 -4.43 -38.16 -46.53
CA THR H 43 -7.66 -39.83 -47.64
CA ILE H 44 -6.39 -43.37 -47.13
CA MET H 45 -5.05 -42.46 -43.70
CA ALA H 46 -8.47 -41.01 -42.99
CA ALA H 47 -10.16 -44.18 -44.23
CA ILE H 48 -8.08 -46.61 -42.19
CA LEU H 49 -8.58 -44.61 -39.01
CA ALA H 50 -12.22 -44.06 -39.90
CA TYR H 51 -12.84 -47.79 -40.12
CA THR H 52 -10.58 -48.32 -37.12
CA ILE H 53 -12.79 -46.14 -34.94
CA GLY H 54 -16.53 -45.53 -34.83
CA THR H 55 -17.73 -49.08 -34.37
CA THR H 56 -20.60 -49.03 -36.83
CA HIS H 57 -20.78 -49.19 -40.57
CA PHE H 58 -22.56 -45.87 -40.10
CA GLN H 59 -20.30 -43.86 -37.81
CA ARG H 60 -17.21 -45.19 -39.58
CA ALA H 61 -18.45 -43.49 -42.73
CA LEU H 62 -19.58 -40.49 -40.69
CA ILE H 63 -16.17 -39.75 -39.21
CA PHE H 64 -14.52 -40.39 -42.57
CA ILE H 65 -16.25 -37.67 -44.56
CA LEU H 66 -15.88 -34.95 -41.94
CA LEU H 67 -12.17 -35.72 -41.61
CA THR H 68 -11.83 -34.87 -45.27
CA ALA H 69 -13.67 -31.62 -44.57
CA VAL H 70 -11.58 -30.42 -41.62
CA ALA H 71 -8.48 -30.40 -43.81
CA PRO H 72 -8.83 -27.18 -45.88
CA MET I 1 34.56 -15.75 -36.51
CA ARG I 2 31.97 -14.53 -39.03
CA CYS I 3 30.11 -17.25 -37.13
CA ILE I 4 30.04 -16.01 -33.52
CA GLY I 5 26.75 -14.98 -31.98
CA ILE I 6 24.36 -16.06 -34.72
CA SER I 7 22.43 -18.57 -32.58
CA ASN I 8 22.51 -20.99 -35.54
CA ARG I 9 25.95 -22.55 -35.56
CA ASP I 10 25.94 -26.37 -35.23
CA PHE I 11 29.63 -26.90 -34.51
CA VAL I 12 31.22 -29.73 -36.49
CA GLU I 13 34.15 -31.74 -35.15
CA GLY I 14 36.46 -34.38 -36.61
CA VAL I 15 37.07 -35.73 -40.07
CA SER I 16 35.83 -38.74 -42.03
CA GLY I 17 38.91 -40.87 -42.64
CA GLY I 18 40.40 -39.10 -45.61
CA SER I 19 40.81 -35.42 -44.78
CA TRP I 20 37.23 -34.69 -45.81
CA VAL I 21 33.85 -34.26 -44.13
CA ASP I 22 30.19 -34.03 -45.13
CA ILE I 23 28.14 -31.09 -43.88
CA VAL I 24 24.73 -29.59 -44.66
CA LEU I 25 24.44 -25.82 -44.73
CA GLU I 26 21.63 -23.32 -45.31
CA HIS I 27 21.19 -19.56 -45.59
CA GLY I 28 20.24 -18.61 -42.02
CA SER I 29 22.88 -20.59 -40.18
CA CYS I 30 26.66 -20.65 -40.36
CA VAL I 31 28.62 -23.80 -39.54
CA THR I 32 31.78 -23.90 -37.44
CA THR I 33 34.15 -26.73 -38.33
CA MET I 34 36.83 -28.41 -36.21
CA ALA I 35 39.44 -31.04 -37.07
CA LYS I 36 41.99 -32.76 -34.85
CA ASN I 37 44.98 -30.95 -36.39
CA LYS I 38 43.72 -28.27 -38.80
CA PRO I 39 42.65 -24.64 -38.51
CA THR I 40 39.03 -24.40 -37.48
CA LEU I 41 36.83 -22.79 -40.10
CA ASP I 42 33.53 -20.95 -40.49
CA PHE I 43 31.12 -21.38 -43.40
CA GLU I 44 27.87 -19.81 -44.55
CA LEU I 45 25.91 -19.47 -47.75
CA ILE I 46 24.88 -15.87 -48.31
CA GLU I 47 23.49 -15.40 -51.83
CA THR I 48 21.36 -17.74 -53.93
CA GLU I 49 20.46 -16.63 -57.45
CA ALA I 50 18.72 -18.16 -60.44
CA LYS I 51 20.48 -16.37 -63.26
CA GLN I 52 17.87 -16.29 -66.01
CA PRO I 53 14.19 -16.59 -65.08
CA ALA I 54 11.43 -17.82 -67.38
CA THR I 55 7.87 -16.59 -66.92
CA LEU I 56 5.33 -19.39 -66.75
CA ARG I 57 1.81 -17.96 -66.58
CA LYS I 58 0.40 -14.45 -66.19
CA TYR I 59 -2.44 -14.07 -63.72
CA CYS I 60 -4.44 -10.88 -63.36
CA ILE I 61 -4.94 -9.41 -59.90
CA GLU I 62 -7.85 -7.30 -61.08
CA ALA I 63 -9.65 -6.36 -64.27
CA LYS I 64 -12.48 -4.23 -65.61
CA LEU I 65 -15.71 -4.72 -67.53
CA THR I 66 -16.52 -2.50 -70.49
CA ASN I 67 -18.55 -2.65 -73.70
CA THR I 68 -21.23 -4.46 -71.76
CA THR I 69 -23.76 -5.92 -74.20
CA THR I 70 -26.93 -7.89 -73.63
CA ASP I 71 -29.33 -9.81 -75.85
CA SER I 72 -32.56 -11.62 -75.05
CA ARG I 73 -35.16 -13.67 -76.88
CA CYS I 74 -38.80 -14.65 -76.74
CA PRO I 75 -39.68 -17.54 -74.37
CA THR I 76 -39.60 -20.46 -76.78
CA GLN I 77 -37.71 -18.69 -79.57
CA GLY I 78 -34.37 -20.42 -79.20
CA GLU I 79 -31.50 -18.90 -77.28
CA PRO I 80 -29.84 -15.48 -77.56
CA SER I 81 -26.51 -15.50 -79.35
CA LEU I 82 -24.08 -12.87 -80.62
CA ASN I 83 -20.65 -13.00 -82.20
CA GLU I 84 -19.36 -11.23 -79.11
CA GLU I 85 -19.54 -14.78 -77.75
CA GLN I 86 -17.05 -15.70 -80.48
CA ASP I 87 -14.80 -13.00 -78.98
CA LYS I 88 -12.52 -14.16 -76.18
CA ARG I 89 -11.73 -10.65 -74.97
CA PHE I 90 -15.41 -10.66 -74.08
CA VAL I 91 -16.87 -12.50 -71.14
CA CYS I 92 -20.16 -14.18 -71.89
CA LYS I 93 -22.97 -16.31 -70.47
CA HIS I 94 -26.68 -17.05 -70.81
CA SER I 95 -29.71 -16.43 -68.60
CA MET I 96 -33.52 -16.69 -68.54
CA VAL I 97 -35.90 -13.79 -67.96
CA ASP I 98 -39.69 -13.47 -68.00
CA ARG I 99 -41.30 -12.44 -71.29
CA GLY I 100 -44.78 -11.20 -72.02
CA TRP I 101 -46.90 -8.48 -73.52
CA GLY I 102 -45.53 -6.11 -70.92
CA ASN I 103 -42.25 -7.19 -72.49
CA GLY I 104 -43.93 -6.66 -75.86
CA CYS I 105 -43.02 -10.29 -76.42
CA GLY I 106 -46.04 -12.58 -76.11
CA LEU I 107 -46.38 -16.16 -74.90
CA PHE I 108 -46.02 -14.88 -71.32
CA GLY I 109 -43.11 -17.18 -70.61
CA LYS I 110 -39.39 -16.92 -69.81
CA GLY I 111 -37.10 -15.88 -72.64
CA GLY I 112 -33.40 -16.49 -72.83
CA ILE I 113 -30.92 -13.67 -72.38
CA VAL I 114 -27.16 -13.24 -72.58
CA THR I 115 -24.69 -10.72 -71.18
CA CYS I 116 -21.34 -9.81 -72.71
CA ALA I 117 -18.55 -7.36 -71.88
CA MET I 118 -14.86 -6.62 -72.28
CA PHE I 119 -12.70 -8.40 -69.82
CA THR I 120 -9.70 -6.13 -69.33
CA CYS I 121 -7.00 -6.78 -66.75
CA LYS I 122 -5.41 -3.87 -64.94
CA LYS I 123 -3.29 -5.62 -62.29
CA ASN I 124 -1.31 -8.78 -62.90
CA MET I 125 0.45 -11.62 -61.14
CA LYS I 126 3.75 -12.77 -62.63
CA GLY I 127 4.86 -16.36 -62.12
CA LYS I 128 8.35 -17.16 -63.36
CA VAL I 129 10.40 -20.35 -63.27
CA VAL I 130 13.94 -21.63 -63.80
CA GLN I 131 15.56 -25.00 -64.19
CA PRO I 132 18.19 -26.30 -61.76
CA GLU I 133 20.75 -25.01 -64.23
CA ASN I 134 21.89 -21.37 -63.93
CA LEU I 135 21.28 -21.62 -60.20
CA GLU I 136 24.18 -19.84 -58.49
CA TYR I 137 25.27 -20.23 -54.88
CA THR I 138 27.50 -17.86 -52.93
CA ILE I 139 29.31 -19.17 -49.85
CA VAL I 140 31.98 -17.29 -47.92
CA ILE I 141 34.79 -19.07 -46.08
CA THR I 142 36.53 -17.62 -43.03
CA PRO I 143 39.37 -19.33 -41.17
CA HIS I 144 39.63 -19.04 -37.41
CA SER I 145 42.70 -16.88 -37.84
CA GLY I 146 43.04 -15.06 -34.56
CA GLU I 147 42.51 -11.76 -36.30
CA GLU I 148 41.33 -8.34 -35.28
CA HIS I 149 37.63 -7.69 -35.93
CA ALA I 150 36.35 -10.83 -37.65
CA VAL I 151 34.05 -12.49 -35.08
CA GLY I 152 30.79 -11.69 -36.85
CA ASN I 153 31.98 -9.08 -39.32
CA ASP I 154 30.03 -9.83 -42.51
CA THR I 155 32.03 -7.44 -44.70
CA GLY I 156 35.63 -6.86 -45.73
CA LYS I 157 38.51 -9.12 -46.67
CA HIS I 158 38.57 -11.27 -43.54
CA GLY I 159 36.95 -14.18 -45.40
CA LYS I 160 36.96 -15.88 -48.79
CA GLU I 161 33.91 -16.23 -51.02
CA ILE I 162 33.19 -19.12 -53.38
CA LYS I 163 30.43 -19.70 -55.93
CA ILE I 164 28.53 -22.92 -56.69
CA THR I 165 26.72 -23.83 -59.92
CA PRO I 166 25.05 -27.13 -60.89
CA GLN I 167 27.54 -27.88 -63.67
CA SER I 168 30.48 -27.45 -61.27
CA SER I 169 30.23 -27.83 -57.50
CA ILE I 170 33.93 -28.27 -56.71
CA THR I 171 35.51 -24.78 -56.87
CA GLU I 172 39.00 -25.48 -55.55
CA ALA I 173 39.41 -22.75 -52.94
CA GLU I 174 42.59 -20.97 -51.92
CA LEU I 175 42.89 -18.84 -48.80
CA THR I 176 45.82 -16.82 -47.49
CA GLY I 177 47.97 -19.03 -45.28
CA TYR I 178 46.69 -22.32 -43.93
CA GLY I 179 47.03 -23.72 -47.43
CA THR I 180 43.95 -24.15 -49.60
CA VAL I 181 40.79 -26.23 -49.56
CA THR I 182 38.54 -28.07 -51.99
CA MET I 183 34.77 -28.23 -51.67
CA GLU I 184 32.20 -30.72 -52.93
CA CYS I 185 28.69 -29.32 -53.01
CA SER I 186 25.60 -31.13 -54.32
CA PRO I 187 23.35 -28.37 -55.71
CA ARG I 188 21.02 -30.56 -57.75
CA THR I 189 19.78 -32.58 -54.76
CA GLY I 190 18.82 -29.39 -52.95
CA LEU I 191 15.49 -27.61 -53.16
CA ASP I 192 14.50 -29.45 -56.37
CA PHE I 193 13.61 -26.66 -58.74
CA ASN I 194 11.18 -27.25 -61.59
CA GLU I 195 8.69 -27.87 -58.77
CA MET I 196 8.52 -24.33 -57.42
CA VAL I 197 7.37 -21.04 -58.92
CA LEU I 198 9.09 -17.67 -58.63
CA LEU I 199 5.87 -15.78 -58.13
CA GLN I 200 6.17 -12.02 -58.56
CA MET I 201 3.77 -9.41 -57.26
CA GLU I 202 4.35 -5.72 -57.99
CA ASN I 203 7.41 -5.10 -55.82
CA LYS I 204 7.78 -8.41 -53.95
CA ALA I 205 8.16 -12.07 -54.80
CA TRP I 206 7.64 -15.50 -53.29
CA LEU I 207 8.75 -19.08 -53.89
CA VAL I 208 5.70 -21.31 -54.04
CA HIS I 209 5.10 -24.85 -55.22
CA ARG I 210 4.84 -25.19 -58.97
CA GLN I 211 1.48 -26.90 -59.37
CA TRP I 212 0.32 -24.79 -56.45
CA PHE I 213 0.73 -21.90 -58.87
CA LEU I 214 -0.94 -23.77 -61.71
CA ASP I 215 -4.29 -24.32 -59.99
CA LEU I 216 -5.21 -20.90 -58.71
CA PRO I 217 -8.71 -19.77 -59.71
CA LEU I 218 -7.97 -16.38 -61.22
CA PRO I 219 -8.13 -15.18 -64.85
CA TRP I 220 -4.69 -16.17 -66.05
CA LEU I 221 -2.71 -15.93 -69.24
CA PRO I 222 0.23 -18.02 -70.47
CA GLY I 223 3.64 -16.55 -69.78
CA ALA I 224 4.36 -16.55 -73.51
CA ASP I 225 1.81 -13.96 -74.58
CA THR I 226 1.69 -10.39 -75.83
CA GLN I 227 -1.93 -9.19 -75.87
CA GLY I 228 -4.41 -10.18 -73.18
CA SER I 229 -7.22 -10.85 -75.64
CA ASN I 230 -7.67 -14.39 -74.33
CA TRP I 231 -7.59 -14.38 -70.54
CA ILE I 232 -8.71 -17.88 -69.68
CA GLN I 233 -10.70 -18.04 -66.44
CA LYS I 234 -12.10 -14.54 -66.73
CA GLU I 235 -15.14 -15.66 -64.72
CA THR I 236 -12.96 -16.10 -61.64
CA LEU I 237 -12.87 -12.32 -61.18
CA VAL I 238 -16.37 -11.23 -62.29
CA THR I 239 -19.88 -12.19 -61.28
CA PHE I 240 -23.29 -12.15 -62.95
CA LYS I 241 -26.40 -11.08 -61.06
CA ASN I 242 -30.04 -11.65 -62.04
CA PRO I 243 -32.25 -10.45 -59.19
CA HIS I 244 -36.00 -10.91 -59.64
CA ALA I 245 -35.49 -12.63 -63.05
CA LYS I 246 -35.70 -9.27 -64.77
CA LYS I 247 -32.60 -7.77 -66.41
CA GLN I 248 -29.38 -9.42 -65.28
CA ASP I 249 -26.03 -7.76 -64.74
CA VAL I 250 -22.33 -8.46 -64.34
CA VAL I 251 -19.57 -6.72 -62.39
CA VAL I 252 -15.90 -6.98 -61.57
CA LEU I 253 -15.11 -8.63 -58.24
CA GLY I 254 -12.53 -6.05 -57.17
CA SER I 255 -8.86 -6.15 -56.29
CA GLN I 256 -7.41 -9.39 -54.92
CA GLU I 257 -4.02 -8.12 -53.75
CA GLY I 258 -4.57 -8.68 -50.04
CA ALA I 259 -6.81 -11.59 -50.97
CA MET I 260 -3.92 -12.99 -52.98
CA HIS I 261 -1.61 -12.13 -50.10
CA THR I 262 -3.69 -14.33 -47.81
CA ALA I 263 -2.78 -17.25 -50.07
CA LEU I 264 0.90 -16.37 -49.80
CA THR I 265 0.89 -17.65 -46.24
CA GLY I 266 3.09 -20.68 -45.76
CA ALA I 267 5.36 -19.42 -48.49
CA THR I 268 8.78 -17.89 -47.87
CA GLU I 269 9.82 -14.42 -48.99
CA ILE I 270 12.19 -14.04 -51.91
CA GLN I 271 13.41 -10.92 -53.66
CA MET I 272 14.01 -10.58 -57.38
CA SER I 273 13.33 -6.85 -57.80
CA SER I 274 17.11 -6.73 -58.15
CA GLY I 275 18.51 -9.95 -59.57
CA ASN I 276 17.04 -13.18 -58.26
CA LEU I 277 18.38 -13.02 -54.73
CA LEU I 278 17.31 -15.93 -52.55
CA PHE I 279 18.00 -16.01 -48.83
CA THR I 280 16.52 -19.35 -47.82
CA GLY I 281 17.12 -23.00 -48.56
CA HIS I 282 20.04 -25.27 -47.88
CA LEU I 283 22.86 -27.11 -49.58
CA LYS I 284 24.63 -30.32 -48.69
CA CYS I 285 28.34 -30.03 -49.31
CA ARG I 286 31.34 -32.32 -48.91
CA LEU I 287 34.33 -30.51 -47.46
CA ARG I 288 37.70 -31.99 -48.35
CA MET I 289 40.30 -30.26 -46.17
CA ASP I 290 43.58 -31.65 -47.51
CA LYS I 291 45.83 -28.71 -48.40
CA LEU I 292 44.89 -27.21 -45.05
CA GLN I 293 47.86 -26.07 -42.98
CA LEU I 294 47.97 -24.39 -39.59
CA LYS I 295 49.99 -21.28 -40.51
CA GLY I 296 51.96 -20.86 -37.32
CA MET I 297 53.42 -24.24 -36.50
CA SER I 298 57.16 -24.20 -35.75
CA TYR I 299 56.77 -20.86 -34.01
CA SER I 300 58.24 -19.81 -30.70
CA MET I 301 56.06 -19.53 -27.66
CA CYS I 302 55.25 -15.98 -26.62
CA THR I 303 57.54 -14.28 -24.12
CA GLY I 304 54.68 -13.23 -21.85
CA LYS I 305 53.04 -10.03 -20.63
CA PHE I 306 49.82 -9.94 -22.57
CA LYS I 307 47.03 -7.50 -21.78
CA VAL I 308 43.27 -7.59 -22.20
CA VAL I 309 41.62 -5.25 -24.67
CA LYS I 310 38.17 -6.86 -24.53
CA GLU I 311 36.57 -9.11 -21.95
CA ILE I 312 35.24 -12.67 -21.77
CA ALA I 313 31.72 -12.04 -23.11
CA GLU I 314 30.41 -15.57 -23.18
CA THR I 315 28.23 -15.91 -26.24
CA GLN I 316 25.40 -18.22 -27.00
CA HIS I 317 26.47 -21.80 -27.71
CA GLY I 318 28.53 -21.65 -24.51
CA THR I 319 31.57 -20.19 -26.27
CA ILE I 320 33.66 -17.43 -24.75
CA VAL I 321 35.60 -14.95 -26.88
CA ILE I 322 38.54 -13.05 -25.41
CA ARG I 323 40.45 -10.28 -27.13
CA VAL I 324 43.84 -9.30 -25.72
CA GLN I 325 46.96 -7.36 -26.61
CA TYR I 326 50.47 -8.79 -26.36
CA GLU I 327 53.55 -6.82 -25.36
CA GLY I 328 56.94 -8.48 -25.51
CA ASP I 329 59.37 -9.80 -28.06
CA GLY I 330 59.63 -12.23 -30.95
CA SER I 331 56.22 -10.96 -32.09
CA PRO I 332 55.71 -13.92 -34.47
CA CYS I 333 55.10 -16.44 -31.72
CA LYS I 334 52.63 -18.79 -30.07
CA ILE I 335 50.38 -17.65 -27.22
CA PRO I 336 50.73 -19.67 -23.98
CA PHE I 337 46.96 -19.94 -23.79
CA GLU I 338 45.26 -22.35 -21.41
CA ILE I 339 41.90 -23.02 -19.79
CA MET I 340 43.03 -24.33 -16.43
CA ASP I 341 41.84 -24.65 -12.83
CA LEU I 342 43.33 -23.98 -9.42
CA GLU I 343 46.06 -26.19 -7.95
CA LYS I 344 46.95 -29.72 -9.06
CA ARG I 345 45.94 -27.83 -12.13
CA HIS I 346 44.15 -29.83 -14.82
CA VAL I 347 43.65 -28.82 -18.43
CA LEU I 348 39.91 -28.26 -18.76
CA GLY I 349 37.86 -26.57 -21.44
CA ARG I 350 38.76 -26.91 -25.11
CA LEU I 351 40.30 -24.18 -27.22
CA ILE I 352 38.08 -23.31 -30.17
CA THR I 353 40.29 -20.95 -32.16
CA VAL I 354 43.12 -23.43 -32.62
CA ASN I 355 46.82 -22.47 -32.85
CA PRO I 356 46.68 -18.85 -31.65
CA ILE I 357 49.82 -17.04 -32.78
CA VAL I 358 50.91 -13.44 -32.45
CA THR I 359 51.95 -11.44 -35.51
CA GLU I 360 52.80 -7.73 -35.50
CA LYS I 361 52.77 -7.57 -31.70
CA ASP I 362 51.18 -4.16 -31.19
CA SER I 363 47.78 -5.30 -32.42
CA PRO I 364 44.98 -6.99 -30.44
CA VAL I 365 44.05 -10.59 -31.13
CA ASN I 366 40.68 -12.20 -30.41
CA ILE I 367 40.46 -15.77 -29.13
CA GLU I 368 37.50 -18.14 -28.85
CA ALA I 369 37.31 -21.20 -26.63
CA GLU I 370 34.86 -22.98 -24.36
CA PRO I 371 34.90 -23.62 -20.62
CA PRO I 372 33.49 -26.62 -18.78
CA PHE I 373 30.04 -26.12 -17.27
CA GLY I 374 31.33 -24.76 -13.95
CA ASP I 375 34.17 -22.60 -12.76
CA SER I 376 37.09 -22.15 -15.14
CA TYR I 377 40.43 -20.37 -15.20
CA ILE I 378 42.05 -18.89 -18.28
CA ILE I 379 45.80 -18.34 -18.45
CA ILE I 380 47.75 -16.52 -21.16
CA GLY I 381 50.93 -15.09 -19.66
CA VAL I 382 53.20 -17.66 -18.17
CA GLU I 383 55.85 -16.99 -15.56
CA PRO I 384 55.63 -13.21 -14.97
CA GLY I 385 52.31 -11.40 -15.16
CA GLN I 386 50.75 -14.79 -15.80
CA LEU I 387 47.33 -13.78 -17.06
CA LYS I 388 45.08 -16.05 -15.01
CA LEU I 389 41.39 -15.14 -15.24
CA ASN I 390 38.49 -16.79 -13.45
CA TRP I 391 35.27 -17.72 -15.21
CA PHE I 392 32.11 -19.67 -14.44
CA LYS I 393 29.60 -21.48 -16.66
CA LYS I 394 25.95 -22.25 -15.99
CA GLY I 395 24.07 -25.53 -16.23
CA SER I 396 25.45 -27.26 -19.31
CA SER I 397 25.88 -30.59 -17.52
CA ILE I 398 22.97 -32.77 -18.67
CA GLY I 399 20.76 -30.02 -20.03
CA GLN I 400 23.59 -29.69 -22.53
CA MET I 401 22.57 -33.00 -24.10
CA ILE I 402 18.81 -32.55 -24.08
CA GLU I 403 18.83 -29.49 -26.36
CA THR I 404 21.65 -31.13 -28.27
CA THR I 405 19.02 -33.66 -29.26
CA MET I 406 16.65 -30.87 -30.24
CA ARG I 407 19.14 -29.33 -32.63
CA GLY I 408 19.49 -32.81 -34.08
CA ALA I 409 15.73 -33.20 -33.74
CA LYS I 410 14.71 -30.00 -35.50
CA ARG I 411 17.48 -30.62 -38.01
CA MET I 412 16.09 -34.13 -38.35
CA ALA I 413 12.75 -32.37 -38.82
CA ILE I 414 13.64 -29.31 -40.92
CA LEU I 415 16.00 -31.40 -42.96
CA GLY I 416 14.78 -34.85 -43.85
CA ASP I 417 17.11 -37.73 -44.60
CA THR I 418 19.60 -35.03 -45.59
CA ALA I 419 19.99 -34.29 -41.88
CA TRP I 420 21.80 -37.63 -41.80
CA ASP I 421 24.42 -36.12 -44.13
CA PHE I 422 25.28 -33.64 -41.37
CA GLY I 423 27.91 -36.07 -40.03
CA SER I 424 31.26 -37.30 -41.29
CA LEU I 425 30.44 -40.56 -43.08
CA GLY I 426 28.74 -42.72 -40.47
CA GLY I 427 29.43 -45.55 -42.92
CA VAL I 428 26.54 -47.98 -42.71
CA PHE I 429 24.69 -46.52 -39.73
CA THR I 430 24.16 -43.08 -41.21
CA SER I 431 23.55 -44.68 -44.60
CA ILE I 432 21.08 -47.07 -43.00
CA GLY I 433 19.51 -44.30 -40.96
CA LYS I 434 19.29 -42.04 -43.99
CA ALA I 435 17.76 -44.66 -46.28
CA LEU I 436 15.13 -45.74 -43.77
CA HIS I 437 14.38 -42.08 -43.11
CA GLN I 438 14.02 -41.66 -46.86
CA VAL I 439 11.28 -44.28 -46.82
CA PHE I 440 9.88 -42.80 -43.62
CA GLY I 441 9.99 -39.41 -45.27
CA ALA I 442 8.61 -41.03 -48.41
CA ILE I 443 5.66 -42.57 -46.60
CA TYR I 444 5.31 -39.41 -44.55
CA GLY I 445 5.49 -37.71 -47.91
CA ALA I 446 2.66 -38.31 -50.35
CA ALA I 447 0.78 -38.00 -47.06
CA PHE I 448 -0.01 -35.19 -44.63
CA SER I 449 -0.15 -33.04 -47.77
CA GLY I 450 -2.44 -30.10 -47.17
CA VAL I 451 -2.40 -30.83 -43.43
CA SER I 452 -1.83 -27.78 -41.27
CA TRP I 453 -0.47 -27.02 -37.80
CA ILE I 454 -3.79 -27.96 -36.24
CA MET I 455 -4.95 -31.26 -37.67
CA LYS I 456 -1.36 -32.41 -37.67
CA ILE I 457 -1.83 -32.44 -33.91
CA LEU I 458 -5.34 -33.87 -34.18
CA ILE I 459 -4.30 -36.97 -36.10
CA GLY I 460 -1.30 -37.42 -33.81
CA VAL I 461 -3.38 -37.98 -30.70
CA ILE I 462 -5.73 -40.22 -32.67
CA ILE I 463 -3.09 -42.81 -33.50
CA THR I 464 -1.70 -42.13 -30.03
CA TRP I 465 -4.96 -42.88 -28.22
CA ILE I 466 -5.51 -46.03 -30.24
CA GLY I 467 -1.81 -46.81 -29.88
CA MET I 468 -2.07 -47.09 -26.12
CA ASN I 469 -5.22 -49.10 -26.87
CA SER I 470 -3.30 -51.36 -29.27
CA ARG I 471 -2.29 -54.91 -28.39
CA SER I 472 0.19 -57.61 -29.46
CA THR I 473 3.00 -55.16 -28.61
CA SER I 474 1.80 -53.23 -31.64
CA LEU I 475 1.05 -50.63 -28.98
CA SER I 476 4.79 -49.96 -29.27
CA VAL I 477 4.12 -49.22 -32.96
CA SER I 478 1.25 -46.74 -33.21
CA LEU I 479 2.89 -44.59 -30.55
CA VAL I 480 6.59 -43.98 -30.94
CA LEU I 481 7.31 -43.49 -34.65
CA VAL I 482 3.90 -42.01 -35.42
CA GLY I 483 1.85 -41.01 -32.38
CA VAL I 484 4.30 -38.61 -30.79
CA VAL I 485 6.49 -37.75 -33.78
CA THR I 486 3.60 -36.16 -35.64
CA LEU I 487 2.74 -34.38 -32.41
CA TYR I 488 6.36 -33.30 -32.16
CA LEU I 489 6.31 -32.33 -35.82
CA GLY I 490 3.10 -30.33 -35.74
CA VAL I 491 4.56 -28.08 -33.07
CA MET I 492 7.66 -27.42 -35.19
CA VAL I 493 5.79 -26.90 -38.47
CA GLN I 494 5.04 -23.40 -39.83
CA ALA I 495 8.52 -22.18 -38.98
CA SER J 1 -11.06 -18.55 -53.06
CA VAL J 2 -7.47 -17.82 -53.88
CA ALA J 3 -7.70 -15.82 -50.66
CA LEU J 4 -8.59 -19.15 -49.05
CA VAL J 5 -6.37 -22.26 -49.57
CA PRO J 6 -3.44 -20.57 -47.87
CA HIS J 7 -0.49 -22.52 -49.33
CA VAL J 8 0.44 -24.56 -46.28
CA GLY J 9 0.58 -28.32 -46.67
CA MET J 10 3.33 -28.71 -49.27
CA GLY J 11 6.42 -28.79 -47.11
CA LEU J 12 8.98 -26.73 -49.04
CA GLU J 13 9.84 -25.24 -45.65
CA THR J 14 13.18 -24.08 -44.29
CA ARG J 15 13.88 -22.75 -40.82
CA THR J 16 13.29 -19.32 -42.35
CA GLU J 17 9.76 -18.14 -41.68
CA THR J 18 7.04 -18.01 -44.32
CA TRP J 19 5.01 -15.02 -45.46
CA MET J 20 2.53 -15.02 -42.58
CA SER J 21 4.12 -16.99 -39.78
CA SER J 22 2.69 -16.91 -36.23
CA GLU J 23 -0.44 -15.21 -37.47
CA GLY J 24 -2.10 -17.93 -39.50
CA ALA J 25 -0.76 -20.34 -36.90
CA TRP J 26 -3.80 -19.41 -34.80
CA LYS J 27 -6.21 -17.72 -37.22
CA HIS J 28 -8.43 -20.79 -37.30
CA ALA J 29 -8.05 -20.88 -33.52
CA GLN J 30 -9.44 -17.37 -33.33
CA ARG J 31 -12.15 -17.62 -35.97
CA ILE J 32 -13.54 -20.85 -34.51
CA GLU J 33 -14.23 -20.05 -30.86
CA THR J 34 -15.38 -16.56 -31.81
CA TRP J 35 -17.94 -18.26 -34.01
CA ILE J 36 -19.15 -20.73 -31.38
CA LEU J 37 -19.45 -18.07 -28.72
CA ARG J 38 -21.15 -16.14 -31.51
CA HIS J 39 -23.34 -19.15 -32.33
CA PRO J 40 -23.81 -21.04 -29.06
CA GLY J 41 -26.86 -22.88 -30.37
CA PHE J 42 -24.96 -25.00 -32.88
CA THR J 43 -22.78 -26.26 -30.05
CA ILE J 44 -25.54 -27.74 -27.92
CA MET J 45 -27.03 -29.76 -30.76
CA ALA J 46 -23.52 -30.93 -31.57
CA ALA J 47 -23.02 -32.16 -28.00
CA ILE J 48 -26.32 -34.04 -27.75
CA LEU J 49 -25.61 -35.61 -31.13
CA ALA J 50 -21.96 -36.14 -30.19
CA TYR J 51 -23.21 -37.75 -27.00
CA THR J 52 -25.89 -39.64 -28.91
CA ILE J 53 -23.60 -40.94 -31.62
CA GLY J 54 -20.44 -42.57 -30.35
CA THR J 55 -20.18 -45.08 -27.54
CA THR J 56 -16.95 -44.20 -25.78
CA HIS J 57 -16.46 -40.80 -24.22
CA PHE J 58 -13.38 -40.69 -26.44
CA GLN J 59 -15.10 -41.11 -29.79
CA ARG J 60 -18.01 -39.03 -28.52
CA ALA J 61 -15.51 -36.31 -27.66
CA LEU J 62 -14.01 -36.70 -31.12
CA ILE J 63 -17.22 -36.28 -33.07
CA PHE J 64 -17.96 -33.18 -31.02
CA ILE J 65 -15.03 -30.92 -31.86
CA LEU J 66 -14.72 -31.92 -35.52
CA LEU J 67 -18.32 -30.85 -36.06
CA THR J 68 -17.47 -27.48 -34.60
CA ALA J 69 -14.53 -27.33 -37.00
CA VAL J 70 -16.51 -27.92 -40.19
CA ALA J 71 -18.75 -25.03 -39.27
CA PRO J 72 -17.05 -21.83 -40.49
CA MET K 1 -40.73 14.27 -15.94
CA ARG K 2 -37.35 13.24 -14.55
CA CYS K 3 -38.01 9.50 -14.61
CA ILE K 4 -37.58 8.41 -18.24
CA GLY K 5 -34.34 6.78 -19.34
CA ILE K 6 -33.35 6.23 -15.73
CA SER K 7 -32.44 2.55 -15.85
CA ASN K 8 -33.78 2.11 -12.31
CA ARG K 9 -37.31 3.30 -12.95
CA ASP K 10 -39.27 0.92 -10.70
CA PHE K 11 -42.89 1.42 -11.67
CA VAL K 12 -45.24 0.90 -8.72
CA GLU K 13 -49.01 0.41 -8.44
CA GLY K 14 -51.37 -0.06 -5.52
CA VAL K 15 -52.79 2.26 -2.87
CA SER K 16 -54.33 -0.49 -0.77
CA GLY K 17 -55.44 -0.21 2.83
CA GLY K 18 -56.47 3.40 3.12
CA SER K 19 -55.12 5.76 0.48
CA TRP K 20 -51.48 5.07 1.25
CA VAL K 21 -48.62 2.81 0.21
CA ASP K 22 -45.11 2.12 1.48
CA ILE K 23 -42.05 2.75 -0.69
CA VAL K 24 -38.28 2.76 -0.35
CA LEU K 25 -36.26 4.93 -2.71
CA GLU K 26 -32.53 5.33 -3.38
CA HIS K 27 -30.28 8.09 -4.75
CA GLY K 28 -29.53 6.19 -7.95
CA SER K 29 -33.08 5.01 -8.59
CA CYS K 30 -36.25 6.82 -9.56
CA VAL K 31 -39.77 5.57 -8.90
CA THR K 32 -42.90 5.93 -11.01
CA THR K 33 -46.18 5.80 -9.09
CA MET K 34 -49.59 5.00 -10.53
CA ALA K 35 -53.15 4.47 -9.34
CA LYS K 36 -56.71 4.22 -10.67
CA ASN K 37 -56.85 7.93 -9.81
CA LYS K 38 -54.58 10.33 -7.96
CA PRO K 39 -52.56 11.47 -11.00
CA THR K 40 -49.25 9.69 -11.48
CA LEU K 41 -46.04 10.94 -9.88
CA ASP K 42 -42.29 10.46 -10.08
CA PHE K 43 -39.96 10.55 -7.08
CA GLU K 44 -36.18 10.77 -6.77
CA LEU K 45 -33.78 11.09 -3.87
CA ILE K 46 -31.28 13.64 -5.15
CA GLU K 47 -29.26 14.80 -2.14
CA THR K 48 -28.38 13.55 1.33
CA GLU K 49 -26.68 15.93 3.74
CA ALA K 50 -25.51 15.76 7.33
CA LYS K 51 -25.59 19.28 8.67
CA GLN K 52 -22.66 19.54 11.09
CA PRO K 53 -20.17 16.68 11.48
CA ALA K 54 -17.87 16.02 14.43
CA THR K 55 -14.27 14.95 13.98
CA LEU K 56 -13.50 11.74 15.86
CA ARG K 57 -9.95 10.74 14.95
CA LYS K 58 -7.07 12.26 13.01
CA TYR K 59 -4.70 9.79 11.38
CA CYS K 60 -1.49 11.08 9.85
CA ILE K 61 -0.86 10.20 6.21
CA GLU K 62 2.78 11.23 5.95
CA ALA K 63 5.08 12.64 8.59
CA LYS K 64 8.60 14.04 8.94
CA LEU K 65 11.46 12.96 11.18
CA THR K 66 13.89 15.58 12.50
CA ASN K 67 16.29 16.07 15.39
CA THR K 68 17.38 12.45 15.10
CA THR K 69 19.11 11.67 18.40
CA THR K 70 20.61 8.45 19.68
CA ASP K 71 22.76 7.18 22.51
CA SER K 72 24.52 3.91 23.30
CA ARG K 73 25.65 2.48 26.60
CA CYS K 74 28.64 0.29 27.55
CA PRO K 75 27.92 -3.43 27.93
CA THR K 76 25.96 -4.85 30.84
CA GLN K 77 25.60 -1.40 32.38
CA GLY K 78 21.99 -1.07 31.38
CA GLU K 79 20.45 0.98 28.68
CA PRO K 80 21.26 4.57 27.73
CA SER K 81 19.13 7.54 28.69
CA LEU K 82 18.03 10.61 26.79
CA ASN K 83 16.13 13.70 27.91
CA GLU K 84 14.34 13.79 24.55
CA GLU K 85 12.64 10.53 25.52
CA GLN K 86 10.57 12.50 28.04
CA ASP K 87 8.92 14.25 25.11
CA LYS K 88 6.40 12.10 23.30
CA ARG K 89 6.93 13.86 19.97
CA PHE K 90 10.14 11.83 19.93
CA VAL K 91 9.58 8.35 18.58
CA CYS K 92 12.04 6.21 20.48
CA LYS K 93 13.44 2.71 20.75
CA HIS K 94 16.29 0.82 22.35
CA SER K 95 18.66 -1.47 20.49
CA MET K 96 21.56 -3.63 21.56
CA VAL K 97 24.96 -3.24 19.92
CA ASP K 98 28.42 -4.80 20.05
CA ARG K 99 30.63 -2.84 22.41
CA GLY K 100 34.29 -3.12 23.39
CA TRP K 101 37.62 -1.32 23.32
CA GLY K 102 37.20 -0.58 19.63
CA ASN K 103 33.82 0.78 20.67
CA GLY K 104 35.79 2.73 23.26
CA CYS K 105 33.81 1.39 26.23
CA GLY K 106 35.62 -1.91 26.68
CA LEU K 107 34.19 -4.98 28.38
CA PHE K 108 33.84 -6.51 24.89
CA GLY K 109 30.17 -7.33 25.03
CA LYS K 110 26.77 -6.18 23.86
CA GLY K 111 25.92 -2.54 24.52
CA GLY K 112 22.46 -1.00 24.72
CA ILE K 113 21.59 1.92 22.45
CA VAL K 114 18.62 4.27 22.05
CA THR K 115 17.26 6.60 19.35
CA CYS K 116 14.80 9.52 19.27
CA ALA K 117 13.53 12.14 16.82
CA MET K 118 10.71 14.60 16.10
CA PHE K 119 7.83 12.69 14.58
CA THR K 120 6.16 15.53 12.70
CA CYS K 121 3.07 14.88 10.61
CA LYS K 122 2.52 16.81 7.41
CA LYS K 123 -0.53 15.07 5.93
CA ASN K 124 -3.49 14.51 8.22
CA MET K 125 -6.26 11.96 7.76
CA LYS K 126 -9.37 12.95 9.71
CA GLY K 127 -12.69 11.16 9.90
CA LYS K 128 -15.68 13.10 11.17
CA VAL K 129 -18.91 11.66 12.55
CA VAL K 130 -22.59 12.58 12.58
CA GLN K 131 -25.60 11.48 14.61
CA PRO K 132 -29.00 10.58 13.13
CA GLU K 133 -30.42 14.06 13.72
CA ASN K 134 -29.25 17.11 11.76
CA LEU K 135 -29.45 14.74 8.78
CA GLU K 136 -31.82 15.91 6.06
CA TYR K 137 -32.86 14.17 2.85
CA THR K 138 -33.48 15.98 -0.42
CA ILE K 139 -36.16 14.25 -2.49
CA VAL K 140 -37.56 15.37 -5.82
CA ILE K 141 -41.28 14.90 -6.39
CA THR K 142 -42.16 15.60 -10.00
CA PRO K 143 -45.61 14.99 -11.47
CA HIS K 144 -46.47 13.52 -14.83
CA SER K 145 -48.04 15.38 -17.76
CA GLY K 146 -44.68 16.44 -19.08
CA GLU K 147 -44.57 19.98 -20.40
CA GLU K 148 -42.11 21.28 -23.00
CA HIS K 149 -38.67 19.71 -22.53
CA ALA K 150 -39.74 17.98 -19.31
CA VAL K 151 -38.57 14.37 -19.71
CA GLY K 152 -35.50 13.57 -17.63
CA ASN K 153 -33.82 16.92 -17.01
CA ASP K 154 -32.60 17.38 -13.48
CA THR K 155 -32.07 20.98 -14.55
CA GLY K 156 -35.30 22.95 -14.54
CA LYS K 157 -38.02 23.07 -11.92
CA HIS K 158 -41.00 20.88 -12.69
CA GLY K 159 -41.71 19.11 -9.39
CA LYS K 160 -41.37 19.45 -5.66
CA GLU K 161 -38.04 19.03 -3.89
CA ILE K 162 -39.01 18.94 -0.23
CA LYS K 163 -36.63 17.95 2.55
CA ILE K 164 -37.10 15.39 5.31
CA THR K 165 -35.46 15.04 8.74
CA PRO K 166 -35.96 12.77 11.73
CA GLN K 167 -37.24 15.94 13.38
CA SER K 168 -39.66 16.15 10.45
CA SER K 169 -43.05 14.47 10.26
CA ILE K 170 -45.95 13.55 7.95
CA THR K 171 -44.32 16.13 5.66
CA GLU K 172 -47.16 17.54 3.60
CA ALA K 173 -46.50 18.44 -0.03
CA GLU K 174 -48.99 20.08 -2.39
CA LEU K 175 -48.89 19.97 -6.18
CA THR K 176 -49.89 22.84 -8.42
CA GLY K 177 -53.13 21.96 -10.16
CA TYR K 178 -53.02 18.56 -8.48
CA GLY K 179 -53.88 17.91 -4.87
CA THR K 180 -51.60 17.45 -1.89
CA VAL K 181 -49.43 14.45 -1.04
CA THR K 182 -48.11 13.61 2.41
CA MET K 183 -44.93 11.57 2.76
CA GLU K 184 -43.74 9.87 5.92
CA CYS K 185 -40.23 8.54 5.64
CA SER K 186 -37.99 6.56 8.00
CA PRO K 187 -34.80 8.65 7.95
CA ARG K 188 -33.34 7.02 11.07
CA THR K 189 -33.54 3.50 9.64
CA GLY K 190 -32.52 4.72 6.18
CA LEU K 191 -28.73 4.54 6.25
CA ASP K 192 -28.30 3.34 9.85
CA PHE K 193 -25.65 5.69 11.17
CA ASN K 194 -23.85 5.57 14.54
CA GLU K 195 -21.46 3.03 13.02
CA MET K 196 -20.60 5.26 10.06
CA VAL K 197 -17.42 7.27 9.54
CA LEU K 198 -17.11 10.27 7.22
CA LEU K 199 -13.59 9.79 5.93
CA GLN K 200 -11.96 12.87 4.40
CA MET K 201 -8.72 13.00 2.45
CA GLU K 202 -7.34 16.20 0.89
CA ASN K 203 -10.10 16.65 -1.70
CA LYS K 204 -12.08 13.38 -1.69
CA ALA K 205 -14.36 11.72 0.80
CA TRP K 206 -15.80 8.37 1.85
CA LEU K 207 -18.27 6.75 4.22
CA VAL K 208 -16.88 3.79 6.14
CA HIS K 209 -17.74 1.82 9.24
CA ARG K 210 -16.20 2.95 12.51
CA GLN K 211 -14.36 -0.16 13.62
CA TRP K 212 -12.62 -0.67 10.28
CA PHE K 213 -11.81 3.02 10.32
CA LEU K 214 -10.90 2.76 14.00
CA ASP K 215 -8.58 -0.20 13.36
CA LEU K 216 -6.57 1.54 10.65
CA PRO K 217 -2.91 1.22 11.64
CA LEU K 218 -1.58 4.77 11.38
CA PRO K 219 -0.12 7.28 13.83
CA TRP K 220 -3.39 8.91 14.77
CA LEU K 221 -4.82 11.71 16.85
CA PRO K 222 -8.08 12.26 18.73
CA GLY K 223 -10.72 14.34 17.02
CA ALA K 224 -10.81 16.74 19.97
CA ASP K 225 -7.01 17.09 19.93
CA THR K 226 -5.74 20.64 19.88
CA GLN K 227 -2.07 21.30 19.00
CA GLY K 228 -1.71 18.00 17.24
CA SER K 229 1.89 17.33 18.19
CA ASN K 230 1.36 14.30 20.46
CA TRP K 231 0.89 11.70 17.77
CA ILE K 232 0.05 8.32 19.21
CA GLN K 233 1.27 5.26 17.27
CA LYS K 234 4.06 7.12 15.51
CA GLU K 235 6.04 3.93 14.87
CA THR K 236 3.33 2.83 12.42
CA LEU K 237 4.90 5.39 10.07
CA VAL K 238 8.59 5.15 11.02
CA THR K 239 11.11 2.37 11.48
CA PHE K 240 14.52 1.59 12.96
CA LYS K 241 17.38 0.40 10.76
CA ASN K 242 20.33 -1.40 12.38
CA PRO K 243 22.12 -3.40 9.66
CA HIS K 244 24.59 -4.97 12.07
CA ALA K 245 25.44 -4.96 15.77
CA LYS K 246 26.14 -1.29 15.18
CA LYS K 247 24.29 2.01 15.31
CA GLN K 248 20.59 1.84 14.54
CA ASP K 249 18.82 4.48 12.50
CA VAL K 250 15.31 5.73 11.76
CA VAL K 251 13.49 6.76 8.59
CA VAL K 252 9.98 7.81 7.64
CA LEU K 253 7.89 5.20 5.89
CA GLY K 254 6.82 7.46 3.04
CA SER K 255 3.42 8.54 1.80
CA GLN K 256 0.45 6.20 2.24
CA GLU K 257 -2.03 8.15 0.14
CA GLY K 258 -2.42 5.32 -2.34
CA ALA K 259 -2.22 2.91 0.57
CA MET K 260 -5.31 4.64 1.92
CA HIS K 261 -6.74 4.20 -1.56
CA THR K 262 -5.97 0.49 -1.47
CA ALA K 263 -7.76 0.46 1.87
CA LEU K 264 -10.78 2.13 0.24
CA THR K 265 -11.46 -0.85 -2.04
CA GLY K 266 -15.09 -1.16 -1.08
CA ALA K 267 -16.11 2.17 0.37
CA THR K 268 -18.29 4.64 -1.47
CA GLU K 269 -16.66 7.95 -2.34
CA ILE K 270 -18.65 10.97 -1.18
CA GLN K 271 -17.98 14.68 -0.81
CA MET K 272 -18.07 16.65 2.42
CA SER K 273 -16.67 19.48 0.34
CA SER K 274 -18.90 22.53 0.49
CA GLY K 275 -21.09 20.42 2.74
CA ASN K 276 -21.47 16.81 3.89
CA LEU K 277 -23.12 15.62 0.70
CA LEU K 278 -24.27 12.03 0.12
CA PHE K 279 -25.56 10.67 -3.16
CA THR K 280 -26.03 7.02 -2.26
CA GLY K 281 -28.23 5.02 0.05
CA HIS K 282 -31.97 4.63 0.28
CA LEU K 283 -34.97 5.75 2.28
CA LYS K 284 -38.21 4.05 3.24
CA CYS K 285 -41.18 6.34 2.63
CA ARG K 286 -44.88 6.09 3.43
CA LEU K 287 -46.78 7.52 0.48
CA ARG K 288 -50.13 9.16 1.22
CA MET K 289 -51.75 10.98 -1.68
CA ASP K 290 -55.13 11.34 0.01
CA LYS K 291 -55.58 14.67 -1.77
CA LEU K 292 -54.81 14.59 -5.48
CA GLN K 293 -56.72 16.13 -8.36
CA LEU K 294 -56.21 14.80 -11.86
CA LYS K 295 -56.02 18.45 -12.96
CA GLY K 296 -57.96 17.55 -16.08
CA MET K 297 -61.47 16.77 -14.91
CA SER K 298 -64.17 19.24 -15.93
CA TYR K 299 -62.58 19.61 -19.35
CA SER K 300 -63.45 18.70 -22.92
CA MET K 301 -62.03 16.21 -25.33
CA CYS K 302 -59.95 18.04 -27.91
CA THR K 303 -61.33 19.04 -31.31
CA GLY K 304 -58.84 17.09 -33.44
CA LYS K 305 -56.00 17.95 -35.79
CA PHE K 306 -53.06 17.05 -33.61
CA LYS K 307 -49.45 17.05 -34.80
CA VAL K 308 -46.56 14.86 -33.69
CA VAL K 309 -43.45 16.89 -32.95
CA LYS K 310 -41.17 14.12 -31.64
CA GLU K 311 -41.10 10.42 -32.35
CA ILE K 312 -42.33 7.40 -30.42
CA ALA K 313 -38.81 6.51 -29.22
CA GLU K 314 -39.62 3.47 -27.12
CA THR K 315 -37.93 3.84 -23.77
CA GLN K 316 -36.83 0.70 -21.99
CA HIS K 317 -39.39 -0.86 -19.63
CA GLY K 318 -41.79 -0.90 -22.61
CA THR K 319 -42.30 2.79 -22.01
CA ILE K 320 -42.76 4.40 -25.43
CA VAL K 321 -42.84 8.22 -25.27
CA ILE K 322 -44.38 10.44 -27.93
CA ARG K 323 -44.30 14.20 -28.10
CA VAL K 324 -46.91 15.97 -30.21
CA GLN K 325 -48.51 19.38 -30.56
CA TYR K 326 -52.18 20.27 -30.86
CA GLU K 327 -53.60 22.79 -33.30
CA GLY K 328 -57.18 23.99 -33.06
CA ASP K 329 -59.23 26.48 -31.04
CA GLY K 330 -59.77 25.36 -27.44
CA SER K 331 -56.46 25.36 -25.65
CA PRO K 332 -57.70 23.84 -22.35
CA CYS K 333 -58.99 20.43 -23.35
CA LYS K 334 -58.44 16.73 -22.67
CA ILE K 335 -56.52 14.82 -25.32
CA PRO K 336 -58.27 11.98 -27.18
CA PHE K 337 -55.50 9.43 -26.72
CA GLU K 338 -56.08 5.67 -26.94
CA ILE K 339 -54.05 2.53 -27.62
CA MET K 340 -56.05 -0.22 -29.25
CA ASP K 341 -56.00 -3.16 -31.69
CA LEU K 342 -55.80 -3.15 -35.49
CA GLU K 343 -59.53 -3.58 -35.94
CA LYS K 344 -60.35 -0.90 -33.40
CA ARG K 345 -62.57 -3.22 -31.37
CA HIS K 346 -60.36 -3.99 -28.35
CA VAL K 347 -58.69 -1.28 -26.31
CA LEU K 348 -55.26 -2.44 -25.17
CA GLY K 349 -52.22 -1.08 -23.37
CA ARG K 350 -52.51 1.33 -20.46
CA LEU K 351 -51.68 5.03 -20.55
CA ILE K 352 -49.06 6.13 -18.03
CA THR K 353 -49.20 9.89 -18.54
CA VAL K 354 -52.69 9.84 -17.08
CA ASN K 355 -55.31 12.41 -18.12
CA PRO K 356 -53.53 14.05 -21.06
CA ILE K 357 -54.61 17.63 -21.50
CA VAL K 358 -53.86 20.58 -23.78
CA THR K 359 -52.92 24.00 -22.42
CA GLU K 360 -51.46 26.97 -24.26
CA LYS K 361 -52.27 25.26 -27.57
CA ASP K 362 -49.02 26.50 -29.11
CA SER K 363 -47.09 24.25 -26.72
CA PRO K 364 -46.24 20.71 -27.80
CA VAL K 365 -46.73 17.99 -25.22
CA ASN K 366 -44.87 14.74 -24.62
CA ILE K 367 -46.98 11.72 -23.66
CA GLU K 368 -45.81 8.25 -22.68
CA ALA K 369 -47.53 4.93 -22.05
CA GLU K 370 -46.92 1.21 -22.32
CA PRO K 371 -47.83 -1.12 -25.18
CA PRO K 372 -48.62 -4.80 -24.86
CA PHE K 373 -46.15 -7.29 -26.33
CA GLY K 374 -46.06 -7.23 -30.12
CA ASP K 375 -47.84 -4.77 -32.36
CA SER K 376 -49.84 -1.92 -30.84
CA TYR K 377 -51.83 0.92 -32.38
CA ILE K 378 -52.28 4.44 -31.06
CA ILE K 379 -55.27 6.73 -31.48
CA ILE K 380 -54.60 10.46 -31.29
CA GLY K 381 -57.39 13.03 -31.43
CA VAL K 382 -60.76 12.69 -33.08
CA GLU K 383 -61.78 11.28 -36.42
CA PRO K 384 -61.46 14.24 -38.88
CA GLY K 385 -57.71 14.43 -38.36
CA GLN K 386 -56.97 11.72 -35.84
CA LEU K 387 -53.77 9.70 -35.90
CA LYS K 388 -53.48 5.92 -35.99
CA LEU K 389 -49.77 5.19 -35.62
CA ASN K 390 -48.43 1.69 -36.03
CA TRP K 391 -46.19 0.53 -33.23
CA PHE K 392 -44.61 -2.84 -32.60
CA LYS K 393 -43.51 -3.45 -29.06
CA LYS K 394 -40.79 -6.06 -29.05
CA GLY K 395 -42.82 -9.22 -28.59
CA SER K 396 -41.96 -10.42 -25.10
CA SER K 397 -43.38 -13.01 -22.74
CA ILE K 398 -42.98 -14.46 -19.23
CA GLY K 399 -39.39 -13.49 -19.90
CA GLN K 400 -40.61 -10.04 -18.91
CA MET K 401 -41.39 -11.19 -15.37
CA ILE K 402 -38.24 -13.29 -15.19
CA GLU K 403 -36.71 -9.83 -15.39
CA THR K 404 -39.12 -8.73 -12.68
CA THR K 405 -38.20 -11.73 -10.54
CA MET K 406 -34.46 -11.19 -10.82
CA ARG K 407 -34.93 -7.44 -10.40
CA GLY K 408 -36.92 -8.12 -7.26
CA ALA K 409 -34.27 -10.66 -6.33
CA LYS K 410 -31.65 -8.01 -7.02
CA ARG K 411 -33.71 -5.72 -4.84
CA MET K 412 -33.69 -8.52 -2.25
CA ALA K 413 -29.92 -8.62 -2.59
CA ILE K 414 -28.77 -5.09 -1.75
CA LEU K 415 -31.92 -4.38 0.22
CA GLY K 416 -31.96 -7.43 2.44
CA ASP K 417 -35.40 -7.20 4.01
CA THR K 418 -36.24 -3.54 3.39
CA ALA K 419 -36.89 -4.60 -0.20
CA TRP K 420 -40.10 -6.12 1.19
CA ASP K 421 -41.44 -2.58 1.53
CA PHE K 422 -43.06 -1.70 -1.79
CA GLY K 423 -46.53 -3.07 -1.13
CA SER K 424 -49.08 -1.78 1.35
CA LEU K 425 -49.43 -4.45 4.05
CA GLY K 426 -49.15 -7.71 2.22
CA GLY K 427 -49.50 -8.93 5.77
CA VAL K 428 -50.29 -12.63 5.52
CA PHE K 429 -47.71 -12.54 2.73
CA THR K 430 -45.45 -9.58 3.51
CA SER K 431 -45.57 -8.95 7.27
CA ILE K 432 -44.12 -12.43 7.58
CA GLY K 433 -41.77 -11.86 4.64
CA LYS K 434 -39.83 -9.18 6.47
CA ALA K 435 -39.78 -10.92 9.85
CA LEU K 436 -38.61 -14.21 8.37
CA HIS K 437 -36.03 -12.48 6.19
CA GLN K 438 -34.81 -10.58 9.24
CA VAL K 439 -33.76 -13.72 11.11
CA PHE K 440 -32.15 -15.24 8.05
CA GLY K 441 -30.57 -11.88 7.38
CA ALA K 442 -29.59 -11.97 11.04
CA ILE K 443 -27.92 -15.35 10.58
CA TYR K 444 -26.82 -14.21 7.12
CA GLY K 445 -25.36 -11.16 8.80
CA ALA K 446 -22.53 -11.64 11.29
CA ALA K 447 -21.75 -14.71 9.19
CA PHE K 448 -20.06 -13.52 6.01
CA SER K 449 -18.43 -10.41 7.49
CA GLY K 450 -15.01 -10.15 5.86
CA VAL K 451 -15.35 -12.58 2.95
CA SER K 452 -15.18 -11.21 -0.56
CA TRP K 453 -16.38 -11.77 -4.13
CA ILE K 454 -14.57 -15.07 -4.40
CA MET K 455 -14.74 -16.28 -0.81
CA LYS K 456 -18.54 -16.26 -0.86
CA ILE K 457 -18.44 -18.39 -4.01
CA LEU K 458 -16.04 -21.03 -2.71
CA ILE K 459 -17.90 -21.47 0.55
CA GLY K 460 -21.09 -21.53 -1.49
CA VAL K 461 -19.64 -24.44 -3.42
CA ILE K 462 -18.72 -26.54 -0.40
CA ILE K 463 -22.07 -26.07 1.33
CA THR K 464 -24.05 -27.07 -1.74
CA TRP K 465 -21.79 -30.01 -2.59
CA ILE K 466 -22.00 -31.59 0.86
CA GLY K 467 -25.76 -31.10 0.91
CA MET K 468 -26.26 -32.86 -2.41
CA ASN K 469 -24.14 -35.64 -0.85
CA SER K 470 -26.41 -35.68 2.21
CA ARG K 471 -29.46 -37.72 3.22
CA SER K 472 -32.70 -37.49 5.22
CA THR K 473 -34.04 -34.78 2.87
CA SER K 474 -31.48 -32.51 4.48
CA LEU K 475 -30.11 -32.06 0.97
CA SER K 476 -32.50 -29.29 -0.02
CA VAL K 477 -32.24 -27.50 3.31
CA SER K 478 -28.50 -27.41 2.59
CA LEU K 479 -28.93 -26.36 -1.06
CA VAL K 480 -32.04 -24.34 -1.86
CA LEU K 481 -31.50 -21.53 0.64
CA VAL K 482 -27.90 -22.33 1.56
CA GLY K 483 -25.80 -23.31 -1.43
CA VAL K 484 -27.53 -21.43 -4.20
CA VAL K 485 -28.40 -18.15 -2.50
CA THR K 486 -24.83 -17.48 -1.43
CA LEU K 487 -23.61 -18.20 -4.95
CA TYR K 488 -26.24 -15.86 -6.37
CA LEU K 489 -25.26 -13.19 -3.88
CA GLY K 490 -21.57 -13.96 -4.27
CA VAL K 491 -21.74 -12.91 -7.92
CA MET K 492 -23.96 -9.91 -7.14
CA VAL K 493 -21.82 -8.51 -4.30
CA GLN K 494 -18.98 -6.03 -4.86
CA ALA K 495 -21.29 -3.71 -6.71
CA SER L 1 -0.42 -2.93 5.84
CA VAL L 2 -3.43 -0.71 5.25
CA ALA L 3 -3.35 -2.09 1.71
CA LEU L 4 -4.88 -5.08 3.46
CA VAL L 5 -8.05 -4.85 5.60
CA PRO L 6 -9.49 -3.55 2.36
CA HIS L 7 -13.02 -2.67 3.55
CA VAL L 8 -14.71 -5.42 1.56
CA GLY L 9 -16.61 -8.17 3.38
CA MET L 10 -18.36 -5.54 5.30
CA GLY L 11 -21.88 -4.83 4.08
CA LEU L 12 -23.01 -1.21 4.03
CA GLU L 13 -23.11 -1.27 0.21
CA THR L 14 -25.80 0.21 -2.05
CA ARG L 15 -26.87 0.18 -5.70
CA THR L 16 -24.05 2.67 -6.27
CA GLU L 17 -20.69 1.02 -6.80
CA THR L 18 -17.89 1.09 -4.25
CA TRP L 19 -14.85 3.32 -4.61
CA MET L 20 -13.00 0.97 -6.93
CA SER L 21 -15.32 -1.91 -7.72
CA SER L 22 -14.68 -3.97 -10.88
CA GLU L 23 -11.09 -2.76 -10.66
CA GLY L 24 -10.20 -4.56 -7.43
CA ALA L 25 -12.29 -7.66 -8.08
CA TRP L 26 -10.32 -10.07 -10.28
CA LYS L 27 -6.98 -8.74 -9.07
CA HIS L 28 -7.07 -10.56 -5.75
CA ALA L 29 -7.49 -13.57 -8.04
CA GLN L 30 -5.13 -12.99 -10.96
CA ARG L 31 -2.48 -12.01 -8.43
CA ILE L 32 -2.02 -15.59 -7.23
CA GLU L 33 -1.86 -17.23 -10.66
CA THR L 34 0.81 -14.76 -11.67
CA TRP L 35 2.49 -15.83 -8.43
CA ILE L 36 1.88 -19.41 -9.56
CA LEU L 37 3.60 -18.77 -12.89
CA ARG L 38 6.47 -17.40 -10.83
CA HIS L 39 6.36 -20.34 -8.39
CA PRO L 40 5.61 -23.57 -10.25
CA GLY L 41 7.60 -25.75 -7.88
CA PHE L 42 5.47 -24.97 -4.83
CA THR L 43 2.42 -26.08 -6.80
CA ILE L 44 3.81 -29.54 -7.49
CA MET L 45 4.45 -30.51 -3.89
CA ALA L 46 1.09 -29.04 -2.99
CA ALA L 47 -0.42 -31.50 -5.47
CA ILE L 48 1.22 -34.60 -4.00
CA LEU L 49 0.72 -33.22 -0.50
CA ALA L 50 -2.88 -32.48 -1.40
CA TYR L 51 -3.17 -35.89 -3.00
CA THR L 52 -1.53 -37.85 -0.18
CA ILE L 53 -3.76 -36.61 2.63
CA GLY L 54 -7.35 -35.88 1.69
CA THR L 55 -8.85 -39.32 1.10
CA THR L 56 -11.54 -38.25 -1.33
CA HIS L 57 -10.93 -36.67 -4.68
CA PHE L 58 -13.08 -33.87 -3.31
CA GLN L 59 -10.90 -33.52 -0.21
CA ARG L 60 -7.82 -33.39 -2.43
CA ALA L 61 -9.46 -30.90 -4.77
CA LEU L 62 -10.41 -28.82 -1.74
CA ILE L 63 -7.11 -28.99 0.07
CA PHE L 64 -5.20 -28.21 -3.09
CA ILE L 65 -6.61 -24.84 -4.11
CA LEU L 66 -6.63 -23.53 -0.55
CA LEU L 67 -2.91 -24.28 -0.37
CA THR L 68 -2.41 -22.17 -3.45
CA ALA L 69 -4.58 -19.44 -1.97
CA VAL L 70 -2.60 -19.20 1.28
CA ALA L 71 0.64 -18.45 -0.58
CA PRO L 72 0.96 -14.67 -1.05
CA MET M 1 45.74 -16.26 67.80
CA ARG M 2 42.73 -14.11 66.99
CA CYS M 3 41.20 -17.51 66.23
CA ILE M 4 40.68 -19.35 69.51
CA GLY M 5 37.17 -18.68 70.81
CA ILE M 6 35.86 -18.43 67.27
CA SER M 7 33.41 -21.24 66.69
CA ASN M 8 33.60 -23.62 63.71
CA ARG M 9 37.28 -22.94 63.20
CA ASP M 10 38.86 -25.37 60.76
CA PHE M 11 41.95 -27.44 61.47
CA VAL M 12 43.81 -28.73 58.42
CA GLU M 13 46.82 -31.05 58.17
CA GLY M 14 48.45 -30.92 54.74
CA VAL M 15 51.58 -29.79 52.91
CA SER M 16 51.48 -32.29 50.09
CA GLY M 17 52.42 -31.83 46.48
CA GLY M 18 55.23 -29.39 47.04
CA SER M 19 54.89 -27.35 50.21
CA TRP M 20 51.31 -26.34 49.48
CA VAL M 21 47.74 -27.08 50.50
CA ASP M 22 44.41 -25.90 49.15
CA ILE M 23 41.59 -24.38 51.21
CA VAL M 24 38.83 -21.78 51.03
CA LEU M 25 38.33 -19.04 53.59
CA GLU M 26 35.25 -16.98 54.41
CA HIS M 27 34.20 -13.98 56.45
CA GLY M 28 32.62 -16.52 58.80
CA SER M 29 35.37 -18.36 60.66
CA CYS M 30 39.10 -18.95 60.93
CA VAL M 31 41.44 -21.69 59.74
CA THR M 32 44.32 -23.39 61.53
CA THR M 33 46.97 -25.16 59.47
CA MET M 34 49.24 -28.01 60.55
CA ALA M 35 52.10 -30.12 59.23
CA LYS M 36 55.01 -32.19 60.54
CA ASN M 37 56.95 -28.93 60.18
CA LYS M 38 56.06 -25.47 58.92
CA PRO M 39 54.71 -24.33 62.30
CA THR M 40 50.98 -23.85 62.59
CA LEU M 41 49.22 -20.74 61.24
CA ASP M 42 45.84 -19.10 61.60
CA PHE M 43 43.77 -17.33 58.95
CA GLU M 44 40.69 -15.14 58.56
CA LEU M 45 38.99 -13.37 55.68
CA ILE M 46 38.29 -10.11 57.48
CA GLU M 47 37.27 -7.72 54.70
CA THR M 48 36.05 -7.90 51.14
CA GLU M 49 35.91 -4.62 49.28
CA ALA M 50 34.96 -3.56 45.77
CA LYS M 51 36.20 -0.19 44.61
CA GLN M 52 34.05 1.43 41.91
CA PRO M 53 30.33 0.58 41.94
CA ALA M 54 28.46 1.29 38.74
CA THR M 55 24.81 2.15 39.19
CA LEU M 56 22.52 0.04 37.05
CA ARG M 57 18.93 1.12 37.71
CA LYS M 58 17.46 3.80 39.96
CA TYR M 59 14.21 3.10 41.79
CA CYS M 60 11.74 5.58 43.22
CA ILE M 61 11.04 4.43 46.77
CA GLU M 62 8.44 7.14 47.29
CA ALA M 63 7.04 9.88 45.07
CA LYS M 64 4.60 12.78 44.92
CA LEU M 65 1.78 13.85 42.61
CA THR M 66 1.20 17.45 41.58
CA ASN M 67 -0.88 19.53 39.16
CA THR M 68 -3.58 16.90 38.91
CA THR M 69 -5.63 17.64 35.81
CA THR M 70 -8.51 15.80 34.18
CA ASP M 71 -10.31 16.13 30.87
CA SER M 72 -13.72 14.75 29.96
CA ARG M 73 -15.34 14.03 26.60
CA CYS M 74 -18.99 13.99 25.66
CA PRO M 75 -19.72 10.41 24.56
CA THR M 76 -19.68 8.82 21.13
CA GLN M 77 -17.33 11.49 19.80
CA GLY M 78 -13.60 11.48 20.45
CA GLU M 79 -11.71 11.21 23.68
CA PRO M 80 -10.48 13.83 26.15
CA SER M 81 -7.31 15.18 24.58
CA LEU M 82 -4.98 16.76 27.13
CA ASN M 83 -1.72 18.60 26.49
CA GLU M 84 0.10 17.43 29.63
CA GLU M 85 -0.07 13.90 28.19
CA GLN M 86 2.95 14.74 26.02
CA ASP M 87 5.27 15.06 29.03
CA LYS M 88 6.34 11.75 30.50
CA ARG M 89 6.43 13.16 34.01
CA PHE M 90 2.63 13.06 33.92
CA VAL M 91 0.97 9.78 34.77
CA CYS M 92 -2.04 9.28 32.56
CA LYS M 93 -4.91 6.97 31.79
CA HIS M 94 -8.24 7.22 29.99
CA SER M 95 -11.32 6.48 32.06
CA MET M 96 -14.95 6.10 31.17
CA VAL M 97 -17.85 7.87 32.89
CA ASP M 98 -21.62 8.28 32.60
CA ARG M 99 -22.79 11.32 30.66
CA GLY M 100 -26.15 12.87 29.89
CA TRP M 101 -27.94 16.20 29.75
CA GLY M 102 -27.18 16.61 33.45
CA ASN M 103 -23.45 16.92 32.82
CA GLY M 104 -23.58 19.14 29.76
CA CYS M 105 -23.99 16.58 27.01
CA GLY M 106 -26.69 16.24 24.37
CA LEU M 107 -26.53 12.47 24.68
CA PHE M 108 -27.46 10.15 27.55
CA GLY M 109 -24.59 7.75 27.12
CA LYS M 110 -21.23 6.84 28.59
CA GLY M 111 -18.48 9.47 28.46
CA GLY M 112 -14.74 9.05 28.18
CA ILE M 113 -12.47 10.90 30.59
CA VAL M 114 -8.72 11.24 31.08
CA THR M 115 -6.60 12.30 34.05
CA CYS M 116 -3.03 13.48 34.42
CA ALA M 117 -0.49 14.66 37.00
CA MET M 118 3.30 14.70 36.86
CA PHE M 119 4.96 11.86 38.74
CA THR M 120 7.46 13.40 41.16
CA CYS M 121 9.79 11.04 42.95
CA LYS M 122 10.75 12.28 46.38
CA LYS M 123 12.99 9.49 47.66
CA ASN M 124 14.92 6.86 45.81
CA MET M 125 16.94 3.67 45.75
CA LYS M 126 19.57 2.50 43.30
CA GLY M 127 21.40 -0.72 42.52
CA LYS M 128 25.08 -0.54 41.64
CA VAL M 129 27.39 -3.14 40.16
CA VAL M 130 31.14 -3.72 40.24
CA GLN M 131 33.52 -5.89 38.31
CA PRO M 132 35.46 -9.03 39.17
CA GLU M 133 38.27 -6.48 39.09
CA ASN M 134 38.18 -3.22 41.07
CA LEU M 135 37.82 -5.18 44.30
CA GLU M 136 40.12 -6.38 47.09
CA TYR M 137 40.02 -9.03 49.78
CA THR M 138 41.54 -8.72 53.24
CA ILE M 139 42.99 -11.53 55.34
CA VAL M 140 44.90 -11.63 58.63
CA ILE M 141 47.43 -14.44 59.01
CA THR M 142 49.05 -15.23 62.35
CA PRO M 143 51.65 -17.79 63.43
CA HIS M 144 51.46 -19.73 66.68
CA SER M 145 53.98 -17.65 68.58
CA GLY M 146 51.91 -18.34 71.69
CA GLU M 147 52.39 -14.69 72.55
CA GLU M 148 50.76 -13.69 75.80
CA HIS M 149 47.79 -11.39 75.22
CA ALA M 150 47.76 -12.61 71.64
CA VAL M 151 44.79 -14.99 71.84
CA GLY M 152 41.39 -14.38 70.28
CA ASN M 153 42.01 -10.63 70.09
CA ASP M 154 41.32 -9.09 66.75
CA THR M 155 42.97 -6.12 68.43
CA GLY M 156 46.72 -6.10 68.63
CA LYS M 157 48.91 -6.44 65.57
CA HIS M 158 50.24 -9.96 65.93
CA GLY M 159 49.51 -11.56 62.57
CA LYS M 160 50.23 -10.44 59.02
CA GLU M 161 47.61 -8.44 57.15
CA ILE M 162 47.63 -8.67 53.35
CA LYS M 163 45.41 -7.56 50.49
CA ILE M 164 44.70 -9.51 47.32
CA THR M 165 43.16 -8.55 43.99
CA PRO M 166 42.28 -10.29 40.74
CA GLN M 167 45.19 -8.30 39.35
CA SER M 168 47.25 -9.76 42.17
CA SER M 169 49.24 -12.97 42.17
CA ILE M 170 51.07 -15.38 44.49
CA THR M 171 51.36 -12.19 46.63
CA GLU M 172 54.34 -13.11 48.81
CA ALA M 173 53.85 -12.40 52.51
CA GLU M 174 56.89 -12.56 54.77
CA LEU M 175 55.97 -12.75 58.44
CA THR M 176 58.58 -12.22 61.11
CA GLY M 177 60.83 -15.06 62.17
CA TYR M 178 58.95 -17.72 60.21
CA GLY M 179 60.02 -16.72 56.71
CA THR M 180 57.52 -16.05 53.93
CA VAL M 181 54.19 -17.51 52.90
CA THR M 182 52.78 -17.39 49.40
CA MET M 183 49.09 -16.93 48.70
CA GLU M 184 47.13 -18.37 45.79
CA CYS M 185 43.48 -17.41 45.50
CA SER M 186 40.63 -17.56 43.00
CA PRO M 187 39.23 -14.07 43.56
CA ARG M 188 37.46 -14.24 40.20
CA THR M 189 35.85 -17.46 41.40
CA GLY M 190 35.18 -15.99 44.84
CA LEU M 191 31.63 -14.64 44.77
CA ASP M 192 30.41 -14.97 41.15
CA PHE M 193 30.00 -11.37 40.18
CA ASN M 194 28.59 -10.03 36.92
CA GLU M 195 25.34 -11.32 38.37
CA MET M 196 25.21 -9.58 41.78
CA VAL M 197 23.60 -6.23 42.46
CA LEU M 198 24.78 -3.91 45.21
CA LEU M 199 21.45 -2.95 46.68
CA GLN M 200 21.62 0.43 48.36
CA MET M 201 18.62 1.90 50.13
CA GLU M 202 18.77 5.23 51.93
CA ASN M 203 21.45 4.18 54.43
CA LYS M 204 21.53 0.38 54.56
CA ALA M 205 22.53 -1.88 51.71
CA TRP M 206 22.18 -5.49 50.63
CA LEU M 207 23.87 -7.83 48.20
CA VAL M 208 21.24 -9.00 45.75
CA HIS M 209 21.63 -10.52 42.31
CA ARG M 210 20.88 -8.86 39.01
CA GLN M 211 17.81 -10.83 38.14
CA TRP M 212 16.00 -10.18 41.37
CA PHE M 213 17.01 -6.54 41.12
CA LEU M 214 15.74 -6.22 37.55
CA ASP M 215 12.31 -7.75 38.05
CA LEU M 216 11.06 -5.22 40.44
CA PRO M 217 7.54 -3.79 40.44
CA LEU M 218 8.68 -0.34 41.43
CA PRO M 219 8.98 2.76 39.22
CA TRP M 220 12.57 2.64 38.07
CA LEU M 221 14.99 4.65 36.01
CA PRO M 222 18.26 3.96 34.14
CA GLY M 223 21.39 3.90 36.22
CA ALA M 224 23.00 6.15 33.62
CA ASP M 225 20.37 8.90 33.75
CA THR M 226 20.50 12.41 35.13
CA GLN M 227 17.50 14.71 35.67
CA GLY M 228 15.49 11.73 36.78
CA SER M 229 12.11 13.17 35.88
CA ASN M 230 11.50 10.67 33.05
CA TRP M 231 10.48 7.79 35.30
CA ILE M 232 9.36 4.50 33.85
CA GLN M 233 7.22 2.20 35.97
CA LYS M 234 5.38 5.12 37.56
CA GLU M 235 1.96 3.48 37.17
CA THR M 236 2.97 0.97 39.87
CA LEU M 237 3.24 3.69 42.51
CA VAL M 238 -0.10 5.49 41.98
CA THR M 239 -3.67 4.35 41.46
CA PHE M 240 -6.97 5.51 40.03
CA LYS M 241 -10.46 5.81 41.53
CA ASN M 242 -13.87 5.81 39.88
CA PRO M 243 -16.22 5.21 42.82
CA HIS M 244 -19.42 4.35 40.99
CA ALA M 245 -19.45 5.94 37.55
CA LYS M 246 -18.22 9.49 38.14
CA LYS M 247 -14.89 11.19 37.56
CA GLN M 248 -11.61 9.43 38.26
CA ASP M 249 -8.94 10.45 40.76
CA VAL M 250 -5.31 9.63 41.52
CA VAL M 251 -3.27 9.20 44.70
CA VAL M 252 0.23 8.05 45.55
CA LEU M 253 0.40 4.47 46.81
CA GLY M 254 2.47 5.25 49.93
CA SER M 255 5.81 4.17 51.36
CA GLN M 256 7.33 0.74 50.71
CA GLU M 257 10.78 0.96 52.29
CA GLY M 258 9.55 -1.44 54.92
CA ALA M 259 7.77 -3.40 52.22
CA MET M 260 10.96 -3.73 50.19
CA HIS M 261 12.65 -4.83 53.39
CA THR M 262 10.06 -7.59 53.30
CA ALA M 263 11.37 -8.20 49.81
CA LEU M 264 14.86 -8.53 51.26
CA THR M 265 14.10 -11.77 53.11
CA GLY M 266 17.23 -13.83 52.57
CA ALA M 267 19.32 -11.01 51.19
CA THR M 268 22.65 -10.27 52.83
CA GLU M 269 22.84 -6.75 54.18
CA ILE M 270 26.09 -5.03 53.29
CA GLN M 271 27.93 -1.81 54.14
CA MET M 272 27.58 0.58 51.20
CA SER M 273 28.18 3.64 53.34
CA SER M 274 31.92 4.35 53.57
CA GLY M 275 33.14 2.51 50.51
CA ASN M 276 32.05 -0.91 49.29
CA LEU M 277 32.49 -2.99 52.44
CA LEU M 278 31.67 -6.69 52.32
CA PHE M 279 31.85 -9.11 55.25
CA THR M 280 30.31 -12.24 53.78
CA GLY M 281 31.25 -14.90 51.28
CA HIS M 282 34.35 -16.95 50.74
CA LEU M 283 37.58 -17.09 48.79
CA LYS M 284 39.72 -19.98 47.59
CA CYS M 285 43.21 -20.34 49.03
CA ARG M 286 46.45 -22.04 48.16
CA LEU M 287 49.31 -21.48 50.57
CA ARG M 288 52.81 -22.67 49.76
CA MET M 289 54.93 -23.31 52.83
CA ASP M 290 58.26 -23.79 51.06
CA LYS M 291 59.76 -20.61 52.57
CA LEU M 292 58.67 -21.02 56.17
CA GLN M 293 61.13 -20.93 59.03
CA LEU M 294 60.34 -22.90 62.17
CA LYS M 295 61.00 -19.74 64.24
CA GLY M 296 62.66 -21.35 67.19
CA MET M 297 64.54 -24.21 65.60
CA SER M 298 68.10 -25.05 66.73
CA TYR M 299 67.23 -23.50 70.09
CA SER M 300 68.30 -25.61 73.04
CA MET M 301 65.65 -27.22 75.17
CA CYS M 302 64.54 -25.31 78.23
CA THR M 303 65.96 -26.23 81.62
CA GLY M 304 62.73 -26.77 83.57
CA LYS M 305 60.86 -24.98 86.35
CA PHE M 306 58.15 -23.16 84.47
CA LYS M 307 55.03 -21.89 86.20
CA VAL M 308 51.37 -21.50 85.25
CA VAL M 309 50.30 -17.88 84.98
CA LYS M 310 46.96 -18.46 83.27
CA GLU M 311 44.96 -21.61 83.81
CA ILE M 312 44.23 -24.31 81.25
CA ALA M 313 41.06 -23.41 79.35
CA GLU M 314 39.32 -25.94 77.15
CA THR M 315 37.94 -24.44 73.96
CA GLN M 316 35.21 -25.32 71.54
CA HIS M 317 36.45 -28.06 69.20
CA GLY M 318 37.94 -29.72 72.30
CA THR M 319 41.26 -27.85 72.09
CA ILE M 320 42.79 -27.12 75.48
CA VAL M 321 44.97 -24.04 75.97
CA ILE M 322 46.99 -22.63 78.85
CA ARG M 323 49.24 -19.62 79.44
CA VAL M 324 52.22 -20.31 81.67
CA GLN M 325 55.57 -18.64 82.23
CA TYR M 326 59.17 -19.81 82.57
CA GLU M 327 61.19 -18.96 85.66
CA GLY M 328 64.90 -19.42 85.10
CA ASP M 329 67.70 -18.98 82.60
CA GLY M 330 68.61 -19.88 79.05
CA SER M 331 65.43 -18.12 78.00
CA PRO M 332 66.21 -18.48 74.28
CA CYS M 333 65.16 -22.12 74.20
CA LYS M 334 62.40 -24.56 73.35
CA ILE M 335 60.01 -26.00 75.97
CA PRO M 336 59.49 -29.50 77.44
CA PHE M 337 55.80 -29.78 76.49
CA GLU M 338 53.97 -33.08 76.10
CA ILE M 339 50.58 -34.78 76.49
CA MET M 340 51.26 -38.06 78.26
CA ASP M 341 49.04 -41.03 78.97
CA LEU M 342 48.28 -42.15 82.49
CA GLU M 343 51.06 -44.19 84.14
CA LYS M 344 53.28 -42.19 81.75
CA ARG M 345 53.83 -44.55 78.83
CA HIS M 346 53.14 -42.75 75.55
CA VAL M 347 52.65 -39.17 74.44
CA LEU M 348 49.02 -38.75 73.46
CA GLY M 349 46.85 -36.14 71.79
CA ARG M 350 48.55 -33.56 69.64
CA LEU M 351 50.04 -30.08 70.00
CA ILE M 352 48.58 -26.99 68.35
CA THR M 353 51.35 -24.57 69.41
CA VAL M 354 54.09 -26.50 67.59
CA ASN M 355 57.69 -25.75 68.65
CA PRO M 356 57.10 -24.74 72.27
CA ILE M 357 59.69 -22.06 72.84
CA VAL M 358 60.64 -19.83 75.75
CA THR M 359 60.54 -16.43 74.07
CA GLU M 360 63.94 -15.32 75.33
CA LYS M 361 62.29 -13.75 78.37
CA ASP M 362 60.42 -14.78 81.49
CA SER M 363 57.11 -13.93 79.90
CA PRO M 364 53.73 -15.68 79.73
CA VAL M 365 53.22 -17.84 76.67
CA ASN M 366 50.09 -19.39 75.22
CA ILE M 367 50.21 -23.08 74.35
CA GLU M 368 47.37 -24.93 72.61
CA ALA M 369 47.06 -28.67 72.14
CA GLU M 370 44.46 -31.37 71.68
CA PRO M 371 44.28 -34.19 74.23
CA PRO M 372 42.97 -37.68 73.62
CA PHE M 373 39.33 -37.88 74.52
CA GLY M 374 39.86 -39.03 78.09
CA ASP M 375 42.26 -38.48 80.97
CA SER M 376 45.84 -37.49 80.23
CA TYR M 377 49.05 -36.37 81.90
CA ILE M 378 50.51 -33.07 80.72
CA ILE M 379 54.12 -32.39 81.69
CA ILE M 380 55.82 -29.04 81.24
CA GLY M 381 59.47 -29.36 82.15
CA VAL M 382 62.55 -31.35 82.93
CA GLU M 383 62.22 -33.70 85.89
CA PRO M 384 63.53 -31.28 88.55
CA GLY M 385 60.44 -29.14 88.99
CA GLN M 386 58.35 -30.73 86.25
CA LEU M 387 54.70 -29.78 85.89
CA LYS M 388 52.57 -32.89 85.47
CA LEU M 389 48.95 -32.05 84.71
CA ASN M 390 46.07 -34.49 84.66
CA TRP M 391 43.37 -33.43 82.25
CA PHE M 392 40.18 -35.17 81.24
CA LYS M 393 38.64 -34.80 77.80
CA LYS M 394 34.98 -35.48 77.24
CA GLY M 395 33.20 -37.82 74.85
CA SER M 396 34.93 -37.62 71.48
CA SER M 397 35.29 -41.42 71.27
CA ILE M 398 33.10 -42.04 68.23
CA GLY M 399 30.75 -39.08 68.48
CA GLN M 400 33.90 -37.17 67.53
CA MET M 401 33.26 -38.19 63.93
CA ILE M 402 29.50 -37.81 63.56
CA GLU M 403 29.90 -34.03 63.36
CA THR M 404 33.18 -34.65 61.53
CA THR M 405 30.99 -36.16 58.86
CA MET M 406 28.14 -33.68 58.87
CA ARG M 407 30.09 -30.43 59.01
CA GLY M 408 31.48 -31.59 55.69
CA ALA M 409 27.88 -32.24 54.71
CA LYS M 410 26.94 -28.64 55.49
CA ARG M 411 30.28 -27.76 53.94
CA MET M 412 29.11 -29.87 50.99
CA ALA M 413 25.91 -27.82 51.34
CA ILE M 414 26.97 -24.27 52.18
CA LEU M 415 29.57 -24.64 49.49
CA GLY M 416 28.78 -26.38 46.25
CA ASP M 417 31.42 -28.69 44.87
CA THR M 418 33.80 -25.99 46.10
CA ALA M 419 33.58 -27.74 49.45
CA TRP M 420 35.85 -30.32 47.79
CA ASP M 421 38.65 -27.77 48.03
CA PHE M 422 40.13 -28.31 51.47
CA GLY M 423 42.21 -31.30 50.41
CA SER M 424 45.64 -30.98 48.86
CA LEU M 425 44.80 -32.79 45.63
CA GLY M 426 42.91 -35.87 46.55
CA GLY M 427 42.68 -35.81 42.77
CA VAL M 428 41.83 -39.32 41.65
CA PHE M 429 39.71 -39.35 44.80
CA THR M 430 38.75 -35.66 45.04
CA SER M 431 39.06 -33.99 41.64
CA ILE M 432 36.47 -36.52 40.47
CA GLY M 433 34.43 -35.75 43.57
CA LYS M 434 34.25 -32.03 42.88
CA ALA M 435 33.42 -32.75 39.25
CA LEU M 436 30.60 -35.13 40.14
CA HIS M 437 29.30 -32.74 42.78
CA GLN M 438 29.11 -29.77 40.41
CA VAL M 439 27.24 -31.66 37.70
CA PHE M 440 24.95 -32.85 40.47
CA GLY M 441 24.92 -29.28 41.73
CA ALA M 442 24.20 -28.21 38.17
CA ILE M 443 20.99 -30.23 37.89
CA TYR M 444 20.41 -29.69 41.60
CA GLY M 445 21.00 -25.97 41.09
CA ALA M 446 18.92 -25.94 37.92
CA ALA M 447 16.28 -27.44 40.15
CA PHE M 448 15.11 -26.02 43.43
CA SER M 449 16.05 -22.42 42.57
CA GLY M 450 13.11 -20.66 44.18
CA VAL M 451 11.82 -23.03 46.86
CA SER M 452 11.62 -22.05 50.53
CA TRP M 453 12.61 -23.59 53.86
CA ILE M 454 9.27 -25.35 53.71
CA MET M 455 8.50 -26.30 50.14
CA LYS M 456 11.58 -28.34 49.26
CA ILE M 457 11.12 -30.23 52.50
CA LEU M 458 7.58 -31.07 51.39
CA ILE M 459 8.84 -32.24 48.03
CA GLY M 460 11.80 -33.84 49.78
CA VAL M 461 9.57 -36.47 51.35
CA ILE M 462 7.24 -37.16 48.44
CA ILE M 463 10.17 -38.26 46.29
CA THR M 464 11.20 -40.38 49.27
CA TRP M 465 7.65 -41.72 49.40
CA ILE M 466 7.85 -42.62 45.72
CA GLY M 467 11.20 -44.27 46.36
CA MET M 468 9.76 -46.46 49.10
CA ASN M 469 6.87 -47.18 46.71
CA SER M 470 9.29 -47.86 43.85
CA ARG M 471 10.52 -51.03 42.17
CA SER M 472 13.29 -52.43 39.96
CA THR M 473 15.88 -51.72 42.69
CA SER M 474 15.40 -48.08 41.70
CA LEU M 475 13.85 -47.55 45.13
CA SER M 476 17.17 -46.47 46.61
CA VAL M 477 18.29 -44.02 43.92
CA SER M 478 14.76 -42.57 43.97
CA LEU M 479 15.37 -41.30 47.50
CA VAL M 480 18.92 -41.98 48.66
CA LEU M 481 20.58 -39.16 46.73
CA VAL M 482 17.50 -36.91 46.63
CA GLY M 483 14.91 -37.81 49.26
CA VAL M 484 17.07 -37.50 52.36
CA VAL M 485 19.55 -34.98 50.99
CA THR M 486 16.83 -32.47 50.13
CA LEU M 487 15.37 -32.91 53.60
CA TYR M 488 18.82 -32.52 55.11
CA LEU M 489 19.29 -29.42 52.97
CA GLY M 490 15.81 -28.16 53.84
CA VAL M 491 17.02 -27.96 57.42
CA MET M 492 20.45 -26.44 56.80
CA VAL M 493 18.87 -23.83 54.52
CA GLN M 494 18.41 -20.06 55.05
CA ALA M 495 21.54 -19.32 57.05
CA SER N 1 3.84 -6.14 45.62
CA VAL N 2 7.49 -5.72 46.50
CA ALA N 3 6.65 -7.60 49.69
CA LEU N 4 6.17 -10.66 47.46
CA VAL N 5 9.00 -12.23 45.41
CA PRO N 6 10.77 -12.15 48.76
CA HIS N 7 14.21 -13.16 47.42
CA VAL N 8 14.31 -16.67 48.83
CA GLY N 9 15.54 -19.51 46.63
CA MET N 10 18.46 -18.51 44.43
CA GLY N 11 21.50 -19.92 46.06
CA LEU N 12 23.84 -17.06 46.96
CA GLU N 13 23.57 -18.04 50.62
CA THR N 14 26.71 -17.95 52.75
CA ARG N 15 27.08 -19.12 56.33
CA THR N 16 26.80 -15.43 57.21
CA GLU N 17 23.31 -14.57 58.45
CA THR N 18 20.89 -13.25 55.83
CA TRP N 19 18.53 -10.31 56.13
CA MET N 20 15.61 -11.51 58.25
CA SER N 21 16.40 -15.19 58.55
CA SER N 22 15.29 -17.01 61.74
CA GLU N 23 11.91 -15.28 61.61
CA GLY N 24 11.13 -15.43 57.93
CA ALA N 25 11.81 -19.13 58.37
CA TRP N 26 8.39 -19.54 59.99
CA LYS N 27 6.03 -16.64 59.27
CA HIS N 28 4.95 -18.32 56.04
CA ALA N 29 3.65 -21.04 58.35
CA GLN N 30 2.18 -18.94 61.17
CA ARG N 31 0.44 -16.99 58.41
CA ILE N 32 -1.51 -19.97 57.14
CA GLU N 33 -2.26 -21.61 60.48
CA THR N 34 -3.90 -18.51 61.89
CA TRP N 35 -5.70 -18.16 58.57
CA ILE N 36 -7.47 -21.52 58.90
CA LEU N 37 -8.16 -20.49 62.48
CA ARG N 38 -10.02 -17.62 60.85
CA HIS N 39 -11.16 -19.79 57.92
CA PRO N 40 -12.07 -23.24 59.24
CA GLY N 41 -14.90 -23.65 56.72
CA PHE N 42 -12.42 -24.52 54.01
CA THR N 43 -10.71 -27.15 56.15
CA ILE N 44 -13.81 -29.32 56.05
CA MET N 45 -14.70 -28.18 52.54
CA ALA N 46 -11.19 -28.86 51.33
CA ALA N 47 -11.04 -32.12 53.29
CA ILE N 48 -14.28 -33.53 51.91
CA LEU N 49 -13.09 -32.54 48.46
CA ALA N 50 -9.63 -33.78 49.37
CA TYR N 51 -11.00 -37.17 50.40
CA THR N 52 -13.58 -37.27 47.61
CA ILE N 53 -10.86 -37.21 44.96
CA GLY N 54 -7.42 -38.79 45.10
CA THR N 55 -8.09 -42.46 45.60
CA THR N 56 -5.39 -43.18 48.15
CA HIS N 57 -5.01 -42.50 51.82
CA PHE N 58 -1.81 -40.82 50.64
CA GLN N 59 -2.62 -38.42 47.80
CA ARG N 60 -5.76 -37.33 49.65
CA ALA N 61 -3.52 -36.16 52.46
CA LEU N 62 -1.09 -34.79 49.88
CA ILE N 63 -3.63 -32.57 48.16
CA PHE N 64 -5.34 -31.52 51.39
CA ILE N 65 -2.30 -29.90 53.00
CA LEU N 66 -1.48 -27.91 49.87
CA LEU N 67 -5.12 -27.01 49.23
CA THR N 68 -4.99 -25.27 52.58
CA ALA N 69 -1.58 -23.84 51.65
CA VAL N 70 -2.62 -22.17 48.40
CA ALA N 71 -5.18 -20.06 50.24
CA PRO N 72 -3.17 -17.22 51.85
CA MET O 1 -35.43 12.62 36.86
CA ARG O 2 -32.44 12.86 39.19
CA CYS O 3 -32.53 9.28 37.97
CA ILE O 4 -31.88 9.61 34.23
CA GLY O 5 -28.58 8.26 33.00
CA ILE O 6 -26.93 6.57 35.96
CA SER O 7 -26.41 3.14 34.35
CA ASN O 8 -27.87 1.41 37.44
CA ARG O 9 -31.53 2.26 37.89
CA ASP O 10 -33.67 -0.85 38.57
CA PHE O 11 -37.11 0.50 37.72
CA VAL O 12 -39.92 -0.48 40.09
CA GLU O 13 -43.55 -1.25 39.26
CA GLY O 14 -46.77 -2.05 41.09
CA VAL O 15 -47.73 -1.99 44.74
CA SER O 16 -48.02 -4.69 47.42
CA GLY O 17 -51.73 -4.76 48.17
CA GLY O 18 -51.91 -2.05 50.77
CA SER O 19 -50.46 1.03 49.11
CA TRP O 20 -46.92 0.20 50.18
CA VAL O 21 -43.84 -1.33 48.59
CA ASP O 22 -40.58 -2.52 50.15
CA ILE O 23 -37.28 -1.90 48.38
CA VAL O 24 -33.56 -2.06 49.14
CA LEU O 25 -31.56 0.98 48.11
CA GLU O 26 -27.83 1.74 48.07
CA HIS O 27 -25.45 4.63 47.44
CA GLY O 28 -24.46 4.12 43.81
CA SER O 29 -27.81 3.49 42.18
CA CYS O 30 -31.00 5.51 41.98
CA VAL O 31 -34.37 3.80 41.86
CA THR O 32 -37.24 4.81 39.59
CA THR O 33 -40.60 3.92 41.07
CA MET O 34 -43.88 3.32 39.23
CA ALA O 35 -47.37 2.50 40.47
CA LYS O 36 -50.71 1.93 38.77
CA ASN O 37 -52.33 5.25 39.76
CA LYS O 38 -49.66 7.33 41.49
CA PRO O 39 -46.88 9.67 40.37
CA THR O 40 -43.55 8.12 39.51
CA LEU O 41 -40.73 8.86 41.94
CA ASP O 42 -36.94 8.76 41.94
CA PHE O 43 -34.84 7.90 45.00
CA GLU O 44 -31.17 7.52 45.79
CA LEU O 45 -28.88 7.49 48.79
CA ILE O 46 -26.37 10.34 48.73
CA GLU O 47 -24.78 10.43 52.19
CA THR O 48 -24.20 8.00 55.04
CA GLU O 49 -22.51 9.33 58.18
CA ALA O 50 -21.59 8.01 61.60
CA LYS O 51 -21.93 10.84 64.07
CA GLN O 52 -19.42 10.13 66.81
CA PRO O 53 -16.54 7.72 66.17
CA ALA O 54 -14.50 6.09 68.91
CA THR O 55 -10.92 5.07 68.24
CA LEU O 56 -10.41 1.41 69.10
CA ARG O 57 -6.71 0.74 68.61
CA LYS O 58 -3.75 2.80 67.43
CA TYR O 59 -1.19 1.11 65.21
CA CYS O 60 2.10 2.76 64.35
CA ILE O 61 2.95 2.95 60.66
CA GLU O 62 6.61 3.52 61.47
CA ALA O 63 8.87 4.05 64.46
CA LYS O 64 12.47 4.64 65.55
CA LEU O 65 15.09 3.12 67.82
CA THR O 66 17.18 5.13 70.29
CA ASN O 67 19.04 4.51 73.54
CA THR O 68 20.25 1.20 72.15
CA THR O 69 21.99 -0.71 74.95
CA THR O 70 23.62 -4.12 75.17
CA ASP O 71 24.77 -6.54 77.86
CA SER O 72 26.46 -9.94 77.74
CA ARG O 73 27.74 -12.54 80.20
CA CYS O 74 30.28 -15.34 80.45
CA PRO O 75 29.54 -18.71 78.79
CA THR O 76 28.56 -20.49 82.01
CA GLN O 77 27.76 -17.37 84.03
CA GLY O 78 24.02 -16.93 83.85
CA GLU O 79 22.14 -14.77 81.39
CA PRO O 80 22.49 -11.01 80.80
CA SER O 81 19.91 -8.84 82.48
CA LEU O 82 19.12 -5.14 82.90
CA ASN O 83 16.08 -3.19 84.04
CA GLU O 84 15.61 -1.99 80.48
CA GLU O 85 13.71 -5.27 80.15
CA GLN O 86 11.51 -4.05 83.01
CA ASP O 87 10.94 -1.01 80.80
CA LYS O 88 8.03 -1.66 78.41
CA ARG O 89 9.01 1.32 76.26
CA PHE O 90 12.24 -0.56 75.62
CA VAL O 91 12.45 -3.43 73.19
CA CYS O 92 14.52 -6.34 74.43
CA LYS O 93 15.72 -9.83 73.55
CA HIS O 94 18.49 -12.30 74.37
CA SER O 95 21.27 -13.62 72.16
CA MET O 96 24.41 -15.76 72.39
CA VAL O 97 27.98 -14.87 71.42
CA ASP O 98 31.41 -16.51 71.71
CA ARG O 99 33.32 -15.73 74.91
CA GLY O 100 36.91 -16.31 75.88
CA TRP O 101 40.25 -14.73 76.64
CA GLY O 102 40.00 -12.98 73.29
CA ASN O 103 36.76 -11.67 74.76
CA GLY O 104 38.61 -11.17 78.04
CA CYS O 105 36.02 -13.60 79.34
CA GLY O 106 37.64 -17.01 79.74
CA LEU O 107 35.98 -20.41 79.43
CA PHE O 108 36.26 -20.11 75.61
CA GLY O 109 32.56 -20.72 75.21
CA LYS O 110 29.42 -18.79 74.31
CA GLY O 111 27.92 -16.33 76.77
CA GLY O 112 24.47 -14.86 76.42
CA ILE O 113 23.84 -11.28 75.35
CA VAL O 114 20.91 -8.88 75.17
CA THR O 115 20.02 -5.66 73.34
CA CYS O 116 17.68 -2.89 74.47
CA ALA O 117 16.37 0.27 72.77
CA MET O 118 13.73 2.96 72.79
CA PHE O 119 10.96 2.02 70.47
CA THR O 120 9.39 5.31 69.42
CA CYS O 121 6.62 5.62 66.85
CA LYS O 122 6.71 8.37 64.27
CA LYS O 123 3.77 7.44 62.03
CA ASN O 124 0.45 6.07 63.23
CA MET O 125 -2.92 4.72 62.15
CA LYS O 126 -6.14 4.68 64.18
CA GLY O 127 -8.93 2.15 64.00
CA LYS O 128 -12.06 4.01 65.01
CA VAL O 129 -15.57 2.68 65.47
CA VAL O 130 -19.22 3.51 66.04
CA GLN O 131 -22.13 1.40 67.14
CA PRO O 132 -25.23 1.09 64.93
CA GLU O 133 -26.54 4.13 66.80
CA ASN O 134 -25.45 7.61 65.66
CA LEU O 135 -25.51 6.33 62.09
CA GLU O 136 -27.31 8.82 59.84
CA TYR O 137 -28.54 8.35 56.30
CA THR O 138 -29.39 10.92 53.64
CA ILE O 139 -31.87 10.15 50.87
CA VAL O 140 -33.10 12.47 48.15
CA ILE O 141 -36.66 12.08 46.89
CA THR O 142 -37.38 13.22 43.34
CA PRO O 143 -40.84 13.31 41.77
CA HIS O 144 -41.40 12.93 38.06
CA SER O 145 -42.82 16.42 38.03
CA GLY O 146 -42.12 17.21 34.40
CA GLU O 147 -40.04 20.23 35.24
CA GLU O 148 -37.14 22.21 33.86
CA HIS O 149 -33.68 21.10 34.99
CA ALA O 150 -34.67 17.98 36.92
CA VAL O 151 -33.57 14.95 34.86
CA GLY O 152 -30.22 14.64 36.59
CA ASN O 153 -29.78 17.84 38.60
CA ASP O 154 -28.23 16.71 41.93
CA THR O 155 -28.85 20.06 43.62
CA GLY O 156 -31.68 22.54 43.95
CA LYS O 157 -35.19 22.41 45.35
CA HIS O 158 -36.69 20.14 42.70
CA GLY O 159 -36.37 17.15 45.05
CA LYS O 160 -36.66 16.35 48.73
CA GLU O 161 -34.04 15.05 51.15
CA ILE O 162 -34.77 12.44 53.82
CA LYS O 163 -32.55 11.51 56.78
CA ILE O 164 -32.59 8.10 58.46
CA THR O 165 -31.38 7.09 61.92
CA PRO O 166 -31.58 3.66 63.63
CA GLN O 167 -33.92 4.93 66.34
CA SER O 168 -36.28 6.42 63.76
CA SER O 169 -36.44 5.09 60.21
CA ILE O 170 -39.98 6.21 59.45
CA THR O 171 -39.75 9.99 58.98
CA GLU O 172 -43.05 10.89 57.30
CA ALA O 173 -42.07 12.65 54.07
CA GLU O 174 -44.11 15.50 52.62
CA LEU O 175 -43.38 16.79 49.12
CA THR O 176 -44.77 19.68 47.09
CA GLY O 177 -48.06 18.60 45.58
CA TYR O 178 -48.80 14.93 44.95
CA GLY O 179 -49.64 14.62 48.62
CA THR O 180 -46.96 13.04 50.80
CA VAL O 181 -45.25 9.72 51.40
CA THR O 182 -44.22 7.78 54.48
CA MET O 183 -41.04 5.78 54.77
CA GLU O 184 -40.08 2.52 56.48
CA CYS O 185 -36.36 1.85 56.38
CA SER O 186 -34.44 -0.78 58.36
CA PRO O 187 -31.06 0.82 59.07
CA ARG O 188 -30.00 -1.67 61.73
CA THR O 189 -30.11 -4.68 59.40
CA GLY O 190 -28.03 -2.84 56.81
CA LEU O 191 -24.24 -2.75 56.74
CA ASP O 192 -24.26 -4.25 60.23
CA PHE O 193 -21.46 -2.55 62.13
CA ASN O 194 -19.80 -3.54 65.40
CA GLU O 195 -17.63 -5.67 63.10
CA MET O 196 -16.71 -2.79 60.78
CA VAL O 197 -13.62 -0.68 61.45
CA LEU O 198 -13.21 3.03 60.82
CA LEU O 199 -9.59 2.82 59.77
CA GLN O 200 -7.90 6.18 59.41
CA MET O 201 -4.75 6.91 57.43
CA GLU O 202 -3.27 10.43 57.61
CA ASN O 203 -5.69 11.66 54.94
CA LYS O 204 -7.47 8.46 53.97
CA ALA O 205 -9.85 5.93 55.44
CA TRP O 206 -11.31 2.54 54.67
CA LEU O 207 -13.90 0.12 56.02
CA VAL O 208 -12.40 -3.19 57.10
CA HIS O 209 -13.60 -6.04 59.25
CA ARG O 210 -13.23 -5.89 63.02
CA GLN O 211 -11.08 -8.99 63.39
CA TRP O 212 -9.12 -8.21 60.24
CA PHE O 213 -8.14 -4.96 61.89
CA LEU O 214 -7.35 -6.63 65.21
CA ASP O 215 -4.84 -9.18 63.90
CA LEU O 216 -2.57 -6.97 61.91
CA PRO O 217 1.11 -7.57 62.73
CA LEU O 218 2.23 -4.09 63.67
CA PRO O 219 3.06 -2.41 67.00
CA TRP O 220 -0.37 -1.26 68.12
CA LEU O 221 -1.80 0.67 71.03
CA PRO O 222 -5.34 0.81 72.44
CA GLY O 223 -7.49 3.64 71.17
CA ALA O 224 -7.93 4.64 74.81
CA ASP O 225 -4.31 5.58 75.47
CA THR O 226 -2.33 8.64 76.49
CA GLN O 227 1.35 7.91 75.81
CA GLY O 228 2.93 5.40 73.46
CA SER O 229 5.17 4.06 76.20
CA ASN O 230 3.56 0.61 75.85
CA TRP O 231 3.44 -0.19 72.17
CA ILE O 232 2.51 -3.83 72.41
CA GLN O 233 3.96 -5.74 69.45
CA LYS O 234 6.94 -3.49 68.87
CA GLU O 235 8.91 -6.45 67.47
CA THR O 236 6.56 -6.47 64.48
CA LEU O 237 8.40 -3.43 63.12
CA VAL O 238 12.07 -4.04 64.06
CA THR O 239 14.58 -6.83 63.53
CA PHE O 240 17.63 -8.05 65.42
CA LYS O 241 20.93 -8.79 63.68
CA ASN O 242 23.74 -11.06 64.85
CA PRO O 243 25.71 -12.28 61.86
CA HIS O 244 28.61 -14.60 62.66
CA ALA O 245 27.47 -14.85 66.33
CA LYS O 246 29.55 -11.75 66.99
CA LYS O 247 28.00 -8.66 68.57
CA GLN O 248 24.29 -8.61 67.78
CA ASP O 249 22.20 -5.66 66.68
CA VAL O 250 18.68 -4.44 65.98
CA VAL O 251 17.17 -1.85 63.62
CA VAL O 252 13.84 -0.39 62.57
CA LEU O 253 12.21 -2.02 59.55
CA GLY O 254 11.00 1.17 57.86
CA SER O 255 7.53 2.50 57.25
CA GLN O 256 4.77 0.21 55.97
CA GLU O 257 2.57 2.88 54.42
CA GLY O 258 2.36 1.31 50.98
CA ALA O 259 2.73 -2.13 52.51
CA MET O 260 -0.34 -1.61 54.66
CA HIS O 261 -1.92 0.08 51.64
CA THR O 262 -1.41 -3.21 49.84
CA ALA O 263 -2.90 -4.95 52.85
CA LEU O 264 -6.09 -2.91 52.78
CA THR O 265 -7.02 -4.45 49.45
CA GLY O 266 -10.64 -5.50 49.20
CA ALA O 267 -11.62 -2.71 51.57
CA THR O 268 -13.49 0.20 50.04
CA GLU O 269 -12.29 3.79 50.10
CA ILE O 270 -14.19 5.87 52.63
CA GLN O 271 -13.59 9.43 53.79
CA MET O 272 -13.78 10.85 57.28
CA SER O 273 -11.19 13.64 57.08
CA SER O 274 -14.28 15.87 57.20
CA GLY O 275 -17.11 14.25 59.14
CA ASN O 276 -17.72 10.56 58.60
CA LEU O 277 -19.10 10.62 55.06
CA LEU O 278 -19.87 7.25 53.52
CA PHE O 279 -20.79 6.64 49.90
CA THR O 280 -20.98 2.86 49.85
CA GLY O 281 -23.42 0.28 51.14
CA HIS O 282 -27.15 -0.29 50.95
CA LEU O 283 -30.35 -0.06 52.95
CA LYS O 284 -33.64 -1.91 52.86
CA CYS O 285 -36.41 0.63 52.48
CA ARG O 286 -40.16 0.10 52.68
CA LEU O 287 -42.24 2.74 50.94
CA ARG O 288 -45.75 3.40 52.15
CA MET O 289 -47.30 5.61 49.48
CA ASP O 290 -50.83 6.41 50.62
CA LYS O 291 -51.10 10.19 50.65
CA LEU O 292 -49.54 10.09 47.19
CA GLN O 293 -51.59 11.99 44.66
CA LEU O 294 -51.09 12.68 40.96
CA LYS O 295 -51.24 16.49 41.12
CA GLY O 296 -52.58 16.81 37.62
CA MET O 297 -55.85 14.96 37.65
CA SER O 298 -58.82 17.10 36.59
CA TYR O 299 -57.12 19.25 33.96
CA SER O 300 -58.04 19.66 30.33
CA MET O 301 -56.07 18.12 27.54
CA CYS O 302 -53.86 20.75 25.94
CA THR O 303 -55.19 22.90 23.12
CA GLY O 304 -52.43 22.02 20.67
CA LYS O 305 -49.35 23.55 19.04
CA PHE O 306 -46.47 22.19 21.01
CA LYS O 307 -42.85 22.58 19.96
CA VAL O 308 -39.71 20.63 20.80
CA VAL O 309 -36.82 22.23 22.67
CA LYS O 310 -34.63 19.14 23.08
CA GLU O 311 -34.53 15.96 21.02
CA ILE O 312 -35.14 12.27 21.74
CA ALA O 313 -31.69 11.23 23.00
CA GLU O 314 -32.65 7.71 24.01
CA THR O 315 -31.14 7.10 27.40
CA GLN O 316 -29.45 4.12 28.90
CA HIS O 317 -31.99 1.57 30.15
CA GLY O 318 -33.76 1.90 26.80
CA THR O 319 -35.75 4.97 27.79
CA ILE O 320 -36.26 8.20 25.89
CA VAL O 321 -36.62 11.79 27.09
CA ILE O 322 -38.01 14.61 24.97
CA ARG O 323 -38.18 18.22 26.12
CA VAL O 324 -40.79 20.42 24.48
CA GLN O 325 -42.40 23.83 24.67
CA TYR O 326 -46.16 24.30 24.53
CA GLU O 327 -47.75 27.34 22.92
CA GLY O 328 -51.48 27.86 23.16
CA ASP O 329 -54.01 28.53 25.87
CA GLY O 330 -55.10 27.38 29.30
CA SER O 331 -51.60 26.64 30.56
CA PRO O 332 -52.72 24.17 33.28
CA CYS O 333 -53.61 21.36 30.92
CA LYS O 334 -52.72 17.78 30.09
CA ILE O 335 -50.29 17.04 27.27
CA PRO O 336 -51.97 14.80 24.67
CA PHE O 337 -48.84 12.68 24.60
CA GLU O 338 -48.96 9.27 22.93
CA ILE O 339 -46.64 6.56 21.67
CA MET O 340 -48.62 5.25 18.74
CA ASP O 341 -47.81 3.50 15.47
CA LEU O 342 -49.04 3.91 11.90
CA GLU O 343 -52.64 3.40 10.71
CA LYS O 344 -55.21 1.56 12.85
CA ARG O 345 -52.92 3.06 15.42
CA HIS O 346 -52.13 0.83 18.38
CA VAL O 347 -50.86 2.01 21.74
CA LEU O 348 -47.32 0.68 22.07
CA GLY O 349 -44.60 2.15 24.23
CA ARG O 350 -45.57 3.26 27.71
CA LEU O 351 -45.21 6.67 29.36
CA ILE O 352 -42.62 6.78 32.11
CA THR O 353 -43.09 10.29 33.49
CA VAL O 354 -46.78 9.86 34.18
CA ASN O 355 -49.53 12.48 33.96
CA PRO O 356 -47.92 15.17 31.79
CA ILE O 357 -49.56 18.53 32.43
CA VAL O 358 -48.47 21.98 31.30
CA THR O 359 -47.86 24.76 33.82
CA GLU O 360 -46.84 28.36 33.10
CA LYS O 361 -47.13 27.85 29.36
CA ASP O 362 -43.99 29.71 28.33
CA SER O 363 -41.79 27.11 30.02
CA PRO O 364 -40.12 24.07 28.43
CA VAL O 365 -41.16 20.70 29.80
CA ASN O 366 -39.29 17.39 29.68
CA ILE O 367 -41.05 14.01 29.63
CA GLU O 368 -39.80 10.42 29.73
CA ALA O 369 -41.18 7.25 28.22
CA GLU O 370 -40.03 4.04 26.58
CA PRO O 371 -40.63 2.59 23.12
CA PRO O 372 -41.27 -0.97 22.00
CA PHE O 373 -38.15 -2.79 20.81
CA GLY O 374 -38.57 -1.63 17.20
CA ASP O 375 -39.87 1.46 15.49
CA SER O 376 -42.10 3.90 17.33
CA TYR O 377 -44.01 7.15 16.85
CA ILE O 378 -44.43 10.00 19.31
CA ILE O 379 -47.54 12.17 19.13
CA ILE O 380 -48.01 15.46 20.97
CA GLY O 381 -50.30 17.82 19.06
CA VAL O 382 -53.75 16.66 18.14
CA GLU O 383 -55.75 17.94 15.21
CA PRO O 384 -53.54 20.71 13.78
CA GLY O 385 -49.77 20.62 13.93
CA GLN O 386 -50.12 17.20 15.53
CA LEU O 387 -46.56 16.64 16.67
CA LYS O 388 -45.92 13.14 15.35
CA LEU O 389 -42.29 12.06 15.72
CA ASN O 390 -40.78 8.80 14.54
CA TRP O 391 -38.35 6.71 16.56
CA PHE O 392 -36.71 3.28 16.45
CA LYS O 393 -35.44 0.95 19.17
CA LYS O 394 -32.65 -1.59 18.84
CA GLY O 395 -32.83 -5.31 19.52
CA SER O 396 -34.51 -5.46 22.90
CA SER O 397 -36.82 -8.28 21.80
CA ILE O 398 -35.53 -11.27 23.78
CA GLY O 399 -32.23 -9.61 24.55
CA GLN O 400 -34.19 -7.73 27.21
CA MET O 401 -34.71 -10.67 29.53
CA ILE O 402 -31.21 -12.12 29.56
CA GLU O 403 -29.51 -9.08 31.13
CA THR O 404 -32.70 -8.50 33.06
CA THR O 405 -31.72 -11.77 34.66
CA MET O 406 -28.20 -10.47 35.12
CA ARG O 407 -29.37 -7.44 37.08
CA GLY O 408 -31.23 -9.89 39.27
CA ALA O 409 -28.20 -12.14 39.10
CA LYS O 410 -25.82 -9.46 40.34
CA ARG O 411 -28.66 -8.22 42.53
CA MET O 412 -29.00 -11.67 44.08
CA ALA O 413 -25.23 -12.02 43.87
CA ILE O 414 -23.66 -9.46 46.22
CA LEU O 415 -26.95 -8.78 47.89
CA GLY O 416 -27.86 -11.84 49.87
CA ASP O 417 -31.35 -12.82 50.94
CA THR O 418 -31.89 -9.06 51.05
CA ALA O 419 -32.00 -9.15 47.25
CA TRP O 420 -35.35 -10.90 47.69
CA ASP O 421 -36.61 -7.75 49.43
CA PHE O 422 -36.37 -5.93 46.10
CA GLY O 423 -39.98 -6.87 45.34
CA SER O 424 -43.23 -5.76 46.93
CA LEU O 425 -44.14 -8.67 49.23
CA GLY O 426 -44.02 -11.75 47.05
CA GLY O 427 -45.88 -13.28 50.00
CA VAL O 428 -44.96 -16.92 50.27
CA PHE O 429 -42.58 -17.18 47.31
CA THR O 430 -40.33 -14.26 48.19
CA SER O 431 -40.42 -15.20 51.87
CA ILE O 432 -39.55 -18.77 50.94
CA GLY O 433 -36.88 -17.70 48.46
CA LYS O 434 -35.39 -15.25 50.92
CA ALA O 435 -35.28 -17.69 53.85
CA LEU O 436 -33.69 -20.49 51.86
CA HIS O 437 -31.20 -17.98 50.50
CA GLN O 438 -30.52 -17.03 54.11
CA VAL O 439 -29.70 -20.67 54.78
CA PHE O 440 -27.91 -21.05 51.46
CA GLY O 441 -26.11 -17.81 52.18
CA ALA O 442 -25.46 -19.05 55.71
CA ILE O 443 -23.84 -22.25 54.46
CA TYR O 444 -22.19 -20.20 51.74
CA GLY O 445 -21.20 -17.91 54.57
CA ALA O 446 -19.03 -19.16 57.41
CA ALA O 447 -17.36 -20.60 54.34
CA PHE O 448 -15.69 -19.22 51.22
CA SER O 449 -14.21 -16.53 53.48
CA GLY O 450 -10.74 -15.33 52.57
CA VAL O 451 -10.59 -16.66 49.00
CA SER O 452 -9.49 -14.61 46.00
CA TRP O 453 -11.06 -14.06 42.60
CA ILE O 454 -9.19 -17.09 41.33
CA MET O 455 -9.35 -19.70 44.09
CA LYS O 456 -13.12 -19.35 44.02
CA ILE O 457 -13.01 -20.39 40.38
CA LEU O 458 -10.53 -23.16 41.14
CA ILE O 459 -12.80 -24.79 43.71
CA GLY O 460 -15.76 -24.10 41.45
CA VAL O 461 -14.66 -26.44 38.70
CA ILE O 462 -13.44 -29.33 40.83
CA ILE O 463 -16.88 -29.86 42.35
CA THR O 464 -18.19 -29.37 38.83
CA TRP O 465 -15.90 -32.03 37.37
CA ILE O 466 -16.77 -34.48 40.12
CA GLY O 467 -20.38 -33.37 39.87
CA MET O 468 -20.57 -34.47 36.25
CA ASN O 469 -18.92 -37.66 37.52
CA SER O 470 -21.58 -38.10 40.21
CA ARG O 471 -24.40 -40.66 40.22
CA SER O 472 -27.79 -41.34 41.85
CA THR O 473 -28.90 -38.12 40.12
CA SER O 474 -26.67 -36.36 42.60
CA LEU O 475 -24.88 -35.23 39.47
CA SER O 476 -27.84 -32.85 39.29
CA VAL O 477 -26.70 -31.54 42.70
CA SER O 478 -22.95 -30.86 42.71
CA LEU O 479 -23.35 -28.95 39.44
CA VAL O 480 -26.33 -26.62 39.55
CA LEU O 481 -26.33 -25.00 42.97
CA VAL O 482 -22.57 -25.22 43.56
CA GLY O 483 -20.78 -26.36 40.41
CA VAL O 484 -21.51 -23.22 38.43
CA VAL O 485 -22.94 -20.77 40.98
CA THR O 486 -19.51 -20.36 42.53
CA LEU O 487 -18.14 -19.84 39.02
CA TYR O 488 -20.61 -17.04 38.29
CA LEU O 489 -19.96 -15.57 41.72
CA GLY O 490 -16.22 -16.07 41.41
CA VAL O 491 -16.18 -13.97 38.25
CA MET O 492 -18.30 -11.36 40.00
CA VAL O 493 -16.01 -11.19 43.04
CA GLN O 494 -14.00 -7.96 43.52
CA ALA O 495 -16.71 -5.53 42.48
CA SER P 1 4.05 -8.75 56.90
CA VAL P 2 0.99 -6.56 56.98
CA ALA P 3 0.90 -6.34 53.17
CA LEU P 4 -0.20 -9.98 52.91
CA VAL P 5 -3.62 -11.25 54.11
CA PRO P 6 -5.04 -8.56 51.84
CA HIS P 7 -8.62 -8.44 53.21
CA VAL P 8 -10.18 -9.87 50.08
CA GLY P 9 -12.43 -12.88 50.55
CA MET P 10 -14.33 -11.21 53.34
CA GLY P 11 -17.65 -10.10 51.90
CA LEU P 12 -18.04 -6.45 52.90
CA GLU P 13 -18.30 -5.59 49.18
CA THR P 14 -20.76 -3.34 47.35
CA ARG P 15 -21.07 -2.09 43.78
CA THR P 16 -18.40 0.38 44.92
CA GLU P 17 -14.98 -1.01 44.09
CA THR P 18 -12.21 -1.98 46.49
CA TRP P 19 -9.05 0.01 47.07
CA MET P 20 -6.90 -1.48 44.34
CA SER P 21 -9.45 -3.30 42.24
CA SER P 22 -8.76 -4.35 38.63
CA GLU P 23 -5.05 -4.49 39.39
CA GLY P 24 -5.08 -6.69 42.47
CA ALA P 25 -7.36 -9.01 40.49
CA TRP P 26 -4.42 -10.21 38.37
CA LYS P 27 -1.27 -9.60 40.42
CA HIS P 28 -1.15 -13.22 41.55
CA ALA P 29 -1.61 -14.26 37.94
CA GLN P 30 1.23 -12.12 36.59
CA ARG P 31 3.63 -12.71 39.46
CA ILE P 32 3.40 -16.48 39.20
CA GLU P 33 3.74 -16.71 35.43
CA THR P 34 6.72 -14.37 35.51
CA TRP P 35 8.13 -16.57 38.25
CA ILE P 36 7.58 -19.86 36.43
CA LEU P 37 8.99 -18.58 33.15
CA ARG P 38 11.98 -17.48 35.23
CA HIS P 39 11.99 -20.84 37.03
CA PRO P 40 11.62 -23.55 34.38
CA GLY P 41 13.17 -26.30 36.49
CA PHE P 42 10.19 -26.67 38.81
CA THR P 43 7.78 -27.01 35.89
CA ILE P 44 9.36 -30.18 34.53
CA MET P 45 9.87 -31.81 37.91
CA ALA P 46 6.36 -30.83 38.89
CA ALA P 47 5.24 -32.41 35.62
CA ILE P 48 7.02 -35.72 36.20
CA LEU P 49 5.80 -35.74 39.79
CA ALA P 50 2.29 -34.73 38.74
CA TYR P 51 2.39 -37.32 36.00
CA THR P 52 3.82 -39.89 38.42
CA ILE P 53 1.42 -39.26 41.28
CA GLY P 54 -2.27 -39.36 40.50
CA THR P 55 -3.91 -41.75 38.06
CA THR P 56 -6.37 -39.81 35.94
CA HIS P 57 -5.51 -37.13 33.45
CA PHE P 58 -7.85 -35.04 35.58
CA GLN P 59 -6.22 -35.77 38.94
CA ARG P 60 -2.73 -35.48 37.47
CA ALA P 61 -3.70 -32.15 35.89
CA LEU P 62 -4.85 -30.67 39.20
CA ILE P 63 -1.83 -31.81 41.18
CA PHE P 64 0.32 -30.07 38.59
CA ILE P 65 -1.24 -26.63 38.84
CA LEU P 66 -1.47 -26.52 42.63
CA LEU P 67 2.23 -27.34 42.88
CA THR P 68 3.09 -24.19 40.97
CA ALA P 69 0.63 -22.25 43.12
CA VAL P 70 2.38 -22.81 46.45
CA ALA P 71 5.69 -21.66 45.03
CA PRO P 72 5.85 -17.86 45.38
#